data_5EWQ
#
_entry.id   5EWQ
#
_cell.length_a   77.390
_cell.length_b   89.558
_cell.length_c   89.600
_cell.angle_alpha   112.03
_cell.angle_beta   106.64
_cell.angle_gamma   106.55
#
_symmetry.space_group_name_H-M   'P 1'
#
loop_
_entity.id
_entity.type
_entity.pdbx_description
1 polymer Amidase
2 non-polymer 'ACETATE ION'
3 water water
#
_entity_poly.entity_id   1
_entity_poly.type   'polypeptide(L)'
_entity_poly.pdbx_seq_one_letter_code
;SNAYKNYFPKEPERIVYDKERVLQPIHNQLKGINIENVKIKEKEVVNATVDELQK(MSE)IDDGKLSYEELTSIYLFRIQ
EHDQNGITLNSVTEINPNA(MSE)EEARKLDQERSRNKKSNLYGIPVVVKDNVQTAKV(MSE)PTSAGTYVLKDWIADQD
ATIVKQLKEEGAFVLGKAN(MSE)SEWANYLSFT(MSE)PSGYSGKKGQNLNPYGPI(MSE)FDTSGSSSGSATVVAADF
APLAVGTETTGSIVAPAAQQSVVGLRPSLGRVSRTGIIPLAETLDTAGP(MSE)ARTVKDAATLFNA(MSE)IGYDEKDV
(MSE)TEKVKDKERIDYTKDLSIDGLKGKKIGLLFSVDQQDENRKAVAEKIRKDLQDAGAILTDYIQLNNGGVDNLQTLE
YEFKHNVNDYFSQQKNVPVKSLKEIIAFNKRDSNRRIKYGQTLIEASEKSTITKDEFEKVVQTSQENAKKELNKYLVEKG
LDALV(MSE)INNEEVLLSAVAGYPELAVPAGYDNNGEPVGAVFVGKQFGEKELFNIGYAYEQQSKNRKPPKL
;
_entity_poly.pdbx_strand_id   A,B,C
#
loop_
_chem_comp.id
_chem_comp.type
_chem_comp.name
_chem_comp.formula
ACT non-polymer 'ACETATE ION' 'C2 H3 O2 -1'
#
# COMPACT_ATOMS: atom_id res chain seq x y z
N PRO A 9 21.38 -26.19 -44.30
CA PRO A 9 20.94 -26.92 -43.12
C PRO A 9 19.43 -27.11 -43.07
N LYS A 10 19.00 -28.32 -42.69
CA LYS A 10 17.58 -28.62 -42.60
C LYS A 10 16.94 -27.94 -41.39
N GLU A 11 15.62 -28.07 -41.29
CA GLU A 11 14.87 -27.44 -40.21
C GLU A 11 14.92 -28.26 -38.92
N PRO A 12 14.92 -27.58 -37.77
CA PRO A 12 14.87 -28.27 -36.48
C PRO A 12 13.48 -28.82 -36.18
N GLU A 13 13.42 -30.04 -35.66
CA GLU A 13 12.16 -30.66 -35.28
C GLU A 13 12.15 -30.96 -33.79
N ARG A 14 10.97 -31.23 -33.24
CA ARG A 14 10.88 -31.59 -31.83
C ARG A 14 11.30 -33.05 -31.61
N ILE A 15 12.60 -33.27 -31.62
CA ILE A 15 13.17 -34.60 -31.42
C ILE A 15 13.91 -34.68 -30.09
N VAL A 16 13.52 -35.63 -29.25
CA VAL A 16 14.13 -35.80 -27.94
C VAL A 16 14.52 -37.26 -27.69
N TYR A 17 15.81 -37.51 -27.49
CA TYR A 17 16.31 -38.85 -27.24
C TYR A 17 16.64 -39.04 -25.75
N ASP A 18 16.35 -40.24 -25.25
CA ASP A 18 16.76 -40.66 -23.90
C ASP A 18 16.38 -39.63 -22.83
N LYS A 19 15.08 -39.46 -22.61
CA LYS A 19 14.58 -38.44 -21.70
C LYS A 19 14.88 -38.80 -20.24
N GLU A 20 14.94 -40.09 -19.93
CA GLU A 20 15.16 -40.55 -18.57
C GLU A 20 16.62 -40.37 -18.13
N ARG A 21 17.47 -39.98 -19.06
CA ARG A 21 18.87 -39.70 -18.76
C ARG A 21 18.99 -38.48 -17.85
N VAL A 22 18.05 -37.55 -18.01
CA VAL A 22 18.06 -36.30 -17.26
C VAL A 22 17.06 -36.34 -16.10
N LEU A 23 15.88 -36.90 -16.36
CA LEU A 23 14.80 -36.92 -15.37
C LEU A 23 15.13 -37.76 -14.13
N GLN A 24 15.69 -38.95 -14.35
CA GLN A 24 15.98 -39.86 -13.25
C GLN A 24 17.01 -39.32 -12.25
N PRO A 25 18.11 -38.70 -12.73
CA PRO A 25 18.98 -38.07 -11.73
C PRO A 25 18.27 -36.95 -10.97
N ILE A 26 17.38 -36.24 -11.65
CA ILE A 26 16.58 -35.19 -11.02
C ILE A 26 15.57 -35.79 -10.05
N HIS A 27 14.86 -36.82 -10.50
CA HIS A 27 13.83 -37.47 -9.69
C HIS A 27 14.41 -38.12 -8.43
N ASN A 28 15.62 -38.64 -8.53
CA ASN A 28 16.25 -39.32 -7.40
C ASN A 28 16.58 -38.39 -6.25
N GLN A 29 17.11 -37.20 -6.56
CA GLN A 29 17.51 -36.26 -5.53
C GLN A 29 16.46 -35.18 -5.30
N LEU A 30 15.21 -35.49 -5.66
CA LEU A 30 14.09 -34.60 -5.38
C LEU A 30 12.93 -35.36 -4.74
N LYS A 31 13.24 -36.40 -4.00
CA LYS A 31 12.24 -37.16 -3.27
C LYS A 31 12.02 -36.54 -1.89
N GLY A 32 13.11 -36.11 -1.27
CA GLY A 32 13.03 -35.47 0.03
C GLY A 32 13.12 -33.96 -0.07
N ILE A 33 12.24 -33.37 -0.89
CA ILE A 33 12.20 -31.93 -1.07
C ILE A 33 10.76 -31.43 -1.03
N ASN A 34 10.56 -30.24 -0.47
CA ASN A 34 9.24 -29.62 -0.42
C ASN A 34 9.03 -28.69 -1.60
N ILE A 35 8.03 -28.99 -2.41
CA ILE A 35 7.77 -28.22 -3.63
C ILE A 35 7.27 -26.81 -3.31
N GLU A 36 6.79 -26.61 -2.09
CA GLU A 36 6.31 -25.31 -1.67
C GLU A 36 7.44 -24.30 -1.58
N ASN A 37 8.50 -24.67 -0.88
CA ASN A 37 9.67 -23.81 -0.71
C ASN A 37 10.41 -23.58 -2.02
N VAL A 38 10.31 -24.56 -2.93
CA VAL A 38 10.97 -24.47 -4.23
C VAL A 38 10.35 -23.36 -5.09
N LYS A 39 9.03 -23.41 -5.25
CA LYS A 39 8.32 -22.46 -6.10
C LYS A 39 8.39 -21.04 -5.55
N ILE A 40 8.46 -20.91 -4.22
CA ILE A 40 8.54 -19.60 -3.59
C ILE A 40 9.89 -18.94 -3.88
N LYS A 41 10.96 -19.69 -3.67
CA LYS A 41 12.32 -19.18 -3.90
C LYS A 41 12.65 -19.08 -5.39
N GLU A 42 11.87 -19.78 -6.21
CA GLU A 42 12.08 -19.77 -7.65
C GLU A 42 11.88 -18.38 -8.24
N LYS A 43 10.83 -17.71 -7.78
CA LYS A 43 10.51 -16.37 -8.27
C LYS A 43 11.56 -15.34 -7.87
N GLU A 44 12.33 -15.68 -6.84
CA GLU A 44 13.35 -14.77 -6.32
C GLU A 44 14.73 -15.08 -6.92
N VAL A 45 14.85 -16.26 -7.50
CA VAL A 45 16.13 -16.71 -8.06
C VAL A 45 16.24 -16.43 -9.56
N VAL A 46 15.13 -16.63 -10.27
CA VAL A 46 15.09 -16.42 -11.72
C VAL A 46 15.52 -15.01 -12.10
N ASN A 47 16.42 -14.91 -13.07
CA ASN A 47 16.93 -13.65 -13.61
C ASN A 47 17.74 -12.85 -12.60
N ALA A 48 18.14 -13.49 -11.51
CA ALA A 48 19.00 -12.85 -10.52
C ALA A 48 20.47 -13.15 -10.81
N THR A 49 21.31 -12.13 -10.67
CA THR A 49 22.74 -12.30 -10.93
C THR A 49 23.40 -13.10 -9.81
N VAL A 50 24.68 -13.44 -10.01
CA VAL A 50 25.43 -14.23 -9.03
C VAL A 50 25.57 -13.47 -7.71
N ASP A 51 25.89 -12.18 -7.81
CA ASP A 51 26.06 -11.33 -6.63
C ASP A 51 24.77 -11.25 -5.82
N GLU A 52 23.63 -11.26 -6.50
CA GLU A 52 22.34 -11.20 -5.83
C GLU A 52 22.00 -12.53 -5.17
N LEU A 53 22.46 -13.62 -5.78
CA LEU A 53 22.23 -14.95 -5.22
C LEU A 53 23.03 -15.15 -3.94
N GLN A 54 24.21 -14.53 -3.87
CA GLN A 54 25.06 -14.62 -2.69
C GLN A 54 24.46 -13.81 -1.54
N LYS A 55 23.70 -12.78 -1.88
CA LYS A 55 23.05 -11.94 -0.88
C LYS A 55 21.82 -12.65 -0.30
N MSE A 56 21.17 -13.47 -1.12
CA MSE A 56 19.98 -14.19 -0.69
C MSE A 56 20.30 -15.29 0.31
O MSE A 56 19.43 -15.70 1.09
CB MSE A 56 19.26 -14.79 -1.91
CG MSE A 56 18.58 -13.77 -2.79
SE MSE A 56 17.62 -14.60 -4.28
CE MSE A 56 16.58 -15.89 -3.26
N ILE A 57 21.53 -15.77 0.29
CA ILE A 57 21.95 -16.84 1.18
C ILE A 57 22.70 -16.29 2.40
N ASP A 58 23.20 -15.07 2.29
CA ASP A 58 23.85 -14.40 3.41
C ASP A 58 22.81 -13.91 4.40
N ASP A 59 21.62 -13.56 3.89
CA ASP A 59 20.54 -13.09 4.73
C ASP A 59 19.74 -14.26 5.31
N GLY A 60 20.03 -15.46 4.81
CA GLY A 60 19.40 -16.66 5.31
C GLY A 60 18.06 -16.97 4.66
N LYS A 61 17.80 -16.33 3.53
CA LYS A 61 16.55 -16.54 2.80
C LYS A 61 16.72 -17.58 1.70
N LEU A 62 17.91 -18.17 1.62
CA LEU A 62 18.21 -19.16 0.60
C LEU A 62 19.45 -19.96 0.97
N SER A 63 19.64 -21.11 0.33
CA SER A 63 20.84 -21.90 0.51
C SER A 63 21.27 -22.50 -0.83
N TYR A 64 22.45 -23.12 -0.86
CA TYR A 64 22.96 -23.74 -2.08
C TYR A 64 22.13 -24.97 -2.47
N GLU A 65 21.66 -25.69 -1.46
CA GLU A 65 20.82 -26.87 -1.70
C GLU A 65 19.49 -26.46 -2.33
N GLU A 66 18.92 -25.36 -1.84
CA GLU A 66 17.69 -24.83 -2.39
C GLU A 66 17.90 -24.31 -3.80
N LEU A 67 19.03 -23.64 -4.02
CA LEU A 67 19.37 -23.08 -5.33
C LEU A 67 19.48 -24.19 -6.38
N THR A 68 20.12 -25.29 -6.00
CA THR A 68 20.28 -26.43 -6.89
C THR A 68 18.93 -27.09 -7.17
N SER A 69 18.10 -27.16 -6.14
CA SER A 69 16.79 -27.79 -6.24
C SER A 69 15.90 -27.08 -7.26
N ILE A 70 15.95 -25.74 -7.25
CA ILE A 70 15.14 -24.94 -8.17
C ILE A 70 15.51 -25.22 -9.62
N TYR A 71 16.81 -25.21 -9.90
CA TYR A 71 17.31 -25.46 -11.25
C TYR A 71 16.92 -26.84 -11.76
N LEU A 72 17.13 -27.85 -10.92
CA LEU A 72 16.78 -29.22 -11.27
C LEU A 72 15.27 -29.34 -11.51
N PHE A 73 14.49 -28.61 -10.72
CA PHE A 73 13.05 -28.61 -10.87
C PHE A 73 12.63 -27.95 -12.18
N ARG A 74 13.33 -26.87 -12.54
CA ARG A 74 13.05 -26.16 -13.78
C ARG A 74 13.43 -26.98 -15.01
N ILE A 75 14.56 -27.68 -14.91
CA ILE A 75 15.01 -28.55 -15.98
C ILE A 75 14.02 -29.69 -16.19
N GLN A 76 13.47 -30.18 -15.08
CA GLN A 76 12.50 -31.27 -15.12
C GLN A 76 11.17 -30.83 -15.74
N GLU A 77 10.78 -29.59 -15.47
CA GLU A 77 9.47 -29.09 -15.88
C GLU A 77 9.49 -28.30 -17.20
N HIS A 78 10.66 -27.81 -17.58
CA HIS A 78 10.75 -26.95 -18.76
C HIS A 78 11.67 -27.49 -19.85
N ASP A 79 12.74 -28.18 -19.46
CA ASP A 79 13.72 -28.66 -20.43
C ASP A 79 13.34 -30.03 -20.99
N GLN A 80 12.90 -30.93 -20.11
CA GLN A 80 12.52 -32.27 -20.53
C GLN A 80 11.00 -32.44 -20.51
N ASN A 81 10.30 -31.42 -20.02
CA ASN A 81 8.84 -31.39 -20.06
C ASN A 81 8.33 -30.00 -20.39
N GLY A 82 7.01 -29.85 -20.44
CA GLY A 82 6.40 -28.59 -20.78
C GLY A 82 6.80 -28.14 -22.18
N ILE A 83 7.45 -26.98 -22.26
CA ILE A 83 7.91 -26.45 -23.53
C ILE A 83 9.01 -27.35 -24.11
N THR A 84 9.68 -28.09 -23.22
CA THR A 84 10.69 -29.08 -23.60
C THR A 84 11.75 -28.51 -24.54
N LEU A 85 12.61 -27.65 -23.98
CA LEU A 85 13.67 -27.03 -24.77
C LEU A 85 14.75 -28.03 -25.16
N ASN A 86 14.89 -29.07 -24.33
CA ASN A 86 15.87 -30.13 -24.56
C ASN A 86 17.28 -29.58 -24.75
N SER A 87 17.80 -28.93 -23.72
CA SER A 87 19.11 -28.31 -23.79
C SER A 87 20.10 -28.93 -22.82
N VAL A 88 19.63 -29.89 -22.04
CA VAL A 88 20.47 -30.55 -21.05
C VAL A 88 20.69 -32.01 -21.42
N THR A 89 21.97 -32.40 -21.53
CA THR A 89 22.32 -33.77 -21.85
C THR A 89 22.51 -34.61 -20.60
N GLU A 90 23.21 -34.05 -19.61
CA GLU A 90 23.55 -34.79 -18.41
C GLU A 90 23.24 -33.99 -17.15
N ILE A 91 22.93 -34.71 -16.07
CA ILE A 91 22.70 -34.10 -14.77
C ILE A 91 23.52 -34.82 -13.70
N ASN A 92 24.28 -34.05 -12.93
CA ASN A 92 25.06 -34.60 -11.83
C ASN A 92 24.15 -35.22 -10.78
N PRO A 93 24.26 -36.55 -10.57
CA PRO A 93 23.46 -37.23 -9.54
C PRO A 93 23.90 -36.84 -8.13
N ASN A 94 25.13 -36.31 -8.02
CA ASN A 94 25.66 -35.87 -6.74
C ASN A 94 25.57 -34.36 -6.57
N ALA A 95 24.75 -33.71 -7.40
CA ALA A 95 24.60 -32.27 -7.38
C ALA A 95 24.11 -31.75 -6.04
N MSE A 96 23.18 -32.50 -5.43
CA MSE A 96 22.64 -32.12 -4.14
C MSE A 96 23.62 -32.44 -3.01
O MSE A 96 23.78 -31.66 -2.07
CB MSE A 96 21.30 -32.82 -3.89
CG MSE A 96 20.19 -32.39 -4.83
SE MSE A 96 19.63 -30.54 -4.54
CE MSE A 96 17.84 -30.88 -3.87
N GLU A 97 24.28 -33.59 -3.11
CA GLU A 97 25.25 -34.02 -2.10
C GLU A 97 26.42 -33.05 -2.03
N GLU A 98 26.82 -32.53 -3.18
CA GLU A 98 27.90 -31.56 -3.24
C GLU A 98 27.41 -30.19 -2.77
N ALA A 99 26.14 -29.89 -3.04
CA ALA A 99 25.55 -28.61 -2.66
C ALA A 99 25.42 -28.48 -1.15
N ARG A 100 24.96 -29.54 -0.50
CA ARG A 100 24.78 -29.54 0.95
C ARG A 100 26.13 -29.41 1.66
N LYS A 101 27.16 -30.04 1.09
CA LYS A 101 28.50 -29.99 1.67
C LYS A 101 29.09 -28.59 1.54
N LEU A 102 28.69 -27.88 0.49
CA LEU A 102 29.14 -26.50 0.29
C LEU A 102 28.38 -25.55 1.22
N ASP A 103 27.23 -25.99 1.70
CA ASP A 103 26.46 -25.23 2.67
C ASP A 103 27.04 -25.37 4.06
N GLN A 104 27.54 -26.58 4.37
CA GLN A 104 28.13 -26.86 5.67
C GLN A 104 29.45 -26.13 5.85
N GLU A 105 30.29 -26.16 4.81
CA GLU A 105 31.60 -25.53 4.88
C GLU A 105 31.56 -24.13 4.28
N ARG A 106 30.37 -23.56 4.20
CA ARG A 106 30.20 -22.23 3.60
C ARG A 106 30.90 -21.14 4.39
N SER A 107 30.48 -20.93 5.63
CA SER A 107 31.00 -19.84 6.46
C SER A 107 32.48 -20.01 6.80
N ARG A 108 33.04 -21.17 6.48
CA ARG A 108 34.43 -21.46 6.80
C ARG A 108 35.34 -21.42 5.57
N ASN A 109 34.81 -21.83 4.41
CA ASN A 109 35.63 -21.95 3.22
C ASN A 109 35.26 -20.98 2.09
N LYS A 110 34.27 -20.13 2.34
CA LYS A 110 33.85 -19.12 1.36
C LYS A 110 34.99 -18.15 1.08
N LYS A 111 35.23 -17.86 -0.20
CA LYS A 111 36.31 -16.95 -0.57
C LYS A 111 36.07 -16.31 -1.94
N SER A 112 35.46 -17.05 -2.85
CA SER A 112 35.22 -16.57 -4.20
C SER A 112 33.74 -16.36 -4.49
N ASN A 113 33.44 -15.61 -5.55
CA ASN A 113 32.07 -15.38 -5.97
C ASN A 113 31.41 -16.64 -6.54
N LEU A 114 32.25 -17.61 -6.89
CA LEU A 114 31.79 -18.84 -7.53
C LEU A 114 31.46 -19.94 -6.55
N TYR A 115 31.71 -19.70 -5.26
CA TYR A 115 31.49 -20.71 -4.23
C TYR A 115 30.03 -21.12 -4.16
N GLY A 116 29.78 -22.42 -4.32
CA GLY A 116 28.45 -22.97 -4.22
C GLY A 116 27.60 -22.78 -5.47
N ILE A 117 28.14 -22.04 -6.43
CA ILE A 117 27.42 -21.76 -7.66
C ILE A 117 27.47 -22.95 -8.63
N PRO A 118 26.29 -23.47 -9.00
CA PRO A 118 26.21 -24.55 -9.98
C PRO A 118 26.57 -24.07 -11.38
N VAL A 119 27.40 -24.84 -12.09
CA VAL A 119 27.81 -24.49 -13.44
C VAL A 119 27.52 -25.62 -14.41
N VAL A 120 27.00 -25.29 -15.58
CA VAL A 120 26.73 -26.28 -16.61
C VAL A 120 27.75 -26.18 -17.73
N VAL A 121 28.56 -27.23 -17.91
CA VAL A 121 29.57 -27.25 -18.95
C VAL A 121 29.06 -27.94 -20.21
N LYS A 122 29.66 -27.62 -21.35
CA LYS A 122 29.26 -28.20 -22.63
C LYS A 122 29.49 -29.70 -22.62
N ASP A 123 28.74 -30.43 -23.46
CA ASP A 123 28.77 -31.89 -23.46
C ASP A 123 30.12 -32.45 -23.91
N ASN A 124 31.00 -31.59 -24.40
CA ASN A 124 32.32 -32.02 -24.84
C ASN A 124 33.40 -31.73 -23.79
N VAL A 125 32.97 -31.47 -22.56
CA VAL A 125 33.90 -31.17 -21.48
C VAL A 125 33.96 -32.31 -20.47
N GLN A 126 35.16 -32.77 -20.15
CA GLN A 126 35.35 -33.96 -19.33
C GLN A 126 35.05 -33.75 -17.85
N THR A 127 34.34 -34.71 -17.27
CA THR A 127 34.14 -34.79 -15.82
C THR A 127 34.46 -36.20 -15.36
N ALA A 128 34.96 -36.34 -14.13
CA ALA A 128 35.45 -37.62 -13.63
C ALA A 128 34.37 -38.43 -12.90
N LYS A 129 34.23 -39.68 -13.30
CA LYS A 129 33.42 -40.68 -12.60
C LYS A 129 31.93 -40.38 -12.50
N VAL A 130 31.51 -39.20 -12.96
CA VAL A 130 30.12 -38.78 -12.76
C VAL A 130 29.35 -38.64 -14.07
N MSE A 131 29.74 -37.68 -14.90
CA MSE A 131 28.99 -37.37 -16.12
C MSE A 131 29.78 -37.69 -17.38
O MSE A 131 30.93 -37.28 -17.53
CB MSE A 131 28.58 -35.90 -16.13
CG MSE A 131 27.55 -35.55 -15.07
SE MSE A 131 27.63 -33.67 -14.57
CE MSE A 131 29.38 -33.67 -13.73
N PRO A 132 29.15 -38.45 -18.31
CA PRO A 132 29.73 -38.82 -19.60
C PRO A 132 30.09 -37.63 -20.47
N THR A 133 31.20 -37.73 -21.19
CA THR A 133 31.60 -36.71 -22.15
C THR A 133 31.46 -37.28 -23.55
N SER A 134 30.59 -36.69 -24.35
CA SER A 134 30.20 -37.31 -25.61
C SER A 134 30.30 -36.39 -26.82
N ALA A 135 30.46 -35.09 -26.56
CA ALA A 135 30.44 -34.08 -27.61
C ALA A 135 29.16 -34.16 -28.45
N GLY A 136 28.09 -34.61 -27.82
CA GLY A 136 26.80 -34.71 -28.47
C GLY A 136 26.61 -35.95 -29.33
N THR A 137 27.55 -36.88 -29.26
CA THR A 137 27.49 -38.08 -30.10
C THR A 137 26.79 -39.25 -29.41
N TYR A 138 26.25 -40.15 -30.22
CA TYR A 138 25.60 -41.35 -29.71
C TYR A 138 26.63 -42.39 -29.30
N VAL A 139 27.76 -42.41 -29.99
CA VAL A 139 28.78 -43.42 -29.77
C VAL A 139 29.50 -43.22 -28.44
N LEU A 140 29.53 -41.99 -27.95
CA LEU A 140 30.20 -41.67 -26.69
C LEU A 140 29.20 -41.30 -25.60
N LYS A 141 27.93 -41.62 -25.82
CA LYS A 141 26.85 -41.20 -24.93
C LYS A 141 27.00 -41.73 -23.51
N ASP A 142 27.76 -42.80 -23.33
CA ASP A 142 27.90 -43.43 -22.02
C ASP A 142 29.34 -43.47 -21.54
N TRP A 143 30.25 -42.85 -22.29
CA TRP A 143 31.66 -42.86 -21.90
C TRP A 143 31.97 -41.80 -20.85
N ILE A 144 32.35 -42.25 -19.67
CA ILE A 144 32.76 -41.34 -18.59
C ILE A 144 34.27 -41.21 -18.56
N ALA A 145 34.76 -39.98 -18.72
CA ALA A 145 36.19 -39.72 -18.77
C ALA A 145 36.89 -40.06 -17.46
N ASP A 146 38.22 -40.16 -17.52
CA ASP A 146 39.00 -40.54 -16.34
C ASP A 146 39.27 -39.34 -15.44
N GLN A 147 39.66 -38.23 -16.02
CA GLN A 147 39.95 -37.02 -15.26
C GLN A 147 39.01 -35.87 -15.64
N ASP A 148 38.93 -34.86 -14.78
CA ASP A 148 38.19 -33.65 -15.09
C ASP A 148 38.97 -32.80 -16.08
N ALA A 149 38.26 -31.94 -16.82
CA ALA A 149 38.92 -30.92 -17.61
C ALA A 149 39.56 -29.93 -16.64
N THR A 150 40.66 -29.31 -17.06
CA THR A 150 41.38 -28.39 -16.18
C THR A 150 40.50 -27.22 -15.74
N ILE A 151 39.61 -26.78 -16.63
CA ILE A 151 38.69 -25.70 -16.31
C ILE A 151 37.67 -26.14 -15.27
N VAL A 152 37.35 -27.44 -15.27
CA VAL A 152 36.43 -28.01 -14.28
C VAL A 152 37.16 -28.19 -12.96
N LYS A 153 38.41 -28.63 -13.04
CA LYS A 153 39.24 -28.82 -11.85
C LYS A 153 39.49 -27.49 -11.15
N GLN A 154 39.72 -26.44 -11.94
CA GLN A 154 39.96 -25.11 -11.39
C GLN A 154 38.68 -24.48 -10.86
N LEU A 155 37.54 -24.90 -11.43
CA LEU A 155 36.25 -24.39 -11.01
C LEU A 155 35.92 -24.83 -9.58
N LYS A 156 36.30 -26.07 -9.25
CA LYS A 156 36.00 -26.62 -7.94
C LYS A 156 37.01 -26.15 -6.90
N GLU A 157 38.04 -25.45 -7.35
CA GLU A 157 39.04 -24.88 -6.46
C GLU A 157 38.56 -23.56 -5.86
N GLU A 158 37.44 -23.07 -6.39
CA GLU A 158 36.87 -21.82 -5.88
C GLU A 158 35.46 -22.05 -5.34
N GLY A 159 35.07 -23.31 -5.22
CA GLY A 159 33.79 -23.65 -4.60
C GLY A 159 32.69 -24.04 -5.57
N ALA A 160 32.87 -23.72 -6.84
CA ALA A 160 31.88 -24.04 -7.86
C ALA A 160 31.81 -25.54 -8.12
N PHE A 161 30.67 -26.01 -8.60
CA PHE A 161 30.49 -27.42 -8.93
C PHE A 161 29.68 -27.57 -10.21
N VAL A 162 29.90 -28.67 -10.92
CA VAL A 162 29.19 -28.92 -12.18
C VAL A 162 27.79 -29.45 -11.92
N LEU A 163 26.79 -28.64 -12.25
CA LEU A 163 25.39 -29.03 -12.09
C LEU A 163 25.01 -30.11 -13.10
N GLY A 164 25.48 -29.94 -14.33
CA GLY A 164 25.19 -30.88 -15.40
C GLY A 164 25.87 -30.50 -16.69
N LYS A 165 25.44 -31.11 -17.79
CA LYS A 165 26.03 -30.81 -19.09
C LYS A 165 24.97 -30.36 -20.10
N ALA A 166 25.39 -29.48 -21.01
CA ALA A 166 24.47 -28.85 -21.94
C ALA A 166 24.49 -29.49 -23.32
N ASN A 167 23.35 -29.43 -24.02
CA ASN A 167 23.23 -29.96 -25.36
C ASN A 167 24.04 -29.12 -26.34
N MSE A 168 24.35 -29.68 -27.49
CA MSE A 168 25.21 -29.01 -28.46
C MSE A 168 25.05 -29.58 -29.86
O MSE A 168 24.57 -30.70 -30.04
CB MSE A 168 26.67 -29.14 -28.03
CG MSE A 168 27.12 -30.58 -27.80
SE MSE A 168 29.02 -30.76 -27.37
CE MSE A 168 29.77 -30.33 -29.11
N SER A 169 25.45 -28.80 -30.86
CA SER A 169 25.57 -29.31 -32.21
C SER A 169 26.64 -30.39 -32.20
N GLU A 170 26.30 -31.58 -32.67
CA GLU A 170 27.18 -32.74 -32.58
C GLU A 170 28.54 -32.48 -33.22
N TRP A 171 29.60 -32.93 -32.54
CA TRP A 171 30.98 -32.70 -32.95
C TRP A 171 31.29 -31.21 -33.14
N ALA A 172 30.72 -30.38 -32.26
CA ALA A 172 30.86 -28.94 -32.33
C ALA A 172 30.47 -28.41 -33.71
N ASN A 173 29.34 -28.90 -34.20
CA ASN A 173 28.84 -28.59 -35.55
C ASN A 173 29.84 -28.96 -36.63
N TYR A 174 30.18 -30.25 -36.70
CA TYR A 174 31.06 -30.74 -37.75
C TYR A 174 30.72 -32.19 -38.08
N LEU A 175 29.48 -32.40 -38.55
CA LEU A 175 29.02 -33.73 -38.91
C LEU A 175 28.53 -33.75 -40.36
N SER A 176 27.62 -32.85 -40.68
CA SER A 176 27.12 -32.72 -42.04
C SER A 176 26.61 -31.31 -42.31
N PHE A 177 26.46 -30.97 -43.58
CA PHE A 177 26.03 -29.62 -43.98
C PHE A 177 24.53 -29.43 -43.78
N THR A 178 23.80 -30.53 -43.64
CA THR A 178 22.34 -30.48 -43.58
C THR A 178 21.81 -30.55 -42.15
N MSE A 179 22.70 -30.82 -41.19
CA MSE A 179 22.31 -30.95 -39.79
C MSE A 179 21.96 -29.59 -39.19
O MSE A 179 22.76 -28.66 -39.25
CB MSE A 179 23.42 -31.60 -38.99
CG MSE A 179 23.02 -31.96 -37.56
SE MSE A 179 24.52 -32.56 -36.48
CE MSE A 179 25.49 -30.86 -36.36
N PRO A 180 20.76 -29.49 -38.61
CA PRO A 180 20.32 -28.26 -37.95
C PRO A 180 21.13 -27.97 -36.69
N SER A 181 21.35 -26.69 -36.40
CA SER A 181 22.10 -26.30 -35.22
C SER A 181 21.35 -26.67 -33.95
N GLY A 182 22.07 -27.11 -32.93
CA GLY A 182 21.47 -27.49 -31.67
C GLY A 182 21.06 -28.95 -31.63
N TYR A 183 21.24 -29.65 -32.74
CA TYR A 183 20.91 -31.07 -32.78
C TYR A 183 22.10 -31.94 -32.42
N SER A 184 21.83 -33.01 -31.67
CA SER A 184 22.84 -33.99 -31.31
C SER A 184 22.23 -35.38 -31.31
N GLY A 185 22.98 -36.37 -31.78
CA GLY A 185 22.50 -37.74 -31.81
C GLY A 185 22.37 -38.33 -30.41
N LYS A 186 22.95 -37.65 -29.44
CA LYS A 186 22.95 -38.12 -28.05
C LYS A 186 21.65 -37.80 -27.33
N LYS A 187 21.23 -36.53 -27.41
CA LYS A 187 20.07 -36.07 -26.65
C LYS A 187 18.91 -35.64 -27.56
N GLY A 188 19.25 -35.07 -28.71
CA GLY A 188 18.23 -34.63 -29.65
C GLY A 188 18.36 -33.17 -30.02
N GLN A 189 17.25 -32.55 -30.40
CA GLN A 189 17.25 -31.18 -30.89
C GLN A 189 17.08 -30.15 -29.77
N ASN A 190 17.96 -29.15 -29.76
CA ASN A 190 17.85 -28.03 -28.85
C ASN A 190 16.84 -27.01 -29.37
N LEU A 191 16.00 -26.49 -28.49
CA LEU A 191 15.01 -25.50 -28.88
C LEU A 191 15.31 -24.13 -28.28
N ASN A 192 15.03 -23.08 -29.04
CA ASN A 192 15.26 -21.71 -28.58
C ASN A 192 14.12 -21.26 -27.67
N PRO A 193 14.45 -20.91 -26.42
CA PRO A 193 13.46 -20.53 -25.40
C PRO A 193 12.63 -19.30 -25.76
N TYR A 194 13.09 -18.52 -26.74
CA TYR A 194 12.36 -17.34 -27.17
C TYR A 194 11.36 -17.65 -28.28
N GLY A 195 11.38 -18.89 -28.75
CA GLY A 195 10.48 -19.33 -29.80
C GLY A 195 10.91 -20.63 -30.44
N PRO A 196 10.53 -21.76 -29.81
CA PRO A 196 10.87 -23.11 -30.30
C PRO A 196 10.45 -23.32 -31.74
N ILE A 197 11.26 -24.05 -32.50
CA ILE A 197 11.04 -24.32 -33.92
C ILE A 197 11.09 -23.04 -34.76
N MSE A 198 10.35 -22.02 -34.33
CA MSE A 198 10.31 -20.73 -35.03
C MSE A 198 11.70 -20.11 -35.17
O MSE A 198 12.10 -19.69 -36.25
CB MSE A 198 9.39 -19.76 -34.28
CG MSE A 198 9.01 -18.53 -35.08
SE MSE A 198 8.13 -17.17 -33.97
CE MSE A 198 6.97 -18.33 -32.94
N PHE A 199 12.44 -20.07 -34.06
CA PHE A 199 13.79 -19.50 -34.05
C PHE A 199 14.83 -20.59 -33.87
N ASP A 200 15.87 -20.56 -34.70
CA ASP A 200 16.99 -21.47 -34.55
C ASP A 200 17.74 -21.15 -33.25
N THR A 201 18.52 -22.11 -32.78
CA THR A 201 19.29 -21.93 -31.56
C THR A 201 20.71 -21.48 -31.86
N SER A 202 21.10 -21.62 -33.12
CA SER A 202 22.49 -21.47 -33.55
C SER A 202 23.38 -22.48 -32.82
N GLY A 203 24.68 -22.44 -33.09
CA GLY A 203 25.58 -23.41 -32.50
C GLY A 203 27.00 -22.93 -32.41
N SER A 204 27.88 -23.78 -31.86
CA SER A 204 27.49 -25.13 -31.46
C SER A 204 27.14 -25.20 -29.96
N SER A 205 27.40 -24.13 -29.23
CA SER A 205 27.07 -24.10 -27.81
C SER A 205 25.64 -23.66 -27.58
N SER A 206 24.70 -24.38 -28.17
CA SER A 206 23.27 -24.06 -28.06
C SER A 206 22.77 -24.23 -26.63
N GLY A 207 23.02 -25.40 -26.06
CA GLY A 207 22.56 -25.72 -24.72
C GLY A 207 23.15 -24.83 -23.63
N SER A 208 24.42 -24.47 -23.79
CA SER A 208 25.09 -23.61 -22.83
C SER A 208 24.48 -22.22 -22.82
N ALA A 209 23.90 -21.83 -23.95
CA ALA A 209 23.20 -20.56 -24.06
C ALA A 209 21.80 -20.66 -23.46
N THR A 210 21.18 -21.82 -23.61
CA THR A 210 19.80 -22.02 -23.19
C THR A 210 19.66 -22.13 -21.67
N VAL A 211 20.61 -22.82 -21.04
CA VAL A 211 20.55 -23.07 -19.60
C VAL A 211 20.60 -21.77 -18.79
N VAL A 212 21.28 -20.76 -19.32
CA VAL A 212 21.35 -19.47 -18.65
C VAL A 212 20.22 -18.55 -19.11
N ALA A 213 19.72 -18.81 -20.32
CA ALA A 213 18.60 -18.03 -20.85
C ALA A 213 17.30 -18.41 -20.16
N ALA A 214 17.10 -19.70 -19.94
CA ALA A 214 15.89 -20.20 -19.32
C ALA A 214 16.05 -20.40 -17.81
N ASP A 215 17.14 -19.86 -17.28
CA ASP A 215 17.46 -19.95 -15.85
C ASP A 215 17.51 -21.39 -15.35
N PHE A 216 18.19 -22.25 -16.10
CA PHE A 216 18.44 -23.62 -15.67
C PHE A 216 19.75 -23.67 -14.91
N ALA A 217 20.50 -22.56 -14.97
CA ALA A 217 21.78 -22.43 -14.32
C ALA A 217 22.22 -20.97 -14.32
N PRO A 218 22.99 -20.56 -13.29
CA PRO A 218 23.48 -19.17 -13.24
C PRO A 218 24.55 -18.92 -14.29
N LEU A 219 25.45 -19.89 -14.45
CA LEU A 219 26.57 -19.78 -15.38
C LEU A 219 26.70 -21.02 -16.25
N ALA A 220 27.42 -20.89 -17.36
CA ALA A 220 27.61 -22.00 -18.27
C ALA A 220 28.93 -21.90 -19.03
N VAL A 221 29.46 -23.04 -19.43
CA VAL A 221 30.71 -23.09 -20.18
C VAL A 221 30.47 -23.59 -21.61
N GLY A 222 30.96 -22.82 -22.58
CA GLY A 222 30.83 -23.20 -23.97
C GLY A 222 32.19 -23.26 -24.67
N THR A 223 32.22 -23.86 -25.85
CA THR A 223 33.43 -23.94 -26.64
C THR A 223 33.21 -23.29 -28.00
N GLU A 224 34.27 -22.74 -28.58
CA GLU A 224 34.17 -22.11 -29.89
C GLU A 224 35.36 -22.38 -30.80
N THR A 225 35.08 -22.88 -32.00
CA THR A 225 36.08 -22.95 -33.05
C THR A 225 35.97 -21.71 -33.92
N THR A 226 34.75 -21.45 -34.39
CA THR A 226 34.46 -20.23 -35.15
C THR A 226 33.01 -19.80 -34.94
N GLY A 227 32.78 -18.99 -33.91
CA GLY A 227 31.46 -18.44 -33.63
C GLY A 227 30.57 -19.33 -32.79
N SER A 228 31.08 -20.49 -32.38
CA SER A 228 30.28 -21.46 -31.65
C SER A 228 29.85 -21.00 -30.26
N ILE A 229 30.33 -19.84 -29.83
CA ILE A 229 29.93 -19.28 -28.54
C ILE A 229 29.12 -18.00 -28.71
N VAL A 230 29.64 -17.07 -29.49
CA VAL A 230 29.02 -15.76 -29.64
C VAL A 230 27.73 -15.79 -30.48
N ALA A 231 27.61 -16.79 -31.35
CA ALA A 231 26.43 -16.90 -32.20
C ALA A 231 25.21 -17.46 -31.45
N PRO A 232 25.38 -18.57 -30.70
CA PRO A 232 24.19 -19.00 -29.95
C PRO A 232 23.87 -18.05 -28.80
N ALA A 233 24.89 -17.33 -28.32
CA ALA A 233 24.69 -16.35 -27.26
C ALA A 233 23.85 -15.17 -27.77
N ALA A 234 24.09 -14.79 -29.02
CA ALA A 234 23.36 -13.70 -29.65
C ALA A 234 21.97 -14.15 -30.08
N GLN A 235 21.84 -15.43 -30.42
CA GLN A 235 20.60 -15.97 -30.94
C GLN A 235 19.61 -16.30 -29.81
N GLN A 236 20.13 -16.36 -28.58
CA GLN A 236 19.28 -16.66 -27.43
C GLN A 236 19.38 -15.59 -26.35
N SER A 237 19.86 -14.41 -26.76
CA SER A 237 19.89 -13.23 -25.91
C SER A 237 20.62 -13.43 -24.59
N VAL A 238 21.85 -13.93 -24.66
CA VAL A 238 22.69 -14.07 -23.46
C VAL A 238 24.11 -13.61 -23.76
N VAL A 239 24.92 -13.48 -22.70
CA VAL A 239 26.30 -13.04 -22.85
C VAL A 239 27.23 -14.22 -23.08
N GLY A 240 28.11 -14.09 -24.07
CA GLY A 240 29.09 -15.11 -24.39
C GLY A 240 30.45 -14.54 -24.71
N LEU A 241 31.49 -15.12 -24.15
CA LEU A 241 32.85 -14.64 -24.37
C LEU A 241 33.77 -15.70 -24.96
N ARG A 242 34.46 -15.34 -26.06
CA ARG A 242 35.55 -16.17 -26.56
C ARG A 242 36.87 -15.56 -26.09
N PRO A 243 37.61 -16.29 -25.24
CA PRO A 243 38.88 -15.77 -24.73
C PRO A 243 39.98 -15.79 -25.78
N SER A 244 41.11 -15.15 -25.47
CA SER A 244 42.26 -15.17 -26.36
C SER A 244 42.84 -16.57 -26.44
N LEU A 245 43.30 -16.96 -27.62
CA LEU A 245 43.89 -18.29 -27.80
C LEU A 245 45.16 -18.43 -26.97
N GLY A 246 45.00 -19.02 -25.78
CA GLY A 246 46.10 -19.19 -24.85
C GLY A 246 45.69 -18.80 -23.44
N ARG A 247 44.56 -18.11 -23.34
CA ARG A 247 44.05 -17.65 -22.05
C ARG A 247 43.45 -18.80 -21.25
N VAL A 248 42.71 -19.67 -21.94
CA VAL A 248 42.02 -20.78 -21.28
C VAL A 248 42.50 -22.12 -21.83
N SER A 249 42.81 -23.06 -20.93
CA SER A 249 43.27 -24.38 -21.31
C SER A 249 42.17 -25.21 -21.96
N ARG A 250 42.54 -26.01 -22.96
CA ARG A 250 41.59 -26.86 -23.67
C ARG A 250 41.69 -28.31 -23.21
N THR A 251 42.57 -28.55 -22.24
CA THR A 251 42.79 -29.91 -21.73
C THR A 251 41.54 -30.47 -21.07
N GLY A 252 41.11 -31.65 -21.52
CA GLY A 252 39.92 -32.28 -20.98
C GLY A 252 38.69 -31.90 -21.78
N ILE A 253 38.89 -31.48 -23.02
CA ILE A 253 37.78 -31.11 -23.89
C ILE A 253 37.93 -31.79 -25.25
N ILE A 254 36.89 -32.51 -25.67
CA ILE A 254 36.88 -33.16 -26.97
C ILE A 254 37.05 -32.13 -28.07
N PRO A 255 38.18 -32.19 -28.78
CA PRO A 255 38.59 -31.15 -29.73
C PRO A 255 37.82 -31.18 -31.05
N LEU A 256 38.06 -30.17 -31.87
CA LEU A 256 37.56 -30.11 -33.24
C LEU A 256 38.70 -29.65 -34.13
N ALA A 257 39.32 -28.55 -33.75
CA ALA A 257 40.53 -28.05 -34.39
C ALA A 257 41.32 -27.23 -33.38
N GLU A 258 42.36 -27.84 -32.82
CA GLU A 258 43.13 -27.23 -31.72
C GLU A 258 43.77 -25.90 -32.11
N THR A 259 43.80 -25.62 -33.42
CA THR A 259 44.25 -24.33 -33.91
C THR A 259 43.30 -23.22 -33.45
N LEU A 260 42.01 -23.52 -33.45
CA LEU A 260 40.98 -22.53 -33.17
C LEU A 260 40.21 -22.80 -31.88
N ASP A 261 40.28 -24.04 -31.40
CA ASP A 261 39.52 -24.46 -30.22
C ASP A 261 39.79 -23.59 -28.99
N THR A 262 38.72 -23.25 -28.29
CA THR A 262 38.82 -22.47 -27.06
C THR A 262 37.55 -22.63 -26.22
N ALA A 263 37.65 -22.40 -24.92
CA ALA A 263 36.51 -22.51 -24.02
C ALA A 263 36.23 -21.18 -23.33
N GLY A 264 34.99 -20.71 -23.44
CA GLY A 264 34.61 -19.42 -22.87
C GLY A 264 33.41 -19.48 -21.96
N PRO A 265 33.21 -18.42 -21.15
CA PRO A 265 32.10 -18.34 -20.19
C PRO A 265 30.83 -17.80 -20.82
N MSE A 266 29.68 -18.25 -20.34
CA MSE A 266 28.40 -17.79 -20.85
C MSE A 266 27.41 -17.54 -19.71
O MSE A 266 27.26 -18.36 -18.82
CB MSE A 266 27.82 -18.80 -21.85
CG MSE A 266 28.73 -19.11 -23.02
SE MSE A 266 27.94 -20.31 -24.34
CE MSE A 266 26.59 -19.11 -25.05
N ALA A 267 26.74 -16.39 -19.76
CA ALA A 267 25.76 -16.02 -18.74
C ALA A 267 24.76 -15.02 -19.28
N ARG A 268 23.84 -14.58 -18.42
CA ARG A 268 22.87 -13.57 -18.81
C ARG A 268 23.48 -12.19 -18.71
N THR A 269 24.42 -12.04 -17.79
CA THR A 269 25.03 -10.76 -17.47
C THR A 269 26.53 -10.78 -17.74
N VAL A 270 27.05 -9.66 -18.26
CA VAL A 270 28.48 -9.51 -18.50
C VAL A 270 29.27 -9.66 -17.21
N LYS A 271 28.68 -9.17 -16.12
CA LYS A 271 29.26 -9.30 -14.78
C LYS A 271 29.46 -10.76 -14.40
N ASP A 272 28.39 -11.54 -14.50
CA ASP A 272 28.42 -12.95 -14.14
C ASP A 272 29.35 -13.75 -15.04
N ALA A 273 29.47 -13.33 -16.29
CA ALA A 273 30.37 -13.98 -17.25
C ALA A 273 31.82 -13.80 -16.83
N ALA A 274 32.16 -12.60 -16.38
CA ALA A 274 33.51 -12.30 -15.93
C ALA A 274 33.83 -13.04 -14.63
N THR A 275 32.80 -13.27 -13.83
CA THR A 275 32.94 -14.01 -12.57
C THR A 275 33.39 -15.45 -12.85
N LEU A 276 32.74 -16.08 -13.82
CA LEU A 276 33.09 -17.44 -14.22
C LEU A 276 34.45 -17.46 -14.92
N PHE A 277 34.75 -16.39 -15.64
CA PHE A 277 35.98 -16.29 -16.42
C PHE A 277 37.22 -16.25 -15.54
N ASN A 278 37.03 -15.93 -14.26
CA ASN A 278 38.13 -15.84 -13.31
C ASN A 278 38.74 -17.21 -13.01
N ALA A 279 37.92 -18.25 -13.00
CA ALA A 279 38.38 -19.58 -12.62
C ALA A 279 38.76 -20.43 -13.83
N MSE A 280 38.34 -20.02 -15.01
CA MSE A 280 38.65 -20.76 -16.22
C MSE A 280 40.08 -20.51 -16.69
O MSE A 280 40.77 -21.42 -17.14
CB MSE A 280 37.67 -20.40 -17.34
CG MSE A 280 36.20 -20.61 -17.01
SE MSE A 280 35.10 -20.40 -18.59
CE MSE A 280 36.41 -19.50 -19.72
N ILE A 281 40.52 -19.26 -16.58
CA ILE A 281 41.86 -18.88 -17.01
C ILE A 281 42.92 -19.52 -16.12
N GLY A 282 44.16 -19.53 -16.60
CA GLY A 282 45.26 -20.09 -15.85
C GLY A 282 46.33 -20.69 -16.76
N TYR A 283 47.31 -21.34 -16.14
CA TYR A 283 48.39 -21.96 -16.90
C TYR A 283 48.23 -23.47 -16.94
N ASP A 284 48.66 -24.07 -18.05
CA ASP A 284 48.56 -25.52 -18.23
C ASP A 284 49.75 -26.04 -19.02
N GLU A 285 50.51 -26.95 -18.43
CA GLU A 285 51.68 -27.54 -19.10
C GLU A 285 51.25 -28.49 -20.20
N LYS A 286 50.08 -29.11 -20.03
CA LYS A 286 49.54 -30.05 -21.01
C LYS A 286 49.18 -29.33 -22.31
N ASP A 287 48.50 -28.19 -22.17
CA ASP A 287 48.14 -27.37 -23.33
C ASP A 287 49.23 -26.33 -23.59
N VAL A 288 50.09 -26.61 -24.57
CA VAL A 288 51.25 -25.76 -24.86
C VAL A 288 50.85 -24.37 -25.36
N MSE A 289 49.58 -24.21 -25.70
CA MSE A 289 49.09 -22.93 -26.20
C MSE A 289 48.98 -21.90 -25.08
O MSE A 289 49.01 -20.70 -25.32
CB MSE A 289 47.74 -23.11 -26.89
CG MSE A 289 47.46 -22.10 -27.99
SE MSE A 289 48.74 -22.25 -29.45
CE MSE A 289 48.02 -20.89 -30.65
N THR A 290 48.85 -22.39 -23.85
CA THR A 290 48.69 -21.52 -22.69
C THR A 290 50.02 -21.03 -22.14
N GLU A 291 51.09 -21.19 -22.92
CA GLU A 291 52.40 -20.68 -22.54
C GLU A 291 52.63 -19.30 -23.14
N LYS A 292 51.58 -18.74 -23.74
CA LYS A 292 51.63 -17.38 -24.27
C LYS A 292 51.11 -16.39 -23.24
N VAL A 293 50.69 -16.91 -22.08
CA VAL A 293 50.17 -16.09 -21.00
C VAL A 293 50.94 -16.31 -19.71
N LYS A 294 52.04 -17.06 -19.80
CA LYS A 294 52.85 -17.42 -18.64
C LYS A 294 53.41 -16.20 -17.92
N ASP A 295 53.80 -15.19 -18.69
CA ASP A 295 54.35 -13.96 -18.12
C ASP A 295 53.25 -12.94 -17.84
N LYS A 296 52.12 -13.44 -17.33
CA LYS A 296 51.01 -12.57 -16.95
C LYS A 296 50.45 -13.00 -15.60
N GLU A 297 49.71 -12.10 -14.95
CA GLU A 297 49.14 -12.39 -13.64
C GLU A 297 47.63 -12.54 -13.70
N ARG A 298 47.09 -13.38 -12.82
CA ARG A 298 45.64 -13.59 -12.75
C ARG A 298 44.93 -12.35 -12.19
N ILE A 299 43.84 -11.95 -12.84
CA ILE A 299 43.13 -10.74 -12.46
C ILE A 299 41.68 -11.03 -12.10
N ASP A 300 41.07 -10.11 -11.34
CA ASP A 300 39.65 -10.18 -11.05
C ASP A 300 38.90 -9.31 -12.05
N TYR A 301 38.21 -9.95 -12.99
CA TYR A 301 37.54 -9.23 -14.08
C TYR A 301 36.20 -8.65 -13.68
N THR A 302 35.97 -8.48 -12.38
CA THR A 302 34.69 -7.96 -11.89
C THR A 302 34.87 -6.65 -11.12
N LYS A 303 36.11 -6.24 -10.90
CA LYS A 303 36.39 -5.03 -10.14
C LYS A 303 36.34 -3.79 -11.01
N ASP A 304 37.12 -3.80 -12.09
CA ASP A 304 37.21 -2.64 -12.99
C ASP A 304 36.08 -2.63 -14.02
N LEU A 305 34.85 -2.80 -13.55
CA LEU A 305 33.67 -2.77 -14.42
C LEU A 305 32.77 -1.60 -14.06
N SER A 306 32.91 -0.50 -14.81
CA SER A 306 32.12 0.70 -14.55
C SER A 306 31.08 0.94 -15.64
N ILE A 307 30.01 1.65 -15.28
CA ILE A 307 28.96 1.98 -16.23
C ILE A 307 29.41 3.04 -17.23
N ASP A 308 30.50 3.73 -16.87
CA ASP A 308 31.09 4.73 -17.76
C ASP A 308 32.30 4.15 -18.46
N GLY A 309 32.26 2.85 -18.71
CA GLY A 309 33.36 2.15 -19.35
C GLY A 309 33.44 2.42 -20.84
N LEU A 310 32.39 3.01 -21.39
CA LEU A 310 32.38 3.36 -22.81
C LEU A 310 32.76 4.81 -23.04
N LYS A 311 32.93 5.55 -21.95
CA LYS A 311 33.28 6.96 -22.02
C LYS A 311 34.70 7.16 -22.56
N GLY A 312 34.79 7.58 -23.81
CA GLY A 312 36.07 7.84 -24.44
C GLY A 312 36.54 6.73 -25.35
N LYS A 313 35.84 5.60 -25.32
CA LYS A 313 36.21 4.45 -26.13
C LYS A 313 35.86 4.67 -27.61
N LYS A 314 36.71 4.16 -28.49
CA LYS A 314 36.50 4.28 -29.93
C LYS A 314 36.09 2.94 -30.54
N ILE A 315 34.79 2.72 -30.67
CA ILE A 315 34.29 1.46 -31.20
C ILE A 315 34.02 1.54 -32.69
N GLY A 316 34.64 0.64 -33.45
CA GLY A 316 34.44 0.58 -34.88
C GLY A 316 33.31 -0.35 -35.26
N LEU A 317 32.31 0.18 -35.95
CA LEU A 317 31.14 -0.60 -36.34
C LEU A 317 31.43 -1.52 -37.51
N LEU A 318 30.95 -2.76 -37.43
CA LEU A 318 31.12 -3.73 -38.50
C LEU A 318 29.79 -3.97 -39.21
N PHE A 319 28.84 -3.07 -38.98
CA PHE A 319 27.53 -3.16 -39.62
C PHE A 319 27.03 -1.78 -40.03
N SER A 320 26.16 -1.75 -41.03
CA SER A 320 25.55 -0.50 -41.49
C SER A 320 24.04 -0.56 -41.34
N VAL A 321 23.48 0.46 -40.67
CA VAL A 321 22.05 0.51 -40.39
C VAL A 321 21.23 0.68 -41.67
N ASP A 322 21.72 1.51 -42.58
CA ASP A 322 21.01 1.82 -43.81
C ASP A 322 20.89 0.59 -44.72
N GLN A 323 21.92 -0.23 -44.76
CA GLN A 323 21.94 -1.40 -45.62
C GLN A 323 21.25 -2.58 -44.96
N GLN A 324 20.86 -2.41 -43.70
CA GLN A 324 20.20 -3.46 -42.95
C GLN A 324 18.75 -3.63 -43.40
N ASP A 325 18.22 -4.84 -43.24
CA ASP A 325 16.83 -5.11 -43.58
C ASP A 325 15.90 -4.36 -42.63
N GLU A 326 14.63 -4.24 -43.03
CA GLU A 326 13.63 -3.54 -42.21
C GLU A 326 13.39 -4.25 -40.88
N ASN A 327 13.74 -5.53 -40.83
CA ASN A 327 13.55 -6.34 -39.63
C ASN A 327 14.54 -5.99 -38.53
N ARG A 328 15.80 -5.81 -38.91
CA ARG A 328 16.85 -5.51 -37.93
C ARG A 328 17.23 -4.03 -37.92
N LYS A 329 16.53 -3.22 -38.71
CA LYS A 329 16.84 -1.80 -38.83
C LYS A 329 16.68 -1.06 -37.51
N ALA A 330 15.63 -1.41 -36.77
CA ALA A 330 15.34 -0.76 -35.50
C ALA A 330 16.34 -1.16 -34.42
N VAL A 331 16.75 -2.43 -34.44
CA VAL A 331 17.69 -2.95 -33.46
C VAL A 331 19.09 -2.38 -33.69
N ALA A 332 19.52 -2.37 -34.94
CA ALA A 332 20.84 -1.87 -35.30
C ALA A 332 20.97 -0.39 -34.99
N GLU A 333 19.88 0.36 -35.18
CA GLU A 333 19.88 1.79 -34.92
C GLU A 333 20.01 2.08 -33.43
N LYS A 334 19.40 1.22 -32.60
CA LYS A 334 19.45 1.39 -31.16
C LYS A 334 20.83 1.07 -30.61
N ILE A 335 21.55 0.19 -31.32
CA ILE A 335 22.91 -0.15 -30.95
C ILE A 335 23.82 1.07 -31.02
N ARG A 336 23.71 1.81 -32.12
CA ARG A 336 24.48 3.04 -32.30
C ARG A 336 24.12 4.07 -31.23
N LYS A 337 22.83 4.21 -30.98
CA LYS A 337 22.35 5.16 -29.98
C LYS A 337 22.89 4.86 -28.59
N ASP A 338 22.75 3.61 -28.16
CA ASP A 338 23.20 3.19 -26.85
C ASP A 338 24.72 3.35 -26.69
N LEU A 339 25.45 3.15 -27.77
CA LEU A 339 26.90 3.35 -27.76
C LEU A 339 27.23 4.83 -27.66
N GLN A 340 26.50 5.65 -28.40
CA GLN A 340 26.68 7.10 -28.35
C GLN A 340 26.18 7.68 -27.04
N ASP A 341 25.06 7.16 -26.56
CA ASP A 341 24.46 7.64 -25.32
C ASP A 341 25.35 7.35 -24.12
N ALA A 342 26.17 6.30 -24.24
CA ALA A 342 27.11 5.95 -23.19
C ALA A 342 28.37 6.81 -23.28
N GLY A 343 28.53 7.49 -24.41
CA GLY A 343 29.65 8.39 -24.60
C GLY A 343 30.83 7.77 -25.33
N ALA A 344 30.55 7.16 -26.47
CA ALA A 344 31.61 6.53 -27.26
C ALA A 344 31.70 7.11 -28.66
N ILE A 345 32.91 7.16 -29.21
CA ILE A 345 33.12 7.64 -30.56
C ILE A 345 33.02 6.50 -31.56
N LEU A 346 32.03 6.57 -32.44
CA LEU A 346 31.78 5.50 -33.40
C LEU A 346 32.46 5.77 -34.74
N THR A 347 33.01 4.71 -35.34
CA THR A 347 33.71 4.83 -36.63
C THR A 347 32.90 4.28 -37.80
N ASP A 348 32.27 5.20 -38.54
CA ASP A 348 31.55 4.93 -39.80
C ASP A 348 31.00 3.53 -39.98
N TYR A 349 31.38 2.88 -41.08
CA TYR A 349 30.99 1.51 -41.39
C TYR A 349 32.21 0.75 -41.90
N ILE A 350 32.86 0.02 -41.01
CA ILE A 350 34.07 -0.72 -41.33
C ILE A 350 33.72 -2.09 -41.91
N GLN A 351 34.10 -2.33 -43.15
CA GLN A 351 33.88 -3.62 -43.79
C GLN A 351 35.17 -4.43 -43.84
N LEU A 352 35.26 -5.43 -42.97
CA LEU A 352 36.44 -6.29 -42.89
C LEU A 352 36.57 -7.13 -44.16
N ASN A 353 37.81 -7.40 -44.55
CA ASN A 353 38.09 -8.19 -45.75
C ASN A 353 38.54 -9.60 -45.41
N ASN A 354 37.74 -10.58 -45.80
CA ASN A 354 38.06 -11.98 -45.55
C ASN A 354 38.83 -12.60 -46.70
N GLY A 355 40.10 -12.23 -46.82
CA GLY A 355 40.95 -12.74 -47.89
C GLY A 355 42.12 -13.54 -47.38
N GLY A 356 42.30 -14.74 -47.93
CA GLY A 356 43.41 -15.59 -47.57
C GLY A 356 43.27 -16.23 -46.19
N VAL A 357 42.13 -15.98 -45.55
CA VAL A 357 41.86 -16.54 -44.23
C VAL A 357 40.99 -17.79 -44.35
N ASP A 358 41.63 -18.95 -44.33
CA ASP A 358 40.93 -20.22 -44.51
C ASP A 358 40.37 -20.74 -43.18
N ASN A 359 39.28 -21.49 -43.26
CA ASN A 359 38.65 -22.06 -42.08
C ASN A 359 38.34 -23.54 -42.27
N LEU A 360 37.80 -23.89 -43.43
CA LEU A 360 37.35 -25.25 -43.71
C LEU A 360 38.49 -26.25 -43.82
N GLN A 361 39.50 -25.92 -44.62
CA GLN A 361 40.65 -26.81 -44.81
C GLN A 361 41.41 -27.02 -43.51
N THR A 362 41.42 -25.99 -42.67
CA THR A 362 42.04 -26.07 -41.36
C THR A 362 41.32 -27.12 -40.50
N LEU A 363 40.00 -27.22 -40.70
CA LEU A 363 39.18 -28.16 -39.97
C LEU A 363 39.26 -29.58 -40.54
N GLU A 364 39.24 -29.66 -41.87
CA GLU A 364 39.20 -30.95 -42.56
C GLU A 364 40.40 -31.83 -42.23
N TYR A 365 41.58 -31.22 -42.13
CA TYR A 365 42.79 -31.97 -41.84
C TYR A 365 42.94 -32.25 -40.35
N GLU A 366 42.69 -31.23 -39.53
CA GLU A 366 43.03 -31.29 -38.12
C GLU A 366 42.04 -32.09 -37.28
N PHE A 367 40.80 -32.18 -37.73
CA PHE A 367 39.76 -32.89 -36.99
C PHE A 367 40.10 -34.37 -36.80
N LYS A 368 40.48 -35.03 -37.89
CA LYS A 368 40.85 -36.43 -37.85
C LYS A 368 42.01 -36.69 -36.91
N HIS A 369 43.01 -35.81 -36.96
CA HIS A 369 44.22 -35.97 -36.15
C HIS A 369 43.98 -35.66 -34.68
N ASN A 370 43.25 -34.59 -34.40
CA ASN A 370 42.94 -34.21 -33.02
C ASN A 370 42.10 -35.27 -32.31
N VAL A 371 41.10 -35.78 -33.02
CA VAL A 371 40.21 -36.79 -32.46
C VAL A 371 40.94 -38.10 -32.19
N ASN A 372 41.70 -38.57 -33.16
CA ASN A 372 42.45 -39.81 -33.01
C ASN A 372 43.49 -39.72 -31.89
N ASP A 373 44.15 -38.57 -31.79
CA ASP A 373 45.12 -38.35 -30.73
C ASP A 373 44.44 -38.22 -29.37
N TYR A 374 43.21 -37.73 -29.38
CA TYR A 374 42.43 -37.59 -28.16
C TYR A 374 42.04 -38.96 -27.60
N PHE A 375 41.53 -39.81 -28.47
CA PHE A 375 41.07 -41.14 -28.08
C PHE A 375 42.22 -42.05 -27.67
N SER A 376 43.42 -41.76 -28.18
CA SER A 376 44.59 -42.56 -27.88
C SER A 376 45.03 -42.38 -26.43
N GLN A 377 44.69 -41.23 -25.86
CA GLN A 377 45.07 -40.91 -24.48
C GLN A 377 44.10 -41.51 -23.47
N GLN A 378 42.86 -41.70 -23.89
CA GLN A 378 41.83 -42.21 -23.00
C GLN A 378 42.02 -43.69 -22.71
N LYS A 379 41.54 -44.15 -21.56
CA LYS A 379 41.76 -45.51 -21.10
C LYS A 379 40.68 -46.48 -21.58
N ASN A 380 39.43 -46.19 -21.24
CA ASN A 380 38.33 -47.09 -21.56
C ASN A 380 37.29 -46.47 -22.49
N VAL A 381 37.77 -45.84 -23.56
CA VAL A 381 36.89 -45.21 -24.55
C VAL A 381 36.42 -46.25 -25.56
N PRO A 382 35.10 -46.27 -25.86
CA PRO A 382 34.53 -47.26 -26.78
C PRO A 382 34.97 -47.10 -28.24
N VAL A 383 35.78 -46.06 -28.52
CA VAL A 383 36.27 -45.81 -29.86
C VAL A 383 37.67 -45.21 -29.83
N LYS A 384 38.57 -45.70 -30.67
CA LYS A 384 39.94 -45.21 -30.69
C LYS A 384 40.34 -44.55 -32.01
N SER A 385 39.37 -44.35 -32.90
CA SER A 385 39.65 -43.68 -34.17
C SER A 385 38.38 -43.16 -34.83
N LEU A 386 38.54 -42.19 -35.72
CA LEU A 386 37.43 -41.61 -36.46
C LEU A 386 36.84 -42.64 -37.43
N LYS A 387 37.68 -43.58 -37.86
CA LYS A 387 37.24 -44.64 -38.76
C LYS A 387 36.20 -45.54 -38.10
N GLU A 388 36.39 -45.83 -36.82
CA GLU A 388 35.47 -46.70 -36.10
C GLU A 388 34.13 -46.02 -35.84
N ILE A 389 34.16 -44.70 -35.67
CA ILE A 389 32.95 -43.92 -35.50
C ILE A 389 32.06 -44.00 -36.73
N ILE A 390 32.67 -43.78 -37.89
CA ILE A 390 31.97 -43.84 -39.17
C ILE A 390 31.31 -45.19 -39.38
N ALA A 391 32.01 -46.26 -39.03
CA ALA A 391 31.48 -47.61 -39.14
C ALA A 391 30.37 -47.84 -38.12
N PHE A 392 30.50 -47.21 -36.95
CA PHE A 392 29.53 -47.35 -35.88
C PHE A 392 28.20 -46.69 -36.25
N ASN A 393 28.27 -45.49 -36.82
CA ASN A 393 27.09 -44.75 -37.21
C ASN A 393 26.30 -45.43 -38.33
N LYS A 394 27.01 -46.11 -39.21
CA LYS A 394 26.40 -46.78 -40.35
C LYS A 394 25.44 -47.90 -39.94
N ARG A 395 25.69 -48.49 -38.78
CA ARG A 395 24.92 -49.66 -38.33
C ARG A 395 23.51 -49.29 -37.88
N ASP A 396 23.27 -48.00 -37.66
CA ASP A 396 21.95 -47.50 -37.33
C ASP A 396 21.83 -46.04 -37.72
N SER A 397 21.76 -45.80 -39.04
CA SER A 397 21.83 -44.46 -39.61
C SER A 397 20.73 -43.53 -39.12
N ASN A 398 19.48 -44.00 -39.15
CA ASN A 398 18.33 -43.18 -38.81
C ASN A 398 18.40 -42.60 -37.39
N ARG A 399 19.10 -43.30 -36.51
CA ARG A 399 19.23 -42.87 -35.12
C ARG A 399 20.53 -42.11 -34.89
N ARG A 400 21.64 -42.70 -35.34
CA ARG A 400 22.97 -42.19 -35.00
C ARG A 400 23.44 -41.05 -35.90
N ILE A 401 22.99 -41.06 -37.16
CA ILE A 401 23.33 -39.99 -38.09
C ILE A 401 22.14 -39.63 -38.97
N LYS A 402 21.09 -39.10 -38.34
CA LYS A 402 19.85 -38.73 -39.03
C LYS A 402 20.11 -37.80 -40.20
N TYR A 403 21.09 -36.91 -40.06
CA TYR A 403 21.40 -35.96 -41.11
C TYR A 403 22.74 -36.29 -41.78
N GLY A 404 23.22 -37.51 -41.57
CA GLY A 404 24.43 -37.97 -42.22
C GLY A 404 25.70 -37.65 -41.48
N GLN A 405 26.83 -37.95 -42.09
CA GLN A 405 28.15 -37.71 -41.49
C GLN A 405 29.19 -37.38 -42.56
N THR A 406 28.80 -36.55 -43.51
CA THR A 406 29.65 -36.21 -44.65
C THR A 406 30.94 -35.52 -44.24
N LEU A 407 30.86 -34.67 -43.23
CA LEU A 407 32.02 -33.87 -42.80
C LEU A 407 33.13 -34.71 -42.17
N ILE A 408 32.75 -35.63 -41.28
CA ILE A 408 33.75 -36.47 -40.62
C ILE A 408 34.25 -37.55 -41.57
N GLU A 409 33.47 -37.84 -42.61
CA GLU A 409 33.89 -38.76 -43.65
C GLU A 409 34.93 -38.09 -44.54
N ALA A 410 34.74 -36.80 -44.80
CA ALA A 410 35.67 -36.04 -45.62
C ALA A 410 37.00 -35.83 -44.90
N SER A 411 36.93 -35.68 -43.58
CA SER A 411 38.13 -35.48 -42.77
C SER A 411 38.97 -36.75 -42.69
N GLU A 412 38.28 -37.90 -42.72
CA GLU A 412 38.95 -39.19 -42.65
C GLU A 412 39.76 -39.49 -43.92
N LYS A 413 39.14 -39.21 -45.07
CA LYS A 413 39.77 -39.49 -46.36
C LYS A 413 40.43 -38.25 -46.95
N SER A 414 40.83 -37.31 -46.08
CA SER A 414 41.44 -36.07 -46.52
C SER A 414 42.78 -36.29 -47.20
N THR A 415 42.99 -35.61 -48.31
CA THR A 415 44.22 -35.76 -49.10
C THR A 415 45.28 -34.75 -48.66
N ILE A 416 44.84 -33.75 -47.90
CA ILE A 416 45.72 -32.68 -47.44
C ILE A 416 46.86 -33.21 -46.58
N THR A 417 48.07 -32.73 -46.87
CA THR A 417 49.25 -33.11 -46.08
C THR A 417 49.52 -32.09 -44.97
N LYS A 418 50.43 -32.43 -44.06
CA LYS A 418 50.73 -31.56 -42.93
C LYS A 418 51.41 -30.27 -43.39
N ASP A 419 52.18 -30.36 -44.47
CA ASP A 419 52.85 -29.20 -45.04
C ASP A 419 51.83 -28.20 -45.57
N GLU A 420 50.80 -28.70 -46.24
CA GLU A 420 49.75 -27.86 -46.79
C GLU A 420 48.92 -27.24 -45.66
N PHE A 421 48.82 -27.95 -44.54
CA PHE A 421 48.04 -27.48 -43.42
C PHE A 421 48.73 -26.34 -42.65
N GLU A 422 49.94 -26.60 -42.20
CA GLU A 422 50.69 -25.64 -41.39
C GLU A 422 51.01 -24.36 -42.17
N LYS A 423 51.01 -24.45 -43.49
CA LYS A 423 51.26 -23.30 -44.34
C LYS A 423 50.02 -22.42 -44.43
N VAL A 424 48.85 -23.06 -44.53
CA VAL A 424 47.58 -22.36 -44.60
C VAL A 424 47.28 -21.65 -43.28
N VAL A 425 47.53 -22.34 -42.17
CA VAL A 425 47.33 -21.76 -40.85
C VAL A 425 48.23 -20.55 -40.65
N GLN A 426 49.46 -20.63 -41.13
CA GLN A 426 50.42 -19.54 -41.03
C GLN A 426 49.94 -18.29 -41.76
N THR A 427 49.55 -18.45 -43.02
CA THR A 427 49.10 -17.33 -43.84
C THR A 427 47.79 -16.75 -43.33
N SER A 428 46.93 -17.61 -42.78
CA SER A 428 45.63 -17.18 -42.28
C SER A 428 45.75 -16.30 -41.04
N GLN A 429 46.62 -16.70 -40.11
CA GLN A 429 46.82 -15.95 -38.88
C GLN A 429 47.42 -14.57 -39.14
N GLU A 430 48.39 -14.52 -40.04
CA GLU A 430 49.06 -13.26 -40.36
C GLU A 430 48.13 -12.29 -41.10
N ASN A 431 47.19 -12.83 -41.85
CA ASN A 431 46.22 -12.00 -42.57
C ASN A 431 45.17 -11.41 -41.63
N ALA A 432 44.58 -12.26 -40.80
CA ALA A 432 43.54 -11.84 -39.88
C ALA A 432 44.06 -10.89 -38.81
N LYS A 433 45.25 -11.17 -38.30
CA LYS A 433 45.86 -10.35 -37.26
C LYS A 433 46.20 -8.97 -37.79
N LYS A 434 46.65 -8.90 -39.04
CA LYS A 434 46.98 -7.63 -39.68
C LYS A 434 45.71 -6.86 -40.02
N GLU A 435 44.67 -7.59 -40.44
CA GLU A 435 43.40 -6.97 -40.79
C GLU A 435 42.74 -6.34 -39.57
N LEU A 436 42.84 -7.02 -38.43
CA LEU A 436 42.26 -6.53 -37.18
C LEU A 436 43.05 -5.34 -36.64
N ASN A 437 44.37 -5.50 -36.57
CA ASN A 437 45.24 -4.43 -36.06
C ASN A 437 45.21 -3.18 -36.93
N LYS A 438 44.77 -3.34 -38.17
CA LYS A 438 44.63 -2.21 -39.09
C LYS A 438 43.65 -1.18 -38.54
N TYR A 439 42.65 -1.66 -37.81
CA TYR A 439 41.65 -0.78 -37.21
C TYR A 439 41.85 -0.65 -35.71
N LEU A 440 42.16 -1.75 -35.05
CA LEU A 440 42.30 -1.77 -33.60
C LEU A 440 43.55 -1.02 -33.11
N VAL A 441 44.72 -1.46 -33.55
CA VAL A 441 45.97 -0.88 -33.09
C VAL A 441 46.38 0.34 -33.92
N GLU A 442 46.34 0.19 -35.24
CA GLU A 442 46.79 1.25 -36.15
C GLU A 442 45.94 2.51 -36.04
N LYS A 443 44.62 2.35 -36.10
CA LYS A 443 43.72 3.50 -36.07
C LYS A 443 43.21 3.79 -34.66
N GLY A 444 43.79 3.11 -33.68
CA GLY A 444 43.54 3.40 -32.28
C GLY A 444 42.15 3.07 -31.77
N LEU A 445 41.46 2.15 -32.45
CA LEU A 445 40.13 1.73 -32.02
C LEU A 445 40.24 0.74 -30.85
N ASP A 446 39.43 0.95 -29.82
CA ASP A 446 39.47 0.11 -28.64
C ASP A 446 38.80 -1.23 -28.87
N ALA A 447 37.73 -1.25 -29.67
CA ALA A 447 37.00 -2.47 -29.93
C ALA A 447 36.16 -2.38 -31.21
N LEU A 448 35.74 -3.53 -31.72
CA LEU A 448 34.89 -3.60 -32.90
C LEU A 448 33.60 -4.34 -32.58
N VAL A 449 32.46 -3.76 -32.93
CA VAL A 449 31.17 -4.37 -32.65
C VAL A 449 30.51 -4.88 -33.93
N MSE A 450 29.84 -6.03 -33.82
CA MSE A 450 29.17 -6.64 -34.97
C MSE A 450 27.75 -7.08 -34.60
O MSE A 450 27.41 -7.15 -33.41
CB MSE A 450 29.97 -7.85 -35.47
CG MSE A 450 29.62 -9.15 -34.78
SE MSE A 450 30.80 -10.63 -35.24
CE MSE A 450 32.28 -10.18 -34.08
N ILE A 451 26.95 -7.38 -35.61
CA ILE A 451 25.62 -7.95 -35.39
C ILE A 451 25.68 -9.46 -35.54
N ASN A 452 25.30 -10.18 -34.49
CA ASN A 452 25.34 -11.64 -34.47
C ASN A 452 26.74 -12.18 -34.79
N ASN A 453 26.81 -13.11 -35.73
CA ASN A 453 28.08 -13.76 -36.05
C ASN A 453 28.55 -13.50 -37.49
N GLU A 454 28.36 -12.27 -37.95
CA GLU A 454 28.68 -11.92 -39.33
C GLU A 454 30.18 -11.82 -39.59
N GLU A 455 30.94 -11.42 -38.57
CA GLU A 455 32.38 -11.25 -38.71
C GLU A 455 33.15 -11.95 -37.59
N VAL A 456 33.18 -13.27 -37.62
CA VAL A 456 33.85 -14.05 -36.59
C VAL A 456 35.10 -14.74 -37.13
N LEU A 457 35.13 -14.96 -38.43
CA LEU A 457 36.22 -15.68 -39.09
C LEU A 457 37.60 -15.11 -38.77
N LEU A 458 37.73 -13.79 -38.81
CA LEU A 458 39.01 -13.14 -38.62
C LEU A 458 39.46 -13.16 -37.16
N SER A 459 38.56 -12.80 -36.26
CA SER A 459 38.89 -12.70 -34.84
C SER A 459 39.18 -14.07 -34.21
N ALA A 460 38.59 -15.12 -34.77
CA ALA A 460 38.79 -16.47 -34.26
C ALA A 460 40.16 -17.01 -34.65
N VAL A 461 40.55 -16.79 -35.90
CA VAL A 461 41.84 -17.25 -36.40
C VAL A 461 42.98 -16.46 -35.77
N ALA A 462 42.80 -15.14 -35.67
CA ALA A 462 43.82 -14.26 -35.12
C ALA A 462 43.98 -14.46 -33.61
N GLY A 463 42.98 -15.07 -32.98
CA GLY A 463 43.03 -15.36 -31.56
C GLY A 463 42.56 -14.21 -30.69
N TYR A 464 41.96 -13.21 -31.32
CA TYR A 464 41.44 -12.06 -30.60
C TYR A 464 40.15 -12.39 -29.87
N PRO A 465 39.94 -11.80 -28.68
CA PRO A 465 38.77 -12.09 -27.85
C PRO A 465 37.46 -11.55 -28.43
N GLU A 466 36.37 -12.23 -28.14
CA GLU A 466 35.05 -11.82 -28.60
C GLU A 466 34.05 -11.81 -27.46
N LEU A 467 33.21 -10.78 -27.39
CA LEU A 467 32.22 -10.68 -26.33
C LEU A 467 30.83 -10.37 -26.88
N ALA A 468 29.90 -11.30 -26.68
CA ALA A 468 28.52 -11.13 -27.15
C ALA A 468 27.63 -10.54 -26.07
N VAL A 469 26.90 -9.48 -26.42
CA VAL A 469 26.00 -8.82 -25.51
C VAL A 469 24.63 -8.62 -26.17
N PRO A 470 23.54 -9.00 -25.47
CA PRO A 470 22.18 -8.85 -25.98
C PRO A 470 21.87 -7.45 -26.49
N ALA A 471 21.58 -7.34 -27.79
CA ALA A 471 21.36 -6.05 -28.43
C ALA A 471 19.87 -5.76 -28.63
N GLY A 472 19.02 -6.73 -28.33
CA GLY A 472 17.59 -6.55 -28.45
C GLY A 472 16.88 -7.62 -29.25
N TYR A 473 15.73 -7.27 -29.81
CA TYR A 473 14.92 -8.21 -30.56
C TYR A 473 14.31 -7.53 -31.79
N ASP A 474 14.32 -8.22 -32.92
CA ASP A 474 13.80 -7.67 -34.16
C ASP A 474 12.27 -7.57 -34.14
N ASN A 475 11.68 -7.24 -35.29
CA ASN A 475 10.24 -7.06 -35.38
C ASN A 475 9.46 -8.35 -35.17
N ASN A 476 10.13 -9.49 -35.37
CA ASN A 476 9.48 -10.78 -35.18
C ASN A 476 9.74 -11.36 -33.79
N GLY A 477 10.61 -10.70 -33.03
CA GLY A 477 10.91 -11.13 -31.68
C GLY A 477 12.12 -12.02 -31.60
N GLU A 478 12.77 -12.26 -32.75
CA GLU A 478 13.97 -13.07 -32.79
C GLU A 478 15.14 -12.30 -32.21
N PRO A 479 15.83 -12.91 -31.22
CA PRO A 479 16.95 -12.28 -30.51
C PRO A 479 18.11 -11.86 -31.43
N VAL A 480 18.61 -10.65 -31.20
CA VAL A 480 19.77 -10.16 -31.93
C VAL A 480 20.80 -9.63 -30.94
N GLY A 481 22.03 -10.14 -31.04
CA GLY A 481 23.08 -9.74 -30.13
C GLY A 481 24.15 -8.88 -30.77
N ALA A 482 24.87 -8.14 -29.95
CA ALA A 482 26.00 -7.34 -30.41
C ALA A 482 27.31 -7.94 -29.90
N VAL A 483 28.10 -8.49 -30.81
CA VAL A 483 29.36 -9.13 -30.43
C VAL A 483 30.54 -8.20 -30.61
N PHE A 484 31.29 -7.99 -29.53
CA PHE A 484 32.42 -7.07 -29.54
C PHE A 484 33.75 -7.79 -29.76
N VAL A 485 34.58 -7.24 -30.65
CA VAL A 485 35.92 -7.77 -30.87
C VAL A 485 36.95 -6.90 -30.14
N GLY A 486 37.64 -7.50 -29.18
CA GLY A 486 38.65 -6.79 -28.43
C GLY A 486 40.05 -7.06 -28.95
N LYS A 487 41.03 -6.35 -28.41
CA LYS A 487 42.42 -6.55 -28.81
C LYS A 487 43.03 -7.73 -28.08
N GLN A 488 44.15 -8.22 -28.59
CA GLN A 488 44.81 -9.43 -28.06
C GLN A 488 45.07 -9.36 -26.56
N PHE A 489 44.66 -10.42 -25.86
CA PHE A 489 44.82 -10.52 -24.41
C PHE A 489 44.13 -9.37 -23.68
N GLY A 490 43.09 -8.82 -24.29
CA GLY A 490 42.40 -7.67 -23.73
C GLY A 490 41.00 -7.99 -23.24
N GLU A 491 40.87 -9.10 -22.51
CA GLU A 491 39.59 -9.49 -21.92
C GLU A 491 39.14 -8.49 -20.86
N LYS A 492 40.12 -7.87 -20.21
CA LYS A 492 39.84 -6.88 -19.16
C LYS A 492 39.13 -5.67 -19.73
N GLU A 493 39.56 -5.23 -20.90
CA GLU A 493 38.97 -4.07 -21.54
C GLU A 493 37.64 -4.42 -22.21
N LEU A 494 37.54 -5.65 -22.70
CA LEU A 494 36.32 -6.11 -23.34
C LEU A 494 35.14 -6.16 -22.36
N PHE A 495 35.37 -6.75 -21.20
CA PHE A 495 34.34 -6.82 -20.17
C PHE A 495 33.90 -5.44 -19.72
N ASN A 496 34.87 -4.54 -19.58
CA ASN A 496 34.58 -3.17 -19.18
C ASN A 496 33.74 -2.45 -20.24
N ILE A 497 34.08 -2.68 -21.51
CA ILE A 497 33.32 -2.14 -22.62
C ILE A 497 31.94 -2.79 -22.71
N GLY A 498 31.92 -4.12 -22.58
CA GLY A 498 30.69 -4.87 -22.65
C GLY A 498 29.72 -4.56 -21.52
N TYR A 499 30.26 -4.38 -20.32
CA TYR A 499 29.44 -4.06 -19.15
C TYR A 499 28.80 -2.69 -19.29
N ALA A 500 29.54 -1.74 -19.84
CA ALA A 500 29.03 -0.38 -20.01
C ALA A 500 27.93 -0.32 -21.06
N TYR A 501 28.08 -1.10 -22.13
CA TYR A 501 27.07 -1.17 -23.17
C TYR A 501 25.83 -1.90 -22.66
N GLU A 502 26.04 -2.90 -21.81
CA GLU A 502 24.94 -3.69 -21.27
C GLU A 502 24.05 -2.88 -20.36
N GLN A 503 24.65 -2.13 -19.44
CA GLN A 503 23.90 -1.36 -18.45
C GLN A 503 23.26 -0.12 -19.06
N GLN A 504 23.91 0.46 -20.06
CA GLN A 504 23.41 1.66 -20.72
C GLN A 504 22.50 1.31 -21.89
N SER A 505 21.80 0.18 -21.78
CA SER A 505 20.88 -0.26 -22.83
C SER A 505 19.82 -1.20 -22.25
N LYS A 506 20.27 -2.25 -21.58
CA LYS A 506 19.39 -3.25 -20.96
C LYS A 506 18.37 -3.81 -21.96
N ASN A 507 18.86 -4.53 -22.96
CA ASN A 507 18.01 -5.07 -24.01
C ASN A 507 17.43 -6.44 -23.67
N ARG A 508 18.13 -7.17 -22.80
CA ARG A 508 17.75 -8.54 -22.50
C ARG A 508 16.45 -8.64 -21.71
N LYS A 509 15.49 -9.38 -22.25
CA LYS A 509 14.26 -9.69 -21.54
C LYS A 509 14.15 -11.19 -21.31
N PRO A 510 13.75 -11.59 -20.09
CA PRO A 510 13.54 -13.01 -19.77
C PRO A 510 12.51 -13.66 -20.68
N PRO A 511 12.83 -14.83 -21.24
CA PRO A 511 11.95 -15.53 -22.19
C PRO A 511 10.70 -16.10 -21.54
N LYS A 512 9.58 -16.03 -22.25
CA LYS A 512 8.34 -16.62 -21.78
C LYS A 512 8.33 -18.13 -22.05
N LEU A 513 8.59 -18.91 -21.01
CA LEU A 513 8.60 -20.36 -21.13
C LEU A 513 7.18 -20.92 -21.07
N PRO B 9 -22.22 25.40 -11.11
CA PRO B 9 -21.16 25.65 -10.11
C PRO B 9 -20.94 27.14 -9.88
N LYS B 10 -20.77 27.52 -8.62
CA LYS B 10 -20.52 28.91 -8.28
C LYS B 10 -19.12 29.34 -8.70
N GLU B 11 -18.85 30.64 -8.59
CA GLU B 11 -17.56 31.20 -9.00
C GLU B 11 -16.48 30.97 -7.94
N PRO B 12 -15.23 30.79 -8.38
CA PRO B 12 -14.10 30.68 -7.46
C PRO B 12 -13.69 32.04 -6.91
N GLU B 13 -13.46 32.11 -5.60
CA GLU B 13 -13.02 33.35 -4.97
C GLU B 13 -11.66 33.15 -4.33
N ARG B 14 -10.98 34.26 -4.03
CA ARG B 14 -9.68 34.17 -3.36
C ARG B 14 -9.85 33.80 -1.89
N ILE B 15 -10.11 32.51 -1.66
CA ILE B 15 -10.31 31.99 -0.31
C ILE B 15 -9.15 31.08 0.08
N VAL B 16 -8.47 31.43 1.17
CA VAL B 16 -7.33 30.65 1.64
C VAL B 16 -7.47 30.30 3.13
N TYR B 17 -7.52 29.01 3.42
CA TYR B 17 -7.64 28.53 4.79
C TYR B 17 -6.31 28.03 5.34
N ASP B 18 -6.04 28.35 6.60
CA ASP B 18 -4.89 27.80 7.33
C ASP B 18 -3.58 27.91 6.56
N LYS B 19 -3.08 29.13 6.43
CA LYS B 19 -1.91 29.39 5.60
C LYS B 19 -0.61 28.96 6.31
N GLU B 20 -0.62 28.96 7.64
CA GLU B 20 0.56 28.59 8.40
C GLU B 20 0.81 27.09 8.37
N ARG B 21 -0.14 26.34 7.83
CA ARG B 21 0.00 24.90 7.64
C ARG B 21 1.12 24.61 6.65
N VAL B 22 1.30 25.52 5.69
CA VAL B 22 2.30 25.36 4.65
C VAL B 22 3.54 26.21 4.91
N LEU B 23 3.33 27.44 5.35
CA LEU B 23 4.42 28.39 5.54
C LEU B 23 5.39 28.00 6.66
N GLN B 24 4.84 27.64 7.82
CA GLN B 24 5.67 27.30 8.98
C GLN B 24 6.62 26.11 8.76
N PRO B 25 6.15 25.02 8.11
CA PRO B 25 7.13 23.96 7.85
C PRO B 25 8.23 24.41 6.88
N ILE B 26 7.89 25.30 5.95
CA ILE B 26 8.87 25.84 5.02
C ILE B 26 9.83 26.78 5.74
N HIS B 27 9.28 27.63 6.61
CA HIS B 27 10.08 28.59 7.36
C HIS B 27 11.09 27.90 8.28
N ASN B 28 10.68 26.77 8.86
CA ASN B 28 11.55 26.01 9.75
C ASN B 28 12.68 25.34 9.00
N GLN B 29 12.44 25.01 7.73
CA GLN B 29 13.42 24.31 6.91
C GLN B 29 14.32 25.26 6.14
N LEU B 30 14.02 26.56 6.19
CA LEU B 30 14.79 27.54 5.44
C LEU B 30 15.46 28.58 6.33
N LYS B 31 15.74 28.21 7.58
CA LYS B 31 16.51 29.07 8.46
C LYS B 31 17.99 28.93 8.16
N GLY B 32 18.40 27.72 7.80
CA GLY B 32 19.79 27.45 7.45
C GLY B 32 19.99 27.37 5.95
N ILE B 33 19.60 28.42 5.25
CA ILE B 33 19.74 28.47 3.80
C ILE B 33 20.09 29.89 3.36
N ASN B 34 20.70 30.00 2.18
CA ASN B 34 21.08 31.30 1.63
C ASN B 34 20.24 31.65 0.41
N ILE B 35 19.52 32.77 0.50
CA ILE B 35 18.63 33.21 -0.56
C ILE B 35 19.38 33.46 -1.88
N GLU B 36 20.62 33.95 -1.75
CA GLU B 36 21.45 34.25 -2.91
C GLU B 36 21.62 33.06 -3.84
N ASN B 37 22.02 31.92 -3.27
CA ASN B 37 22.21 30.71 -4.05
C ASN B 37 20.88 30.16 -4.59
N VAL B 38 19.81 30.40 -3.85
CA VAL B 38 18.48 29.92 -4.23
C VAL B 38 17.99 30.57 -5.53
N LYS B 39 18.00 31.90 -5.56
CA LYS B 39 17.50 32.65 -6.71
C LYS B 39 18.31 32.40 -7.97
N ILE B 40 19.60 32.14 -7.81
CA ILE B 40 20.48 31.87 -8.95
C ILE B 40 20.13 30.55 -9.62
N LYS B 41 20.07 29.48 -8.82
CA LYS B 41 19.75 28.16 -9.33
C LYS B 41 18.29 28.05 -9.76
N GLU B 42 17.45 28.93 -9.22
CA GLU B 42 16.03 28.94 -9.56
C GLU B 42 15.81 29.26 -11.02
N LYS B 43 16.63 30.18 -11.56
CA LYS B 43 16.53 30.59 -12.95
C LYS B 43 16.89 29.45 -13.90
N GLU B 44 17.51 28.40 -13.36
CA GLU B 44 17.91 27.25 -14.15
C GLU B 44 16.97 26.07 -13.93
N VAL B 45 16.34 26.03 -12.75
CA VAL B 45 15.47 24.93 -12.37
C VAL B 45 14.07 25.06 -13.00
N VAL B 46 13.55 26.27 -13.04
CA VAL B 46 12.22 26.53 -13.59
C VAL B 46 12.11 26.06 -15.04
N ASN B 47 11.03 25.32 -15.32
CA ASN B 47 10.71 24.82 -16.66
C ASN B 47 11.72 23.78 -17.17
N ALA B 48 12.56 23.28 -16.27
CA ALA B 48 13.49 22.21 -16.62
C ALA B 48 12.81 20.85 -16.48
N THR B 49 13.35 19.84 -17.17
CA THR B 49 12.79 18.50 -17.11
C THR B 49 13.57 17.64 -16.12
N VAL B 50 13.11 16.40 -15.95
CA VAL B 50 13.77 15.46 -15.04
C VAL B 50 15.20 15.15 -15.48
N ASP B 51 15.35 14.80 -16.75
CA ASP B 51 16.65 14.43 -17.30
C ASP B 51 17.64 15.60 -17.24
N GLU B 52 17.12 16.82 -17.38
CA GLU B 52 17.95 18.01 -17.34
C GLU B 52 18.39 18.35 -15.92
N LEU B 53 17.51 18.08 -14.96
CA LEU B 53 17.83 18.32 -13.55
C LEU B 53 18.90 17.34 -13.06
N GLN B 54 18.92 16.15 -13.65
CA GLN B 54 19.92 15.15 -13.29
C GLN B 54 21.29 15.53 -13.82
N LYS B 55 21.31 16.34 -14.88
CA LYS B 55 22.56 16.82 -15.46
C LYS B 55 23.18 17.90 -14.58
N MSE B 56 22.34 18.80 -14.09
CA MSE B 56 22.78 19.94 -13.30
C MSE B 56 23.44 19.52 -11.99
O MSE B 56 24.30 20.22 -11.47
CB MSE B 56 21.61 20.87 -13.01
CG MSE B 56 20.97 21.50 -14.24
SE MSE B 56 19.54 22.72 -13.78
CE MSE B 56 20.48 23.77 -12.43
N ILE B 57 23.03 18.37 -11.46
CA ILE B 57 23.61 17.84 -10.23
C ILE B 57 24.82 16.95 -10.54
N ASP B 58 24.93 16.53 -11.80
CA ASP B 58 26.07 15.76 -12.25
C ASP B 58 27.16 16.67 -12.79
N ASP B 59 26.76 17.68 -13.56
CA ASP B 59 27.72 18.60 -14.17
C ASP B 59 28.34 19.53 -13.13
N GLY B 60 27.67 19.70 -11.99
CA GLY B 60 28.26 20.46 -10.90
C GLY B 60 27.32 21.30 -10.05
N LYS B 61 26.90 22.44 -10.58
CA LYS B 61 26.26 23.48 -9.78
C LYS B 61 24.80 23.22 -9.41
N LEU B 62 24.54 22.07 -8.78
CA LEU B 62 23.22 21.79 -8.22
C LEU B 62 23.25 20.54 -7.34
N SER B 63 22.35 20.49 -6.36
CA SER B 63 22.16 19.31 -5.53
C SER B 63 20.68 19.11 -5.24
N TYR B 64 20.34 18.00 -4.60
CA TYR B 64 18.95 17.72 -4.24
C TYR B 64 18.45 18.67 -3.16
N GLU B 65 19.34 19.03 -2.23
CA GLU B 65 19.00 19.97 -1.18
C GLU B 65 18.70 21.35 -1.76
N GLU B 66 19.49 21.78 -2.73
CA GLU B 66 19.27 23.05 -3.39
C GLU B 66 17.97 23.04 -4.17
N LEU B 67 17.69 21.91 -4.83
CA LEU B 67 16.48 21.75 -5.63
C LEU B 67 15.23 21.84 -4.78
N THR B 68 15.24 21.13 -3.65
CA THR B 68 14.09 21.11 -2.74
C THR B 68 13.90 22.49 -2.10
N SER B 69 15.01 23.16 -1.81
CA SER B 69 14.97 24.49 -1.19
C SER B 69 14.31 25.51 -2.10
N ILE B 70 14.56 25.40 -3.40
CA ILE B 70 13.98 26.32 -4.38
C ILE B 70 12.45 26.17 -4.43
N TYR B 71 11.99 24.94 -4.51
CA TYR B 71 10.56 24.66 -4.59
C TYR B 71 9.81 25.16 -3.35
N LEU B 72 10.37 24.89 -2.18
CA LEU B 72 9.80 25.37 -0.93
C LEU B 72 9.75 26.89 -0.90
N PHE B 73 10.77 27.52 -1.49
CA PHE B 73 10.85 28.97 -1.56
C PHE B 73 9.82 29.52 -2.53
N ARG B 74 9.58 28.79 -3.61
CA ARG B 74 8.60 29.21 -4.61
C ARG B 74 7.18 29.06 -4.08
N ILE B 75 6.92 27.96 -3.37
CA ILE B 75 5.62 27.74 -2.76
C ILE B 75 5.31 28.83 -1.73
N GLN B 76 6.31 29.17 -0.93
CA GLN B 76 6.17 30.22 0.07
C GLN B 76 5.90 31.58 -0.57
N GLU B 77 6.53 31.82 -1.73
CA GLU B 77 6.50 33.13 -2.34
C GLU B 77 5.42 33.28 -3.42
N HIS B 78 4.88 32.16 -3.90
CA HIS B 78 3.91 32.22 -4.99
C HIS B 78 2.60 31.49 -4.69
N ASP B 79 2.67 30.42 -3.91
CA ASP B 79 1.48 29.62 -3.63
C ASP B 79 0.69 30.15 -2.45
N GLN B 80 1.41 30.52 -1.38
CA GLN B 80 0.77 31.04 -0.18
C GLN B 80 1.00 32.54 -0.04
N ASN B 81 1.81 33.10 -0.94
CA ASN B 81 2.02 34.54 -1.01
C ASN B 81 2.08 35.00 -2.45
N GLY B 82 2.27 36.31 -2.65
CA GLY B 82 2.31 36.87 -3.99
C GLY B 82 1.00 36.65 -4.73
N ILE B 83 1.06 35.93 -5.83
CA ILE B 83 -0.14 35.63 -6.61
C ILE B 83 -1.07 34.69 -5.82
N THR B 84 -0.48 33.95 -4.88
CA THR B 84 -1.22 33.08 -3.96
C THR B 84 -2.17 32.13 -4.70
N LEU B 85 -1.59 31.14 -5.37
CA LEU B 85 -2.38 30.17 -6.13
C LEU B 85 -3.13 29.23 -5.20
N ASN B 86 -2.58 29.02 -4.01
CA ASN B 86 -3.19 28.15 -3.00
C ASN B 86 -3.47 26.75 -3.54
N SER B 87 -2.42 26.09 -4.02
CA SER B 87 -2.57 24.77 -4.62
C SER B 87 -1.91 23.69 -3.79
N VAL B 88 -1.25 24.09 -2.71
CA VAL B 88 -0.56 23.13 -1.86
C VAL B 88 -1.20 23.06 -0.48
N THR B 89 -1.48 21.84 -0.02
CA THR B 89 -2.11 21.65 1.28
C THR B 89 -1.08 21.31 2.37
N GLU B 90 -0.09 20.50 2.02
CA GLU B 90 0.89 20.05 3.00
C GLU B 90 2.32 20.16 2.47
N ILE B 91 3.26 20.39 3.39
CA ILE B 91 4.69 20.31 3.08
C ILE B 91 5.34 19.32 4.04
N ASN B 92 6.23 18.48 3.52
CA ASN B 92 7.01 17.57 4.35
C ASN B 92 8.01 18.37 5.19
N PRO B 93 7.86 18.32 6.52
CA PRO B 93 8.81 19.01 7.41
C PRO B 93 10.18 18.36 7.39
N ASN B 94 10.26 17.14 6.85
CA ASN B 94 11.52 16.43 6.74
C ASN B 94 12.03 16.40 5.31
N ALA B 95 11.49 17.28 4.47
CA ALA B 95 11.87 17.34 3.06
C ALA B 95 13.35 17.64 2.88
N MSE B 96 13.88 18.53 3.72
CA MSE B 96 15.30 18.88 3.66
C MSE B 96 16.16 17.75 4.21
O MSE B 96 17.20 17.42 3.64
CB MSE B 96 15.56 20.17 4.44
CG MSE B 96 14.80 21.38 3.91
SE MSE B 96 15.86 22.54 2.75
CE MSE B 96 16.06 21.35 1.22
N GLU B 97 15.71 17.17 5.32
CA GLU B 97 16.43 16.07 5.95
C GLU B 97 16.55 14.87 5.01
N GLU B 98 15.46 14.56 4.31
CA GLU B 98 15.46 13.46 3.35
C GLU B 98 16.32 13.80 2.14
N ALA B 99 16.28 15.06 1.71
CA ALA B 99 17.04 15.50 0.55
C ALA B 99 18.53 15.46 0.81
N ARG B 100 18.94 15.86 2.00
CA ARG B 100 20.35 15.85 2.38
C ARG B 100 20.90 14.43 2.41
N LYS B 101 20.08 13.49 2.88
CA LYS B 101 20.48 12.08 2.93
C LYS B 101 20.59 11.51 1.52
N LEU B 102 19.78 12.02 0.61
CA LEU B 102 19.80 11.59 -0.78
C LEU B 102 21.02 12.17 -1.52
N ASP B 103 21.56 13.26 -1.00
CA ASP B 103 22.77 13.85 -1.56
C ASP B 103 24.00 13.07 -1.12
N GLN B 104 23.92 12.48 0.07
CA GLN B 104 25.03 11.69 0.60
C GLN B 104 25.17 10.36 -0.12
N GLU B 105 24.07 9.62 -0.20
CA GLU B 105 24.08 8.28 -0.80
C GLU B 105 23.73 8.32 -2.28
N ARG B 106 23.95 9.47 -2.91
CA ARG B 106 23.61 9.63 -4.32
C ARG B 106 24.46 8.73 -5.22
N SER B 107 25.78 8.98 -5.23
CA SER B 107 26.68 8.27 -6.13
C SER B 107 26.70 6.75 -5.91
N ARG B 108 26.21 6.31 -4.77
CA ARG B 108 26.20 4.89 -4.44
C ARG B 108 24.86 4.22 -4.76
N ASN B 109 23.77 4.92 -4.51
CA ASN B 109 22.43 4.33 -4.64
C ASN B 109 21.67 4.77 -5.88
N LYS B 110 22.23 5.71 -6.64
CA LYS B 110 21.60 6.18 -7.88
C LYS B 110 21.47 5.04 -8.88
N LYS B 111 20.25 4.53 -9.05
CA LYS B 111 20.00 3.43 -9.97
C LYS B 111 18.81 3.73 -10.88
N SER B 112 18.19 4.89 -10.68
CA SER B 112 17.06 5.31 -11.51
C SER B 112 17.01 6.83 -11.61
N ASN B 113 16.44 7.33 -12.71
CA ASN B 113 16.35 8.77 -12.93
C ASN B 113 15.26 9.43 -12.09
N LEU B 114 14.75 8.71 -11.10
CA LEU B 114 13.78 9.26 -10.16
C LEU B 114 14.41 9.55 -8.81
N TYR B 115 15.68 9.22 -8.67
CA TYR B 115 16.39 9.37 -7.40
C TYR B 115 16.50 10.84 -6.99
N GLY B 116 16.14 11.12 -5.73
CA GLY B 116 16.29 12.45 -5.17
C GLY B 116 15.26 13.44 -5.66
N ILE B 117 14.30 12.99 -6.45
CA ILE B 117 13.29 13.87 -7.01
C ILE B 117 12.12 14.08 -6.05
N PRO B 118 11.83 15.35 -5.73
CA PRO B 118 10.65 15.71 -4.93
C PRO B 118 9.36 15.54 -5.71
N VAL B 119 8.43 14.75 -5.17
CA VAL B 119 7.15 14.51 -5.83
C VAL B 119 6.00 14.80 -4.89
N VAL B 120 5.08 15.66 -5.32
CA VAL B 120 3.91 15.99 -4.52
C VAL B 120 2.72 15.14 -4.92
N VAL B 121 2.05 14.56 -3.93
CA VAL B 121 0.88 13.71 -4.20
C VAL B 121 -0.42 14.45 -3.87
N LYS B 122 -1.51 13.97 -4.44
CA LYS B 122 -2.83 14.56 -4.19
C LYS B 122 -3.18 14.39 -2.71
N ASP B 123 -4.03 15.28 -2.21
CA ASP B 123 -4.33 15.33 -0.78
C ASP B 123 -5.06 14.07 -0.27
N ASN B 124 -5.50 13.23 -1.20
CA ASN B 124 -6.17 11.99 -0.82
C ASN B 124 -5.24 10.78 -0.80
N VAL B 125 -3.93 11.05 -0.87
CA VAL B 125 -2.93 9.97 -0.87
C VAL B 125 -2.25 9.86 0.50
N GLN B 126 -2.17 8.65 1.02
CA GLN B 126 -1.65 8.41 2.36
C GLN B 126 -0.13 8.53 2.47
N THR B 127 0.31 9.19 3.55
CA THR B 127 1.72 9.20 3.93
C THR B 127 1.83 8.92 5.41
N ALA B 128 2.88 8.21 5.82
CA ALA B 128 3.02 7.77 7.20
C ALA B 128 3.74 8.78 8.08
N LYS B 129 3.18 9.02 9.26
CA LYS B 129 3.81 9.80 10.33
C LYS B 129 4.03 11.29 10.00
N VAL B 130 4.00 11.64 8.72
CA VAL B 130 4.39 12.97 8.29
C VAL B 130 3.22 13.86 7.90
N MSE B 131 2.64 13.60 6.73
CA MSE B 131 1.61 14.48 6.18
C MSE B 131 0.21 13.89 6.26
O MSE B 131 0.00 12.73 5.92
CB MSE B 131 1.94 14.83 4.72
CG MSE B 131 3.15 15.73 4.56
SE MSE B 131 4.10 15.40 2.88
CE MSE B 131 4.71 13.58 3.24
N PRO B 132 -0.76 14.69 6.73
CA PRO B 132 -2.16 14.28 6.85
C PRO B 132 -2.81 13.96 5.51
N THR B 133 -3.74 13.03 5.51
CA THR B 133 -4.50 12.68 4.31
C THR B 133 -5.96 13.03 4.55
N SER B 134 -6.47 13.99 3.79
CA SER B 134 -7.76 14.59 4.09
C SER B 134 -8.75 14.58 2.92
N ALA B 135 -8.23 14.33 1.72
CA ALA B 135 -9.03 14.41 0.49
C ALA B 135 -9.68 15.79 0.35
N GLY B 136 -9.02 16.80 0.90
CA GLY B 136 -9.50 18.17 0.82
C GLY B 136 -10.55 18.54 1.85
N THR B 137 -10.81 17.64 2.80
CA THR B 137 -11.85 17.88 3.79
C THR B 137 -11.31 18.55 5.06
N TYR B 138 -12.20 19.21 5.78
CA TYR B 138 -11.86 19.85 7.05
C TYR B 138 -11.85 18.83 8.17
N VAL B 139 -12.70 17.82 8.05
CA VAL B 139 -12.87 16.81 9.10
C VAL B 139 -11.64 15.92 9.23
N LEU B 140 -10.88 15.77 8.14
CA LEU B 140 -9.71 14.92 8.14
C LEU B 140 -8.43 15.73 7.97
N LYS B 141 -8.50 17.03 8.26
CA LYS B 141 -7.40 17.95 8.01
C LYS B 141 -6.13 17.64 8.81
N ASP B 142 -6.29 16.90 9.92
CA ASP B 142 -5.17 16.62 10.80
C ASP B 142 -4.95 15.13 11.02
N TRP B 143 -5.60 14.30 10.23
CA TRP B 143 -5.47 12.85 10.39
C TRP B 143 -4.24 12.31 9.67
N ILE B 144 -3.29 11.81 10.47
CA ILE B 144 -2.10 11.17 9.92
C ILE B 144 -2.35 9.69 9.69
N ALA B 145 -2.23 9.26 8.44
CA ALA B 145 -2.48 7.87 8.08
C ALA B 145 -1.47 6.94 8.73
N ASP B 146 -1.84 5.66 8.83
CA ASP B 146 -0.99 4.67 9.50
C ASP B 146 0.14 4.20 8.59
N GLN B 147 -0.16 4.01 7.32
CA GLN B 147 0.84 3.57 6.34
C GLN B 147 0.95 4.53 5.17
N ASP B 148 1.92 4.29 4.30
CA ASP B 148 2.00 5.00 3.03
C ASP B 148 1.11 4.31 2.00
N ALA B 149 0.69 5.06 0.99
CA ALA B 149 0.03 4.44 -0.15
C ALA B 149 1.07 3.60 -0.88
N THR B 150 0.64 2.51 -1.49
CA THR B 150 1.55 1.58 -2.15
C THR B 150 2.33 2.27 -3.28
N ILE B 151 1.74 3.31 -3.86
CA ILE B 151 2.43 4.09 -4.89
C ILE B 151 3.50 4.97 -4.27
N VAL B 152 3.28 5.41 -3.03
CA VAL B 152 4.26 6.21 -2.32
C VAL B 152 5.40 5.33 -1.82
N LYS B 153 5.05 4.14 -1.36
CA LYS B 153 6.03 3.17 -0.88
C LYS B 153 6.99 2.78 -2.01
N GLN B 154 6.47 2.73 -3.23
CA GLN B 154 7.29 2.37 -4.39
C GLN B 154 8.13 3.55 -4.88
N LEU B 155 7.65 4.77 -4.61
CA LEU B 155 8.39 5.97 -4.98
C LEU B 155 9.67 6.09 -4.16
N LYS B 156 9.58 5.72 -2.89
CA LYS B 156 10.72 5.80 -1.98
C LYS B 156 11.77 4.75 -2.30
N GLU B 157 11.37 3.74 -3.07
CA GLU B 157 12.28 2.66 -3.45
C GLU B 157 13.23 3.10 -4.55
N GLU B 158 12.78 4.03 -5.39
CA GLU B 158 13.60 4.50 -6.51
C GLU B 158 14.24 5.85 -6.21
N GLY B 159 14.26 6.23 -4.93
CA GLY B 159 14.95 7.43 -4.52
C GLY B 159 14.06 8.66 -4.38
N ALA B 160 12.89 8.62 -5.00
CA ALA B 160 11.95 9.74 -4.94
C ALA B 160 11.37 9.87 -3.54
N PHE B 161 10.97 11.09 -3.18
CA PHE B 161 10.36 11.35 -1.89
C PHE B 161 9.21 12.33 -2.03
N VAL B 162 8.31 12.34 -1.05
CA VAL B 162 7.15 13.22 -1.09
C VAL B 162 7.49 14.61 -0.59
N LEU B 163 7.51 15.58 -1.51
CA LEU B 163 7.77 16.97 -1.17
C LEU B 163 6.64 17.55 -0.33
N GLY B 164 5.41 17.25 -0.73
CA GLY B 164 4.23 17.72 -0.03
C GLY B 164 2.96 17.18 -0.63
N LYS B 165 1.83 17.84 -0.33
CA LYS B 165 0.56 17.41 -0.88
C LYS B 165 -0.19 18.56 -1.54
N ALA B 166 -0.86 18.25 -2.65
CA ALA B 166 -1.50 19.27 -3.48
C ALA B 166 -2.99 19.43 -3.17
N ASN B 167 -3.49 20.64 -3.38
CA ASN B 167 -4.90 20.94 -3.16
C ASN B 167 -5.77 20.22 -4.17
N MSE B 168 -7.07 20.13 -3.88
CA MSE B 168 -7.98 19.38 -4.73
C MSE B 168 -9.43 19.78 -4.48
O MSE B 168 -9.76 20.38 -3.47
CB MSE B 168 -7.83 17.88 -4.50
CG MSE B 168 -8.02 17.47 -3.04
SE MSE B 168 -7.87 15.55 -2.76
CE MSE B 168 -9.55 14.98 -3.56
N SER B 169 -10.30 19.43 -5.43
CA SER B 169 -11.74 19.54 -5.20
C SER B 169 -12.12 18.55 -4.10
N GLU B 170 -12.79 19.04 -3.07
CA GLU B 170 -13.10 18.23 -1.89
C GLU B 170 -13.86 16.95 -2.25
N TRP B 171 -13.43 15.85 -1.65
CA TRP B 171 -13.99 14.53 -1.92
C TRP B 171 -13.92 14.16 -3.40
N ALA B 172 -12.82 14.54 -4.04
CA ALA B 172 -12.61 14.32 -5.47
C ALA B 172 -13.78 14.88 -6.27
N ASN B 173 -14.16 16.12 -5.95
CA ASN B 173 -15.33 16.77 -6.54
C ASN B 173 -16.60 15.95 -6.34
N TYR B 174 -17.04 15.83 -5.10
CA TYR B 174 -18.26 15.11 -4.79
C TYR B 174 -18.89 15.62 -3.49
N LEU B 175 -19.06 16.95 -3.41
CA LEU B 175 -19.71 17.56 -2.26
C LEU B 175 -21.08 18.12 -2.65
N SER B 176 -21.08 19.01 -3.63
CA SER B 176 -22.31 19.60 -4.13
C SER B 176 -22.15 20.07 -5.57
N PHE B 177 -23.26 20.39 -6.21
CA PHE B 177 -23.24 20.83 -7.60
C PHE B 177 -22.78 22.27 -7.73
N THR B 178 -22.80 22.99 -6.61
CA THR B 178 -22.50 24.43 -6.62
C THR B 178 -21.05 24.74 -6.24
N MSE B 179 -20.33 23.73 -5.77
CA MSE B 179 -18.94 23.93 -5.36
C MSE B 179 -18.03 24.10 -6.57
O MSE B 179 -17.96 23.23 -7.44
CB MSE B 179 -18.45 22.75 -4.51
CG MSE B 179 -17.02 22.90 -4.02
SE MSE B 179 -16.34 21.34 -3.08
CE MSE B 179 -16.50 20.03 -4.52
N PRO B 180 -17.31 25.23 -6.63
CA PRO B 180 -16.36 25.50 -7.71
C PRO B 180 -15.20 24.51 -7.69
N SER B 181 -14.68 24.17 -8.86
CA SER B 181 -13.57 23.24 -8.97
C SER B 181 -12.30 23.84 -8.36
N GLY B 182 -11.56 23.03 -7.62
CA GLY B 182 -10.33 23.49 -7.00
C GLY B 182 -10.52 23.96 -5.58
N TYR B 183 -11.77 23.95 -5.12
CA TYR B 183 -12.06 24.36 -3.75
C TYR B 183 -12.03 23.19 -2.79
N SER B 184 -11.47 23.43 -1.60
CA SER B 184 -11.47 22.44 -0.53
C SER B 184 -11.66 23.14 0.80
N GLY B 185 -12.46 22.56 1.68
CA GLY B 185 -12.70 23.14 2.99
C GLY B 185 -11.46 23.12 3.86
N LYS B 186 -10.48 22.30 3.48
CA LYS B 186 -9.24 22.16 4.23
C LYS B 186 -8.29 23.33 4.00
N LYS B 187 -8.03 23.65 2.74
CA LYS B 187 -7.03 24.66 2.41
C LYS B 187 -7.64 25.90 1.75
N GLY B 188 -8.68 25.70 0.95
CA GLY B 188 -9.34 26.81 0.28
C GLY B 188 -9.45 26.63 -1.22
N GLN B 189 -9.47 27.74 -1.94
CA GLN B 189 -9.68 27.72 -3.39
C GLN B 189 -8.37 27.68 -4.17
N ASN B 190 -8.30 26.75 -5.12
CA ASN B 190 -7.16 26.66 -6.03
C ASN B 190 -7.30 27.69 -7.16
N LEU B 191 -6.22 28.39 -7.47
CA LEU B 191 -6.24 29.38 -8.53
C LEU B 191 -5.36 28.96 -9.71
N ASN B 192 -5.85 29.22 -10.92
CA ASN B 192 -5.14 28.87 -12.14
C ASN B 192 -3.99 29.84 -12.39
N PRO B 193 -2.76 29.32 -12.47
CA PRO B 193 -1.55 30.13 -12.64
C PRO B 193 -1.55 30.95 -13.93
N TYR B 194 -2.34 30.53 -14.91
CA TYR B 194 -2.40 31.24 -16.18
C TYR B 194 -3.41 32.39 -16.14
N GLY B 195 -4.07 32.55 -15.00
CA GLY B 195 -5.04 33.61 -14.83
C GLY B 195 -6.03 33.33 -13.71
N PRO B 196 -5.64 33.68 -12.47
CA PRO B 196 -6.46 33.47 -11.27
C PRO B 196 -7.85 34.08 -11.41
N ILE B 197 -8.85 33.45 -10.80
CA ILE B 197 -10.25 33.90 -10.85
C ILE B 197 -10.83 33.87 -12.27
N MSE B 198 -10.10 34.43 -13.22
CA MSE B 198 -10.53 34.48 -14.62
C MSE B 198 -10.73 33.08 -15.20
O MSE B 198 -11.76 32.79 -15.79
CB MSE B 198 -9.51 35.24 -15.46
CG MSE B 198 -9.98 35.59 -16.86
SE MSE B 198 -8.53 36.25 -17.98
CE MSE B 198 -7.61 37.35 -16.66
N PHE B 199 -9.74 32.22 -15.01
CA PHE B 199 -9.80 30.85 -15.52
C PHE B 199 -9.97 29.85 -14.39
N ASP B 200 -10.92 28.94 -14.54
CA ASP B 200 -11.10 27.86 -13.57
C ASP B 200 -9.90 26.92 -13.61
N THR B 201 -9.70 26.17 -12.53
CA THR B 201 -8.60 25.22 -12.45
C THR B 201 -9.03 23.83 -12.90
N SER B 202 -10.34 23.66 -13.05
CA SER B 202 -10.95 22.36 -13.28
C SER B 202 -10.66 21.44 -12.10
N GLY B 203 -11.05 20.18 -12.21
CA GLY B 203 -10.87 19.25 -11.10
C GLY B 203 -10.83 17.79 -11.52
N SER B 204 -10.61 16.91 -10.56
CA SER B 204 -10.46 17.31 -9.17
C SER B 204 -9.00 17.46 -8.75
N SER B 205 -8.08 17.06 -9.63
CA SER B 205 -6.65 17.19 -9.34
C SER B 205 -6.15 18.57 -9.72
N SER B 206 -6.75 19.59 -9.13
CA SER B 206 -6.39 20.98 -9.43
C SER B 206 -4.97 21.31 -8.98
N GLY B 207 -4.67 21.03 -7.72
CA GLY B 207 -3.37 21.33 -7.15
C GLY B 207 -2.23 20.57 -7.79
N SER B 208 -2.48 19.31 -8.13
CA SER B 208 -1.47 18.46 -8.75
C SER B 208 -1.10 18.97 -10.14
N ALA B 209 -2.01 19.71 -10.76
CA ALA B 209 -1.74 20.31 -12.06
C ALA B 209 -0.99 21.63 -11.89
N THR B 210 -1.33 22.36 -10.83
CA THR B 210 -0.76 23.68 -10.60
C THR B 210 0.70 23.61 -10.17
N VAL B 211 1.02 22.64 -9.31
CA VAL B 211 2.37 22.50 -8.77
C VAL B 211 3.43 22.31 -9.85
N VAL B 212 3.08 21.59 -10.92
CA VAL B 212 4.01 21.38 -12.01
C VAL B 212 3.94 22.54 -12.99
N ALA B 213 2.76 23.15 -13.11
CA ALA B 213 2.57 24.29 -14.00
C ALA B 213 3.36 25.51 -13.51
N ALA B 214 3.32 25.75 -12.20
CA ALA B 214 4.01 26.89 -11.61
C ALA B 214 5.38 26.49 -11.09
N ASP B 215 5.82 25.29 -11.47
CA ASP B 215 7.13 24.76 -11.08
C ASP B 215 7.33 24.74 -9.57
N PHE B 216 6.32 24.25 -8.85
CA PHE B 216 6.44 24.02 -7.41
C PHE B 216 7.03 22.63 -7.16
N ALA B 217 7.02 21.81 -8.20
CA ALA B 217 7.53 20.45 -8.14
C ALA B 217 7.69 19.89 -9.55
N PRO B 218 8.70 19.02 -9.76
CA PRO B 218 8.93 18.44 -11.09
C PRO B 218 7.83 17.46 -11.47
N LEU B 219 7.34 16.71 -10.50
CA LEU B 219 6.33 15.68 -10.74
C LEU B 219 5.19 15.78 -9.74
N ALA B 220 4.05 15.20 -10.09
CA ALA B 220 2.88 15.20 -9.22
C ALA B 220 1.97 14.00 -9.47
N VAL B 221 1.29 13.55 -8.43
CA VAL B 221 0.37 12.43 -8.53
C VAL B 221 -1.08 12.90 -8.42
N GLY B 222 -1.90 12.50 -9.38
CA GLY B 222 -3.31 12.84 -9.36
C GLY B 222 -4.20 11.61 -9.36
N THR B 223 -5.47 11.79 -9.03
CA THR B 223 -6.43 10.70 -9.05
C THR B 223 -7.59 11.06 -9.98
N GLU B 224 -8.21 10.05 -10.60
CA GLU B 224 -9.32 10.30 -11.49
C GLU B 224 -10.43 9.26 -11.38
N THR B 225 -11.66 9.74 -11.21
CA THR B 225 -12.85 8.91 -11.33
C THR B 225 -13.39 9.06 -12.74
N THR B 226 -13.56 10.32 -13.16
CA THR B 226 -13.96 10.63 -14.52
C THR B 226 -13.46 12.02 -14.92
N GLY B 227 -12.29 12.06 -15.56
CA GLY B 227 -11.72 13.30 -16.05
C GLY B 227 -10.95 14.10 -15.01
N SER B 228 -10.90 13.61 -13.78
CA SER B 228 -10.29 14.35 -12.68
C SER B 228 -8.77 14.53 -12.83
N ILE B 229 -8.18 13.92 -13.84
CA ILE B 229 -6.76 14.10 -14.11
C ILE B 229 -6.52 14.85 -15.42
N VAL B 230 -7.16 14.40 -16.49
CA VAL B 230 -6.93 14.97 -17.81
C VAL B 230 -7.55 16.36 -17.99
N ALA B 231 -8.59 16.66 -17.22
CA ALA B 231 -9.24 17.97 -17.32
C ALA B 231 -8.47 19.09 -16.63
N PRO B 232 -8.02 18.89 -15.37
CA PRO B 232 -7.22 19.98 -14.81
C PRO B 232 -5.85 20.08 -15.46
N ALA B 233 -5.39 18.99 -16.06
CA ALA B 233 -4.12 19.00 -16.78
C ALA B 233 -4.23 19.81 -18.07
N ALA B 234 -5.40 19.73 -18.70
CA ALA B 234 -5.65 20.46 -19.93
C ALA B 234 -5.96 21.94 -19.65
N GLN B 235 -6.55 22.18 -18.49
CA GLN B 235 -6.97 23.53 -18.11
C GLN B 235 -5.81 24.35 -17.56
N GLN B 236 -4.70 23.68 -17.26
CA GLN B 236 -3.53 24.36 -16.73
C GLN B 236 -2.29 24.04 -17.55
N SER B 237 -2.51 23.57 -18.77
CA SER B 237 -1.45 23.35 -19.76
C SER B 237 -0.31 22.46 -19.27
N VAL B 238 -0.66 21.31 -18.69
CA VAL B 238 0.34 20.33 -18.30
C VAL B 238 -0.05 18.93 -18.77
N VAL B 239 0.83 17.96 -18.56
CA VAL B 239 0.59 16.59 -19.00
C VAL B 239 0.04 15.74 -17.85
N GLY B 240 -1.06 15.05 -18.12
CA GLY B 240 -1.67 14.17 -17.14
C GLY B 240 -2.10 12.84 -17.74
N LEU B 241 -1.75 11.75 -17.08
CA LEU B 241 -2.05 10.42 -17.59
C LEU B 241 -2.98 9.64 -16.67
N ARG B 242 -4.02 9.06 -17.25
CA ARG B 242 -4.84 8.08 -16.54
C ARG B 242 -4.43 6.69 -17.00
N PRO B 243 -3.90 5.86 -16.08
CA PRO B 243 -3.46 4.51 -16.43
C PRO B 243 -4.63 3.59 -16.77
N SER B 244 -4.33 2.36 -17.17
CA SER B 244 -5.37 1.41 -17.54
C SER B 244 -6.19 0.97 -16.32
N LEU B 245 -7.07 0.00 -16.53
CA LEU B 245 -8.04 -0.41 -15.53
C LEU B 245 -7.39 -0.96 -14.25
N GLY B 246 -6.19 -1.51 -14.38
CA GLY B 246 -5.53 -2.11 -13.24
C GLY B 246 -4.01 -1.95 -13.21
N ARG B 247 -3.50 -0.96 -13.92
CA ARG B 247 -2.06 -0.74 -13.98
C ARG B 247 -1.49 -0.21 -12.66
N VAL B 248 -2.27 0.64 -12.00
CA VAL B 248 -1.83 1.28 -10.77
C VAL B 248 -2.77 0.96 -9.61
N SER B 249 -2.20 0.57 -8.47
CA SER B 249 -3.00 0.22 -7.29
C SER B 249 -3.52 1.48 -6.59
N ARG B 250 -4.70 1.36 -5.99
CA ARG B 250 -5.33 2.49 -5.32
C ARG B 250 -5.24 2.38 -3.80
N THR B 251 -4.49 1.38 -3.32
CA THR B 251 -4.33 1.17 -1.89
C THR B 251 -3.61 2.33 -1.21
N GLY B 252 -4.23 2.86 -0.16
CA GLY B 252 -3.68 4.00 0.55
C GLY B 252 -4.16 5.31 -0.06
N ILE B 253 -5.29 5.26 -0.75
CA ILE B 253 -5.88 6.45 -1.35
C ILE B 253 -7.37 6.52 -1.02
N ILE B 254 -7.79 7.65 -0.44
CA ILE B 254 -9.20 7.86 -0.11
C ILE B 254 -10.06 7.80 -1.37
N PRO B 255 -10.93 6.77 -1.46
CA PRO B 255 -11.68 6.48 -2.67
C PRO B 255 -12.89 7.38 -2.90
N LEU B 256 -13.48 7.25 -4.08
CA LEU B 256 -14.74 7.89 -4.42
C LEU B 256 -15.67 6.84 -5.03
N ALA B 257 -15.13 6.08 -5.97
CA ALA B 257 -15.82 4.95 -6.56
C ALA B 257 -14.80 3.99 -7.14
N GLU B 258 -14.55 2.89 -6.42
CA GLU B 258 -13.50 1.94 -6.78
C GLU B 258 -13.70 1.32 -8.17
N THR B 259 -14.90 1.48 -8.71
CA THR B 259 -15.18 1.05 -10.08
C THR B 259 -14.34 1.87 -11.08
N LEU B 260 -14.17 3.15 -10.76
CA LEU B 260 -13.51 4.08 -11.68
C LEU B 260 -12.22 4.66 -11.12
N ASP B 261 -12.07 4.64 -9.81
CA ASP B 261 -10.92 5.25 -9.13
C ASP B 261 -9.58 4.74 -9.66
N THR B 262 -8.66 5.68 -9.88
CA THR B 262 -7.32 5.35 -10.33
C THR B 262 -6.35 6.50 -10.05
N ALA B 263 -5.06 6.18 -9.95
CA ALA B 263 -4.05 7.20 -9.70
C ALA B 263 -3.10 7.31 -10.89
N GLY B 264 -2.86 8.54 -11.34
CA GLY B 264 -2.03 8.77 -12.50
C GLY B 264 -0.95 9.81 -12.30
N PRO B 265 0.09 9.78 -13.13
CA PRO B 265 1.21 10.72 -13.08
C PRO B 265 0.91 12.04 -13.79
N MSE B 266 1.44 13.14 -13.27
CA MSE B 266 1.24 14.45 -13.87
C MSE B 266 2.54 15.25 -13.89
O MSE B 266 3.26 15.29 -12.89
CB MSE B 266 0.15 15.23 -13.13
CG MSE B 266 -1.19 14.52 -13.08
SE MSE B 266 -2.58 15.57 -12.21
CE MSE B 266 -2.77 16.98 -13.54
N ALA B 267 2.84 15.87 -15.02
CA ALA B 267 4.06 16.67 -15.17
C ALA B 267 3.93 17.67 -16.31
N ARG B 268 4.97 18.47 -16.52
CA ARG B 268 5.02 19.42 -17.61
C ARG B 268 5.27 18.70 -18.94
N THR B 269 6.18 17.72 -18.90
CA THR B 269 6.60 17.02 -20.09
C THR B 269 6.10 15.57 -20.08
N VAL B 270 5.78 15.05 -21.26
CA VAL B 270 5.35 13.67 -21.42
C VAL B 270 6.46 12.71 -20.95
N LYS B 271 7.70 13.09 -21.20
CA LYS B 271 8.86 12.34 -20.75
C LYS B 271 8.87 12.20 -19.23
N ASP B 272 8.67 13.32 -18.54
CA ASP B 272 8.69 13.33 -17.08
C ASP B 272 7.52 12.53 -16.50
N ALA B 273 6.39 12.54 -17.21
CA ALA B 273 5.21 11.79 -16.79
C ALA B 273 5.47 10.30 -16.84
N ALA B 274 6.22 9.87 -17.85
CA ALA B 274 6.56 8.47 -18.03
C ALA B 274 7.57 8.02 -16.96
N THR B 275 8.46 8.93 -16.58
CA THR B 275 9.47 8.64 -15.57
C THR B 275 8.81 8.37 -14.22
N LEU B 276 7.80 9.17 -13.90
CA LEU B 276 7.05 9.00 -12.65
C LEU B 276 6.17 7.76 -12.71
N PHE B 277 5.62 7.48 -13.88
CA PHE B 277 4.72 6.36 -14.06
C PHE B 277 5.43 5.02 -13.90
N ASN B 278 6.75 5.03 -14.08
CA ASN B 278 7.56 3.82 -13.94
C ASN B 278 7.54 3.27 -12.52
N ALA B 279 7.46 4.16 -11.54
CA ALA B 279 7.49 3.75 -10.14
C ALA B 279 6.09 3.61 -9.55
N MSE B 280 5.08 3.98 -10.33
CA MSE B 280 3.71 3.91 -9.87
C MSE B 280 3.06 2.58 -10.23
O MSE B 280 2.34 1.98 -9.42
CB MSE B 280 2.88 5.05 -10.46
CG MSE B 280 3.22 6.42 -9.89
SE MSE B 280 2.20 7.81 -10.78
CE MSE B 280 0.54 6.81 -11.02
N ILE B 281 3.33 2.11 -11.45
CA ILE B 281 2.79 0.83 -11.92
C ILE B 281 3.39 -0.32 -11.12
N GLY B 282 2.58 -1.34 -10.84
CA GLY B 282 3.04 -2.51 -10.11
C GLY B 282 1.92 -3.44 -9.71
N TYR B 283 2.24 -4.44 -8.91
CA TYR B 283 1.24 -5.41 -8.46
C TYR B 283 0.93 -5.20 -6.99
N ASP B 284 -0.32 -5.48 -6.61
CA ASP B 284 -0.76 -5.32 -5.24
C ASP B 284 -1.81 -6.37 -4.88
N GLU B 285 -1.55 -7.13 -3.83
CA GLU B 285 -2.49 -8.16 -3.38
C GLU B 285 -3.70 -7.54 -2.72
N LYS B 286 -3.52 -6.34 -2.17
CA LYS B 286 -4.60 -5.62 -1.50
C LYS B 286 -5.64 -5.12 -2.51
N ASP B 287 -5.15 -4.60 -3.64
CA ASP B 287 -6.03 -4.14 -4.71
C ASP B 287 -6.19 -5.21 -5.77
N VAL B 288 -7.36 -5.86 -5.78
CA VAL B 288 -7.60 -6.99 -6.67
C VAL B 288 -7.70 -6.59 -8.14
N MSE B 289 -7.70 -5.29 -8.40
CA MSE B 289 -7.79 -4.79 -9.77
C MSE B 289 -6.42 -4.88 -10.46
O MSE B 289 -6.34 -4.83 -11.69
CB MSE B 289 -8.31 -3.36 -9.80
CG MSE B 289 -9.50 -3.16 -10.72
SE MSE B 289 -10.91 -4.46 -10.35
CE MSE B 289 -12.23 -3.86 -11.67
N THR B 290 -5.37 -5.00 -9.66
CA THR B 290 -4.02 -5.15 -10.20
C THR B 290 -3.77 -6.60 -10.60
N GLU B 291 -4.74 -7.46 -10.33
CA GLU B 291 -4.64 -8.87 -10.70
C GLU B 291 -5.04 -9.06 -12.16
N LYS B 292 -5.66 -8.04 -12.74
CA LYS B 292 -6.02 -8.06 -14.15
C LYS B 292 -4.81 -7.74 -15.02
N VAL B 293 -3.68 -7.46 -14.37
CA VAL B 293 -2.42 -7.25 -15.07
C VAL B 293 -1.72 -8.56 -15.34
N ASP B 295 -0.33 -11.33 -15.37
CA ASP B 295 1.07 -11.59 -15.71
C ASP B 295 1.57 -10.61 -16.76
N LYS B 296 2.45 -9.70 -16.35
CA LYS B 296 3.05 -8.73 -17.26
C LYS B 296 4.40 -8.26 -16.73
N GLU B 297 5.19 -7.63 -17.60
CA GLU B 297 6.51 -7.16 -17.23
C GLU B 297 6.57 -5.64 -17.17
N ARG B 298 7.30 -5.12 -16.20
CA ARG B 298 7.45 -3.67 -16.04
C ARG B 298 8.41 -3.11 -17.09
N ILE B 299 7.87 -2.32 -18.01
CA ILE B 299 8.67 -1.77 -19.11
C ILE B 299 8.96 -0.28 -18.89
N ASP B 300 10.17 0.13 -19.25
CA ASP B 300 10.56 1.53 -19.15
C ASP B 300 9.82 2.35 -20.22
N TYR B 301 8.98 3.27 -19.77
CA TYR B 301 8.17 4.06 -20.68
C TYR B 301 8.90 5.31 -21.19
N THR B 302 10.22 5.32 -21.03
CA THR B 302 11.03 6.45 -21.46
C THR B 302 12.02 6.03 -22.55
N LYS B 303 11.94 4.76 -22.95
CA LYS B 303 12.87 4.22 -23.94
C LYS B 303 12.38 4.42 -25.37
N ASP B 304 11.16 3.94 -25.63
CA ASP B 304 10.61 3.99 -26.98
C ASP B 304 9.96 5.34 -27.31
N LEU B 305 10.38 6.38 -26.59
CA LEU B 305 9.86 7.73 -26.84
C LEU B 305 10.64 8.40 -27.97
N SER B 306 10.03 8.43 -29.15
CA SER B 306 10.67 9.05 -30.31
C SER B 306 9.78 10.13 -30.90
N ILE B 307 10.39 11.12 -31.54
CA ILE B 307 9.65 12.20 -32.17
C ILE B 307 8.94 11.72 -33.43
N ASP B 308 9.36 10.56 -33.92
CA ASP B 308 8.72 9.93 -35.07
C ASP B 308 7.71 8.89 -34.61
N GLY B 309 7.20 9.06 -33.40
CA GLY B 309 6.25 8.14 -32.82
C GLY B 309 4.83 8.36 -33.31
N LEU B 310 4.66 9.35 -34.18
CA LEU B 310 3.36 9.63 -34.78
C LEU B 310 3.35 9.26 -36.25
N LYS B 311 4.52 8.94 -36.78
CA LYS B 311 4.66 8.58 -38.19
C LYS B 311 3.99 7.24 -38.51
N GLY B 312 2.83 7.30 -39.13
CA GLY B 312 2.12 6.09 -39.53
C GLY B 312 0.94 5.76 -38.62
N LYS B 313 0.86 6.44 -37.48
CA LYS B 313 -0.20 6.18 -36.51
C LYS B 313 -1.54 6.73 -37.01
N LYS B 314 -2.60 5.96 -36.78
CA LYS B 314 -3.94 6.36 -37.18
C LYS B 314 -4.68 6.98 -36.00
N ILE B 315 -5.00 8.27 -36.11
CA ILE B 315 -5.67 8.98 -35.03
C ILE B 315 -7.08 9.41 -35.45
N GLY B 316 -8.07 9.05 -34.62
CA GLY B 316 -9.44 9.46 -34.86
C GLY B 316 -9.82 10.65 -34.02
N LEU B 317 -10.16 11.76 -34.67
CA LEU B 317 -10.50 13.00 -33.97
C LEU B 317 -11.89 12.94 -33.36
N LEU B 318 -12.02 13.50 -32.16
CA LEU B 318 -13.31 13.53 -31.46
C LEU B 318 -13.88 14.94 -31.44
N PHE B 319 -13.26 15.83 -32.22
CA PHE B 319 -13.71 17.22 -32.29
C PHE B 319 -13.76 17.69 -33.75
N SER B 320 -14.73 18.56 -34.05
CA SER B 320 -14.83 19.14 -35.38
C SER B 320 -14.23 20.54 -35.38
N VAL B 321 -13.18 20.72 -36.17
CA VAL B 321 -12.43 21.98 -36.21
C VAL B 321 -13.28 23.16 -36.68
N ASP B 322 -14.33 22.87 -37.43
CA ASP B 322 -15.19 23.92 -37.98
C ASP B 322 -16.42 24.15 -37.12
N GLN B 323 -16.72 23.21 -36.24
CA GLN B 323 -17.90 23.31 -35.39
C GLN B 323 -17.58 23.98 -34.06
N GLN B 324 -16.31 24.34 -33.87
CA GLN B 324 -15.87 24.99 -32.64
C GLN B 324 -16.25 26.47 -32.62
N ASP B 325 -16.16 27.08 -31.45
CA ASP B 325 -16.40 28.51 -31.32
C ASP B 325 -15.22 29.28 -31.93
N GLU B 326 -15.40 30.59 -32.08
CA GLU B 326 -14.38 31.44 -32.69
C GLU B 326 -13.11 31.51 -31.84
N ASN B 327 -13.25 31.24 -30.54
CA ASN B 327 -12.12 31.32 -29.63
C ASN B 327 -11.23 30.08 -29.66
N ARG B 328 -11.85 28.92 -29.80
CA ARG B 328 -11.11 27.65 -29.77
C ARG B 328 -10.90 27.08 -31.16
N LYS B 329 -11.36 27.80 -32.19
CA LYS B 329 -11.23 27.34 -33.56
C LYS B 329 -9.77 27.28 -34.02
N ALA B 330 -9.02 28.33 -33.70
CA ALA B 330 -7.62 28.42 -34.09
C ALA B 330 -6.78 27.35 -33.41
N VAL B 331 -7.11 27.04 -32.16
CA VAL B 331 -6.40 26.02 -31.40
C VAL B 331 -6.68 24.63 -31.94
N ALA B 332 -7.95 24.37 -32.24
CA ALA B 332 -8.37 23.08 -32.78
C ALA B 332 -7.74 22.82 -34.14
N GLU B 333 -7.54 23.89 -34.91
CA GLU B 333 -6.95 23.78 -36.22
C GLU B 333 -5.46 23.42 -36.13
N LYS B 334 -4.79 23.99 -35.14
CA LYS B 334 -3.36 23.74 -34.94
C LYS B 334 -3.12 22.30 -34.49
N ILE B 335 -4.06 21.77 -33.72
CA ILE B 335 -4.00 20.37 -33.30
C ILE B 335 -4.06 19.46 -34.52
N ARG B 336 -5.01 19.75 -35.40
CA ARG B 336 -5.20 18.99 -36.62
C ARG B 336 -3.97 19.06 -37.52
N LYS B 337 -3.34 20.24 -37.55
CA LYS B 337 -2.13 20.46 -38.34
C LYS B 337 -0.94 19.68 -37.78
N ASP B 338 -0.68 19.87 -36.49
CA ASP B 338 0.48 19.26 -35.84
C ASP B 338 0.46 17.73 -35.91
N LEU B 339 -0.73 17.15 -35.91
CA LEU B 339 -0.87 15.70 -36.04
C LEU B 339 -0.46 15.26 -37.44
N GLN B 340 -0.98 15.95 -38.45
CA GLN B 340 -0.61 15.67 -39.84
C GLN B 340 0.85 16.03 -40.09
N ASP B 341 1.32 17.08 -39.42
CA ASP B 341 2.68 17.55 -39.58
C ASP B 341 3.69 16.51 -39.09
N ALA B 342 3.29 15.74 -38.08
CA ALA B 342 4.15 14.71 -37.52
C ALA B 342 4.08 13.43 -38.35
N GLY B 343 3.09 13.36 -39.22
CA GLY B 343 2.94 12.22 -40.12
C GLY B 343 1.90 11.23 -39.65
N ALA B 344 0.76 11.72 -39.19
CA ALA B 344 -0.32 10.85 -38.72
C ALA B 344 -1.50 10.87 -39.69
N ILE B 345 -2.18 9.73 -39.80
CA ILE B 345 -3.36 9.62 -40.65
C ILE B 345 -4.62 9.91 -39.85
N LEU B 346 -5.22 11.08 -40.09
CA LEU B 346 -6.38 11.50 -39.32
C LEU B 346 -7.69 11.00 -39.92
N THR B 347 -8.53 10.43 -39.07
CA THR B 347 -9.88 10.04 -39.46
C THR B 347 -10.78 11.28 -39.45
N ASP B 348 -12.00 11.12 -39.94
CA ASP B 348 -12.95 12.24 -40.00
C ASP B 348 -13.49 12.56 -38.62
N TYR B 349 -14.54 13.39 -38.58
CA TYR B 349 -15.19 13.74 -37.33
C TYR B 349 -15.88 12.53 -36.72
N ILE B 350 -15.32 12.00 -35.64
CA ILE B 350 -15.90 10.87 -34.95
C ILE B 350 -16.69 11.34 -33.73
N GLN B 351 -17.99 11.04 -33.72
CA GLN B 351 -18.86 11.43 -32.62
C GLN B 351 -19.22 10.21 -31.76
N LEU B 352 -18.57 10.10 -30.61
CA LEU B 352 -18.82 8.99 -29.70
C LEU B 352 -20.22 9.04 -29.11
N ASN B 353 -20.86 7.87 -29.01
CA ASN B 353 -22.23 7.79 -28.50
C ASN B 353 -22.27 7.29 -27.06
N ASN B 354 -22.63 8.19 -26.14
CA ASN B 354 -22.78 7.82 -24.74
C ASN B 354 -24.19 7.34 -24.45
N GLY B 355 -24.51 6.14 -24.91
CA GLY B 355 -25.85 5.61 -24.81
C GLY B 355 -26.22 5.06 -23.44
N GLY B 356 -25.74 3.86 -23.14
CA GLY B 356 -26.11 3.20 -21.90
C GLY B 356 -25.04 3.24 -20.83
N VAL B 357 -24.11 4.18 -20.95
CA VAL B 357 -23.05 4.34 -19.96
C VAL B 357 -23.49 5.28 -18.84
N ASP B 358 -23.52 4.76 -17.62
CA ASP B 358 -23.93 5.54 -16.46
C ASP B 358 -22.73 5.93 -15.60
N ASN B 359 -22.84 7.07 -14.93
CA ASN B 359 -21.76 7.57 -14.08
C ASN B 359 -22.26 7.97 -12.69
N LEU B 360 -23.37 8.70 -12.65
CA LEU B 360 -23.89 9.25 -11.41
C LEU B 360 -24.37 8.19 -10.42
N GLN B 361 -25.18 7.25 -10.90
CA GLN B 361 -25.74 6.20 -10.05
C GLN B 361 -24.63 5.30 -9.50
N THR B 362 -23.57 5.13 -10.26
CA THR B 362 -22.41 4.36 -9.82
C THR B 362 -21.75 5.05 -8.63
N LEU B 363 -21.70 6.38 -8.69
CA LEU B 363 -21.10 7.18 -7.63
C LEU B 363 -21.98 7.23 -6.38
N GLU B 364 -23.28 7.47 -6.58
CA GLU B 364 -24.21 7.63 -5.48
C GLU B 364 -24.24 6.43 -4.54
N TYR B 365 -24.15 5.23 -5.11
CA TYR B 365 -24.16 4.02 -4.32
C TYR B 365 -22.80 3.71 -3.72
N GLU B 366 -21.78 3.69 -4.57
CA GLU B 366 -20.46 3.17 -4.20
C GLU B 366 -19.70 4.08 -3.24
N PHE B 367 -19.95 5.39 -3.30
CA PHE B 367 -19.24 6.34 -2.46
C PHE B 367 -19.42 6.07 -0.98
N LYS B 368 -20.67 5.89 -0.56
CA LYS B 368 -20.99 5.62 0.83
C LYS B 368 -20.30 4.36 1.32
N HIS B 369 -20.32 3.31 0.51
CA HIS B 369 -19.78 2.02 0.90
C HIS B 369 -18.25 1.99 0.84
N ASN B 370 -17.66 2.85 0.01
CA ASN B 370 -16.21 2.91 -0.10
C ASN B 370 -15.56 3.62 1.08
N VAL B 371 -16.11 4.77 1.46
CA VAL B 371 -15.54 5.56 2.54
C VAL B 371 -15.76 4.89 3.90
N ASN B 372 -16.88 4.17 4.04
CA ASN B 372 -17.16 3.46 5.28
C ASN B 372 -16.20 2.29 5.47
N ASP B 373 -15.95 1.56 4.39
CA ASP B 373 -15.01 0.45 4.42
C ASP B 373 -13.58 0.97 4.58
N TYR B 374 -13.32 2.15 4.04
CA TYR B 374 -12.01 2.77 4.16
C TYR B 374 -11.73 3.17 5.61
N PHE B 375 -12.68 3.86 6.22
CA PHE B 375 -12.54 4.34 7.59
C PHE B 375 -12.51 3.20 8.59
N SER B 376 -13.11 2.07 8.23
CA SER B 376 -13.14 0.91 9.12
C SER B 376 -11.76 0.25 9.20
N GLN B 377 -11.01 0.34 8.10
CA GLN B 377 -9.67 -0.25 8.05
C GLN B 377 -8.67 0.60 8.81
N GLN B 378 -8.85 1.92 8.76
CA GLN B 378 -7.92 2.85 9.38
C GLN B 378 -8.09 2.89 10.90
N LYS B 379 -7.13 3.51 11.58
CA LYS B 379 -7.20 3.68 13.03
C LYS B 379 -6.84 5.11 13.39
N ASN B 380 -7.33 5.57 14.54
CA ASN B 380 -7.14 6.95 15.00
C ASN B 380 -7.67 7.97 13.99
N VAL B 381 -8.75 7.59 13.30
CA VAL B 381 -9.39 8.46 12.33
C VAL B 381 -10.56 9.19 12.96
N PRO B 382 -10.65 10.52 12.76
CA PRO B 382 -11.68 11.37 13.36
C PRO B 382 -13.11 10.89 13.13
N VAL B 383 -13.35 10.18 12.03
CA VAL B 383 -14.69 9.66 11.72
C VAL B 383 -14.62 8.21 11.25
N LYS B 384 -15.73 7.49 11.41
CA LYS B 384 -15.79 6.10 10.98
C LYS B 384 -17.02 5.84 10.11
N SER B 385 -17.68 6.90 9.67
CA SER B 385 -18.87 6.77 8.85
C SER B 385 -19.16 8.06 8.08
N LEU B 386 -19.90 7.93 6.98
CA LEU B 386 -20.25 9.08 6.15
C LEU B 386 -21.26 9.98 6.86
N LYS B 387 -22.15 9.37 7.63
CA LYS B 387 -23.18 10.12 8.34
C LYS B 387 -22.60 10.87 9.53
N GLU B 388 -21.46 10.43 10.02
CA GLU B 388 -20.75 11.15 11.08
C GLU B 388 -20.11 12.41 10.51
N ILE B 389 -19.61 12.31 9.29
CA ILE B 389 -19.04 13.44 8.58
C ILE B 389 -20.10 14.50 8.31
N ILE B 390 -21.26 14.06 7.84
CA ILE B 390 -22.38 14.94 7.56
C ILE B 390 -22.79 15.71 8.81
N ALA B 391 -22.82 15.02 9.95
CA ALA B 391 -23.16 15.64 11.22
C ALA B 391 -22.07 16.62 11.66
N PHE B 392 -20.83 16.27 11.38
CA PHE B 392 -19.68 17.11 11.74
C PHE B 392 -19.70 18.44 11.00
N ASN B 393 -20.06 18.39 9.73
CA ASN B 393 -20.04 19.58 8.87
C ASN B 393 -21.11 20.60 9.24
N LYS B 394 -22.23 20.14 9.77
CA LYS B 394 -23.35 21.01 10.09
C LYS B 394 -23.06 21.92 11.28
N ARG B 395 -22.08 21.54 12.09
CA ARG B 395 -21.75 22.29 13.30
C ARG B 395 -20.97 23.57 12.99
N ASP B 396 -20.56 23.72 11.73
CA ASP B 396 -19.93 24.96 11.26
C ASP B 396 -20.00 25.02 9.74
N SER B 397 -21.20 25.25 9.23
CA SER B 397 -21.47 25.17 7.79
C SER B 397 -20.68 26.16 6.95
N ASN B 398 -20.59 27.40 7.42
N ASN B 398 -20.60 27.40 7.43
CA ASN B 398 -19.92 28.46 6.68
CA ASN B 398 -19.91 28.46 6.70
C ASN B 398 -18.42 28.21 6.50
C ASN B 398 -18.43 28.18 6.47
N ARG B 399 -17.85 27.35 7.34
CA ARG B 399 -16.44 27.04 7.27
C ARG B 399 -16.16 25.66 6.67
N ARG B 400 -17.01 24.69 7.01
CA ARG B 400 -16.75 23.30 6.65
C ARG B 400 -17.44 22.88 5.36
N ILE B 401 -18.62 23.43 5.10
CA ILE B 401 -19.34 23.15 3.86
C ILE B 401 -19.94 24.43 3.27
N LYS B 402 -19.08 25.35 2.88
CA LYS B 402 -19.49 26.65 2.34
C LYS B 402 -20.47 26.49 1.17
N TYR B 403 -20.28 25.45 0.37
CA TYR B 403 -21.12 25.23 -0.80
C TYR B 403 -22.04 24.04 -0.61
N GLY B 404 -22.16 23.57 0.62
CA GLY B 404 -23.08 22.49 0.95
C GLY B 404 -22.47 21.10 0.84
N GLN B 405 -23.29 20.09 1.12
CA GLN B 405 -22.85 18.70 1.06
C GLN B 405 -23.97 17.79 0.54
N THR B 406 -24.67 18.28 -0.48
CA THR B 406 -25.83 17.58 -1.03
C THR B 406 -25.47 16.21 -1.61
N LEU B 407 -24.31 16.11 -2.24
CA LEU B 407 -23.90 14.86 -2.90
C LEU B 407 -23.61 13.73 -1.93
N ILE B 408 -22.93 14.03 -0.82
CA ILE B 408 -22.62 13.00 0.17
C ILE B 408 -23.84 12.68 1.02
N GLU B 409 -24.81 13.60 1.03
CA GLU B 409 -26.07 13.36 1.71
C GLU B 409 -26.96 12.44 0.89
N ALA B 410 -26.93 12.62 -0.43
CA ALA B 410 -27.71 11.79 -1.34
C ALA B 410 -27.16 10.37 -1.37
N SER B 411 -25.84 10.25 -1.26
CA SER B 411 -25.17 8.95 -1.27
C SER B 411 -25.47 8.19 0.02
N GLU B 412 -25.59 8.93 1.13
CA GLU B 412 -25.90 8.32 2.42
C GLU B 412 -27.33 7.82 2.47
N LYS B 413 -28.25 8.62 1.92
CA LYS B 413 -29.67 8.27 1.93
C LYS B 413 -30.08 7.62 0.61
N SER B 414 -29.12 7.01 -0.07
CA SER B 414 -29.36 6.40 -1.38
C SER B 414 -30.24 5.15 -1.27
N THR B 415 -31.08 4.95 -2.27
CA THR B 415 -31.98 3.79 -2.32
C THR B 415 -31.59 2.84 -3.44
N ILE B 416 -30.30 2.71 -3.68
CA ILE B 416 -29.80 1.81 -4.73
C ILE B 416 -29.34 0.48 -4.12
N THR B 417 -29.83 -0.61 -4.69
CA THR B 417 -29.46 -1.93 -4.20
C THR B 417 -28.17 -2.42 -4.85
N LYS B 418 -27.53 -3.40 -4.21
CA LYS B 418 -26.27 -3.94 -4.71
C LYS B 418 -26.44 -4.60 -6.07
N ASP B 419 -27.60 -5.24 -6.27
CA ASP B 419 -27.90 -5.88 -7.54
C ASP B 419 -28.13 -4.85 -8.63
N GLU B 420 -28.83 -3.77 -8.29
CA GLU B 420 -29.09 -2.70 -9.24
C GLU B 420 -27.81 -1.95 -9.58
N PHE B 421 -26.85 -1.98 -8.64
CA PHE B 421 -25.56 -1.33 -8.85
C PHE B 421 -24.64 -2.17 -9.72
N GLU B 422 -24.55 -3.46 -9.41
CA GLU B 422 -23.67 -4.37 -10.13
C GLU B 422 -24.09 -4.53 -11.59
N LYS B 423 -25.40 -4.42 -11.84
CA LYS B 423 -25.94 -4.56 -13.18
C LYS B 423 -25.56 -3.37 -14.05
N VAL B 424 -25.59 -2.17 -13.48
CA VAL B 424 -25.24 -0.96 -14.20
C VAL B 424 -23.76 -0.93 -14.58
N VAL B 425 -22.91 -1.30 -13.62
CA VAL B 425 -21.47 -1.34 -13.84
C VAL B 425 -21.12 -2.32 -14.97
N GLN B 426 -21.71 -3.51 -14.92
CA GLN B 426 -21.52 -4.52 -15.95
C GLN B 426 -21.98 -4.02 -17.31
N THR B 427 -23.17 -3.40 -17.33
CA THR B 427 -23.76 -2.89 -18.56
C THR B 427 -22.94 -1.75 -19.16
N SER B 428 -22.57 -0.78 -18.34
CA SER B 428 -21.83 0.38 -18.79
C SER B 428 -20.43 0.00 -19.27
N GLN B 429 -19.80 -0.95 -18.57
CA GLN B 429 -18.46 -1.40 -18.94
C GLN B 429 -18.45 -2.07 -20.31
N GLU B 430 -19.48 -2.85 -20.60
CA GLU B 430 -19.58 -3.54 -21.88
C GLU B 430 -19.88 -2.57 -23.03
N ASN B 431 -20.70 -1.56 -22.75
CA ASN B 431 -21.07 -0.58 -23.77
C ASN B 431 -19.89 0.28 -24.20
N ALA B 432 -19.13 0.78 -23.23
CA ALA B 432 -17.99 1.64 -23.52
C ALA B 432 -16.84 0.84 -24.13
N LYS B 433 -16.75 -0.43 -23.76
CA LYS B 433 -15.69 -1.31 -24.25
C LYS B 433 -15.87 -1.60 -25.75
N LYS B 434 -17.12 -1.73 -26.18
CA LYS B 434 -17.41 -2.03 -27.57
C LYS B 434 -17.54 -0.74 -28.39
N GLU B 435 -17.88 0.35 -27.74
CA GLU B 435 -17.98 1.64 -28.41
C GLU B 435 -16.59 2.15 -28.78
N LEU B 436 -15.63 1.92 -27.90
CA LEU B 436 -14.25 2.31 -28.14
C LEU B 436 -13.57 1.38 -29.15
N ASN B 437 -13.71 0.08 -28.92
CA ASN B 437 -13.13 -0.92 -29.82
C ASN B 437 -13.75 -0.89 -31.21
N LYS B 438 -14.90 -0.24 -31.33
CA LYS B 438 -15.53 -0.02 -32.62
C LYS B 438 -14.63 0.86 -33.49
N TYR B 439 -13.85 1.72 -32.83
CA TYR B 439 -12.93 2.61 -33.53
C TYR B 439 -11.48 2.20 -33.30
N LEU B 440 -11.17 1.81 -32.07
CA LEU B 440 -9.79 1.47 -31.70
C LEU B 440 -9.35 0.11 -32.24
N VAL B 441 -10.24 -0.87 -32.18
CA VAL B 441 -9.90 -2.24 -32.58
C VAL B 441 -10.40 -2.57 -33.97
N GLU B 442 -11.62 -2.15 -34.28
CA GLU B 442 -12.26 -2.51 -35.54
C GLU B 442 -11.66 -1.75 -36.72
N LYS B 443 -11.59 -0.44 -36.62
CA LYS B 443 -11.08 0.39 -37.70
C LYS B 443 -9.58 0.59 -37.61
N GLY B 444 -8.95 -0.07 -36.64
CA GLY B 444 -7.50 -0.08 -36.52
C GLY B 444 -6.87 1.24 -36.10
N LEU B 445 -7.68 2.14 -35.57
CA LEU B 445 -7.17 3.42 -35.08
C LEU B 445 -6.31 3.21 -33.85
N ASP B 446 -5.13 3.83 -33.83
CA ASP B 446 -4.20 3.69 -32.72
C ASP B 446 -4.67 4.47 -31.49
N ALA B 447 -5.14 5.68 -31.69
CA ALA B 447 -5.57 6.53 -30.58
C ALA B 447 -6.67 7.51 -30.98
N LEU B 448 -7.36 8.05 -29.98
CA LEU B 448 -8.42 9.03 -30.20
C LEU B 448 -8.09 10.33 -29.46
N VAL B 449 -8.20 11.46 -30.17
CA VAL B 449 -7.86 12.75 -29.57
C VAL B 449 -9.10 13.62 -29.37
N MSE B 450 -9.22 14.19 -28.17
CA MSE B 450 -10.33 15.06 -27.83
C MSE B 450 -9.82 16.43 -27.39
O MSE B 450 -8.63 16.59 -27.12
CB MSE B 450 -11.18 14.45 -26.72
CG MSE B 450 -10.67 14.78 -25.32
SE MSE B 450 -11.43 13.63 -23.94
CE MSE B 450 -10.53 11.97 -24.43
N ILE B 451 -10.72 17.41 -27.33
CA ILE B 451 -10.38 18.70 -26.76
C ILE B 451 -10.85 18.76 -25.31
N ASN B 452 -9.92 19.04 -24.40
CA ASN B 452 -10.21 19.07 -22.97
C ASN B 452 -10.83 17.77 -22.47
N ASN B 453 -11.95 17.87 -21.78
CA ASN B 453 -12.59 16.69 -21.20
C ASN B 453 -13.98 16.40 -21.77
N GLU B 454 -14.12 16.52 -23.08
CA GLU B 454 -15.41 16.36 -23.73
C GLU B 454 -15.85 14.91 -23.83
N GLU B 455 -14.89 14.00 -23.97
CA GLU B 455 -15.20 12.58 -24.10
C GLU B 455 -14.36 11.72 -23.16
N VAL B 456 -14.67 11.78 -21.88
CA VAL B 456 -13.91 11.03 -20.87
C VAL B 456 -14.77 9.95 -20.23
N LEU B 457 -16.08 10.09 -20.34
CA LEU B 457 -17.04 9.16 -19.72
C LEU B 457 -16.82 7.71 -20.17
N LEU B 458 -16.53 7.52 -21.45
CA LEU B 458 -16.38 6.18 -22.00
C LEU B 458 -15.06 5.52 -21.61
N SER B 459 -13.96 6.25 -21.80
CA SER B 459 -12.62 5.70 -21.56
C SER B 459 -12.37 5.42 -20.08
N ALA B 460 -13.07 6.15 -19.20
CA ALA B 460 -12.93 5.95 -17.77
C ALA B 460 -13.64 4.68 -17.31
N VAL B 461 -14.86 4.49 -17.81
CA VAL B 461 -15.65 3.31 -17.47
C VAL B 461 -15.06 2.05 -18.08
N ALA B 462 -14.64 2.15 -19.35
CA ALA B 462 -14.08 1.02 -20.06
C ALA B 462 -12.68 0.67 -19.54
N GLY B 463 -12.02 1.64 -18.91
CA GLY B 463 -10.73 1.41 -18.30
C GLY B 463 -9.56 1.74 -19.21
N TYR B 464 -9.86 2.22 -20.41
CA TYR B 464 -8.82 2.57 -21.37
C TYR B 464 -8.05 3.81 -20.93
N PRO B 465 -6.72 3.80 -21.13
CA PRO B 465 -5.84 4.87 -20.66
C PRO B 465 -6.05 6.20 -21.38
N GLU B 466 -5.77 7.30 -20.68
CA GLU B 466 -5.93 8.64 -21.22
C GLU B 466 -4.66 9.47 -21.01
N LEU B 467 -4.30 10.26 -22.01
CA LEU B 467 -3.10 11.10 -21.92
C LEU B 467 -3.37 12.51 -22.40
N ALA B 468 -3.20 13.49 -21.51
CA ALA B 468 -3.42 14.89 -21.85
C ALA B 468 -2.13 15.60 -22.21
N VAL B 469 -2.14 16.32 -23.32
CA VAL B 469 -0.98 17.08 -23.78
C VAL B 469 -1.38 18.51 -24.09
N PRO B 470 -0.61 19.50 -23.59
CA PRO B 470 -0.88 20.92 -23.86
C PRO B 470 -1.04 21.22 -25.35
N ALA B 471 -2.21 21.71 -25.73
CA ALA B 471 -2.53 21.95 -27.14
C ALA B 471 -2.52 23.42 -27.51
N GLY B 472 -2.23 24.28 -26.52
CA GLY B 472 -2.14 25.70 -26.77
C GLY B 472 -3.10 26.52 -25.94
N TYR B 473 -3.38 27.74 -26.42
CA TYR B 473 -4.23 28.67 -25.69
C TYR B 473 -5.18 29.40 -26.65
N ASP B 474 -6.41 29.62 -26.21
CA ASP B 474 -7.42 30.27 -27.05
C ASP B 474 -7.14 31.77 -27.19
N ASN B 475 -8.11 32.49 -27.75
CA ASN B 475 -7.95 33.92 -27.98
C ASN B 475 -7.85 34.72 -26.69
N ASN B 476 -8.46 34.21 -25.63
CA ASN B 476 -8.43 34.88 -24.33
C ASN B 476 -7.28 34.41 -23.46
N GLY B 477 -6.53 33.43 -23.96
CA GLY B 477 -5.36 32.92 -23.25
C GLY B 477 -5.66 31.73 -22.36
N GLU B 478 -6.93 31.33 -22.29
CA GLU B 478 -7.33 30.19 -21.49
C GLU B 478 -6.76 28.91 -22.07
N PRO B 479 -6.03 28.15 -21.25
CA PRO B 479 -5.35 26.91 -21.67
C PRO B 479 -6.29 25.86 -22.23
N VAL B 480 -5.92 25.28 -23.37
CA VAL B 480 -6.68 24.21 -23.98
C VAL B 480 -5.76 23.02 -24.26
N GLY B 481 -6.11 21.86 -23.75
CA GLY B 481 -5.29 20.68 -23.92
C GLY B 481 -5.91 19.63 -24.83
N ALA B 482 -5.06 18.76 -25.36
CA ALA B 482 -5.52 17.65 -26.18
C ALA B 482 -5.34 16.34 -25.42
N VAL B 483 -6.41 15.58 -25.28
CA VAL B 483 -6.37 14.34 -24.52
C VAL B 483 -6.47 13.12 -25.42
N PHE B 484 -5.51 12.21 -25.29
CA PHE B 484 -5.43 11.03 -26.14
C PHE B 484 -6.06 9.81 -25.45
N VAL B 485 -6.73 8.98 -26.23
CA VAL B 485 -7.28 7.73 -25.72
C VAL B 485 -6.59 6.53 -26.35
N GLY B 486 -5.88 5.76 -25.53
CA GLY B 486 -5.15 4.60 -26.02
C GLY B 486 -5.90 3.30 -25.79
N LYS B 487 -5.30 2.20 -26.22
CA LYS B 487 -5.90 0.88 -26.03
C LYS B 487 -5.51 0.30 -24.68
N GLN B 488 -6.25 -0.72 -24.24
CA GLN B 488 -6.08 -1.31 -22.91
C GLN B 488 -4.65 -1.76 -22.65
N PHE B 489 -4.13 -1.37 -21.48
CA PHE B 489 -2.77 -1.68 -21.08
C PHE B 489 -1.74 -1.20 -22.10
N GLY B 490 -2.08 -0.12 -22.80
CA GLY B 490 -1.23 0.42 -23.85
C GLY B 490 -0.64 1.76 -23.50
N GLU B 491 -0.10 1.87 -22.29
CA GLU B 491 0.56 3.10 -21.85
C GLU B 491 1.82 3.36 -22.66
N LYS B 492 2.44 2.27 -23.13
CA LYS B 492 3.63 2.36 -23.95
C LYS B 492 3.34 3.04 -25.28
N GLU B 493 2.16 2.76 -25.83
CA GLU B 493 1.76 3.33 -27.10
C GLU B 493 1.34 4.80 -26.95
N LEU B 494 0.69 5.11 -25.83
CA LEU B 494 0.21 6.47 -25.59
C LEU B 494 1.36 7.46 -25.37
N PHE B 495 2.31 7.08 -24.53
CA PHE B 495 3.46 7.94 -24.25
C PHE B 495 4.27 8.21 -25.51
N ASN B 496 4.35 7.21 -26.39
CA ASN B 496 5.06 7.35 -27.66
C ASN B 496 4.34 8.36 -28.56
N ILE B 497 3.02 8.21 -28.65
CA ILE B 497 2.19 9.13 -29.42
C ILE B 497 2.20 10.53 -28.79
N GLY B 498 2.04 10.58 -27.47
CA GLY B 498 2.02 11.83 -26.75
C GLY B 498 3.33 12.60 -26.85
N TYR B 499 4.44 11.87 -26.84
CA TYR B 499 5.75 12.50 -26.93
C TYR B 499 5.98 13.10 -28.31
N ALA B 500 5.56 12.37 -29.34
CA ALA B 500 5.73 12.84 -30.72
C ALA B 500 4.89 14.08 -30.98
N TYR B 501 3.67 14.10 -30.44
CA TYR B 501 2.78 15.25 -30.58
C TYR B 501 3.28 16.45 -29.77
N GLU B 502 3.92 16.15 -28.65
CA GLU B 502 4.43 17.21 -27.78
C GLU B 502 5.65 17.92 -28.39
N GLN B 503 6.60 17.14 -28.88
CA GLN B 503 7.84 17.67 -29.43
C GLN B 503 7.61 18.35 -30.78
N GLN B 504 6.54 17.97 -31.47
CA GLN B 504 6.22 18.55 -32.76
C GLN B 504 5.45 19.85 -32.60
N SER B 505 4.70 19.96 -31.51
CA SER B 505 3.87 21.15 -31.27
C SER B 505 4.57 22.16 -30.37
N LYS B 506 5.04 21.70 -29.21
CA LYS B 506 5.66 22.56 -28.21
C LYS B 506 4.76 23.75 -27.87
N ASN B 507 3.51 23.45 -27.55
CA ASN B 507 2.51 24.50 -27.32
C ASN B 507 2.59 25.10 -25.92
N ARG B 508 3.13 24.35 -24.97
CA ARG B 508 3.16 24.81 -23.59
C ARG B 508 4.11 25.98 -23.37
N LYS B 509 3.59 27.04 -22.79
CA LYS B 509 4.39 28.19 -22.39
C LYS B 509 4.23 28.42 -20.89
N PRO B 510 5.36 28.56 -20.17
CA PRO B 510 5.34 28.76 -18.72
C PRO B 510 4.52 29.98 -18.32
N PRO B 511 3.66 29.83 -17.29
CA PRO B 511 2.79 30.91 -16.84
C PRO B 511 3.57 32.05 -16.19
N LYS B 512 3.12 33.28 -16.41
CA LYS B 512 3.77 34.45 -15.82
C LYS B 512 3.18 34.73 -14.43
N LEU B 513 3.85 34.22 -13.41
CA LEU B 513 3.41 34.39 -12.03
C LEU B 513 3.66 35.81 -11.55
N PRO C 9 -20.80 24.80 25.10
CA PRO C 9 -20.03 23.54 25.05
C PRO C 9 -19.57 23.18 23.64
N LYS C 10 -18.32 22.78 23.50
CA LYS C 10 -17.78 22.42 22.19
C LYS C 10 -18.35 21.08 21.70
N GLU C 11 -17.99 20.72 20.48
CA GLU C 11 -18.46 19.48 19.87
C GLU C 11 -17.61 18.28 20.29
N PRO C 12 -18.25 17.11 20.44
CA PRO C 12 -17.51 15.88 20.75
C PRO C 12 -16.75 15.34 19.55
N GLU C 13 -15.50 14.95 19.76
CA GLU C 13 -14.68 14.36 18.70
C GLU C 13 -14.32 12.93 19.06
N ARG C 14 -13.90 12.15 18.08
CA ARG C 14 -13.47 10.78 18.34
C ARG C 14 -12.10 10.76 19.01
N ILE C 15 -12.08 11.05 20.31
CA ILE C 15 -10.85 11.04 21.08
C ILE C 15 -10.84 9.88 22.07
N VAL C 16 -9.80 9.05 21.99
CA VAL C 16 -9.68 7.90 22.87
C VAL C 16 -8.29 7.84 23.51
N TYR C 17 -8.25 7.89 24.84
CA TYR C 17 -7.00 7.83 25.58
C TYR C 17 -6.77 6.46 26.20
N ASP C 18 -5.52 6.02 26.18
CA ASP C 18 -5.09 4.81 26.89
C ASP C 18 -6.00 3.61 26.61
N LYS C 19 -5.95 3.12 25.37
CA LYS C 19 -6.85 2.05 24.94
C LYS C 19 -6.53 0.72 25.61
N GLU C 20 -5.25 0.48 25.88
CA GLU C 20 -4.80 -0.77 26.48
C GLU C 20 -5.17 -0.88 27.95
N ARG C 21 -5.74 0.17 28.50
CA ARG C 21 -6.23 0.17 29.87
C ARG C 21 -7.42 -0.77 30.01
N VAL C 22 -8.16 -0.92 28.92
CA VAL C 22 -9.38 -1.72 28.90
C VAL C 22 -9.15 -3.04 28.16
N LEU C 23 -8.47 -2.97 27.03
CA LEU C 23 -8.24 -4.14 26.18
C LEU C 23 -7.38 -5.20 26.85
N GLN C 24 -6.28 -4.79 27.46
CA GLN C 24 -5.34 -5.73 28.06
C GLN C 24 -5.93 -6.54 29.22
N PRO C 25 -6.70 -5.89 30.12
CA PRO C 25 -7.35 -6.73 31.14
C PRO C 25 -8.35 -7.72 30.53
N ILE C 26 -8.97 -7.34 29.42
CA ILE C 26 -9.91 -8.21 28.73
C ILE C 26 -9.17 -9.34 28.00
N HIS C 27 -8.08 -8.98 27.33
CA HIS C 27 -7.28 -9.95 26.58
C HIS C 27 -6.66 -11.01 27.49
N ASN C 28 -6.22 -10.59 28.68
CA ASN C 28 -5.57 -11.50 29.61
C ASN C 28 -6.51 -12.62 30.10
N GLN C 29 -7.77 -12.26 30.34
CA GLN C 29 -8.73 -13.22 30.85
C GLN C 29 -9.65 -13.74 29.74
N LEU C 30 -9.15 -13.75 28.51
CA LEU C 30 -9.88 -14.31 27.39
C LEU C 30 -8.96 -15.15 26.49
N LYS C 31 -7.79 -15.49 27.01
CA LYS C 31 -6.86 -16.35 26.28
C LYS C 31 -7.39 -17.79 26.27
N GLY C 32 -8.00 -18.19 27.38
CA GLY C 32 -8.56 -19.52 27.50
C GLY C 32 -10.07 -19.52 27.35
N ILE C 33 -10.55 -18.93 26.26
CA ILE C 33 -11.98 -18.89 25.99
C ILE C 33 -12.26 -19.33 24.56
N ASN C 34 -13.50 -19.77 24.32
CA ASN C 34 -13.91 -20.19 22.98
C ASN C 34 -14.90 -19.22 22.38
N ILE C 35 -14.52 -18.61 21.26
CA ILE C 35 -15.36 -17.60 20.61
C ILE C 35 -16.64 -18.20 20.03
N GLU C 36 -16.65 -19.51 19.86
CA GLU C 36 -17.83 -20.20 19.34
C GLU C 36 -19.02 -20.06 20.27
N ASN C 37 -18.83 -20.47 21.52
CA ASN C 37 -19.90 -20.40 22.53
C ASN C 37 -20.25 -18.96 22.89
N VAL C 38 -19.27 -18.07 22.79
CA VAL C 38 -19.46 -16.66 23.11
C VAL C 38 -20.45 -16.00 22.14
N LYS C 39 -20.19 -16.16 20.85
CA LYS C 39 -21.05 -15.57 19.82
C LYS C 39 -22.46 -16.14 19.83
N ILE C 40 -22.57 -17.42 20.18
CA ILE C 40 -23.87 -18.08 20.24
C ILE C 40 -24.70 -17.57 21.40
N LYS C 41 -24.11 -17.56 22.59
CA LYS C 41 -24.81 -17.13 23.79
C LYS C 41 -25.04 -15.63 23.80
N GLU C 42 -24.30 -14.91 22.96
CA GLU C 42 -24.42 -13.45 22.87
C GLU C 42 -25.79 -13.04 22.35
N LYS C 43 -26.28 -13.77 21.34
CA LYS C 43 -27.57 -13.46 20.72
C LYS C 43 -28.73 -13.68 21.69
N GLU C 44 -28.47 -14.42 22.77
CA GLU C 44 -29.51 -14.73 23.75
C GLU C 44 -29.44 -13.78 24.94
N VAL C 45 -28.28 -13.17 25.14
CA VAL C 45 -28.04 -12.29 26.29
C VAL C 45 -28.43 -10.84 25.99
N VAL C 46 -28.09 -10.38 24.79
CA VAL C 46 -28.35 -9.00 24.39
C VAL C 46 -29.82 -8.61 24.53
N ASN C 47 -30.06 -7.47 25.18
CA ASN C 47 -31.40 -6.90 25.38
C ASN C 47 -32.28 -7.72 26.32
N ALA C 48 -31.72 -8.78 26.89
CA ALA C 48 -32.45 -9.60 27.86
C ALA C 48 -32.37 -8.99 29.25
N THR C 49 -33.45 -9.11 30.01
CA THR C 49 -33.51 -8.56 31.37
C THR C 49 -32.72 -9.45 32.33
N VAL C 50 -32.61 -9.00 33.58
CA VAL C 50 -31.87 -9.74 34.60
C VAL C 50 -32.59 -11.04 34.94
N ASP C 51 -33.91 -10.98 35.03
CA ASP C 51 -34.72 -12.16 35.35
C ASP C 51 -34.58 -13.24 34.28
N GLU C 52 -34.36 -12.82 33.04
CA GLU C 52 -34.19 -13.75 31.94
C GLU C 52 -32.80 -14.38 31.96
N LEU C 53 -31.80 -13.58 32.32
CA LEU C 53 -30.42 -14.06 32.41
C LEU C 53 -30.29 -15.12 33.50
N GLN C 54 -30.99 -14.92 34.61
CA GLN C 54 -30.99 -15.88 35.70
C GLN C 54 -31.78 -17.13 35.30
N LYS C 55 -32.70 -16.95 34.37
CA LYS C 55 -33.53 -18.06 33.90
C LYS C 55 -32.78 -18.88 32.85
N MSE C 56 -31.91 -18.21 32.10
CA MSE C 56 -31.13 -18.86 31.06
C MSE C 56 -30.06 -19.79 31.64
O MSE C 56 -29.64 -20.74 30.98
CB MSE C 56 -30.47 -17.83 30.16
CG MSE C 56 -31.40 -17.17 29.15
SE MSE C 56 -30.54 -15.72 28.20
CE MSE C 56 -28.85 -16.59 27.78
N ILE C 57 -29.63 -19.51 32.85
CA ILE C 57 -28.57 -20.28 33.50
C ILE C 57 -29.15 -21.37 34.40
N ASP C 58 -30.47 -21.32 34.60
CA ASP C 58 -31.16 -22.36 35.35
C ASP C 58 -31.51 -23.53 34.44
N ASP C 59 -32.11 -23.22 33.31
CA ASP C 59 -32.49 -24.24 32.34
C ASP C 59 -31.49 -24.29 31.18
N LEU C 62 -26.41 -21.28 29.86
CA LEU C 62 -25.19 -20.52 30.08
C LEU C 62 -24.87 -20.42 31.57
N SER C 63 -23.91 -19.57 31.91
CA SER C 63 -23.51 -19.36 33.29
C SER C 63 -22.96 -17.94 33.49
N TYR C 64 -22.50 -17.65 34.69
CA TYR C 64 -21.91 -16.35 35.00
C TYR C 64 -20.57 -16.17 34.29
N GLU C 65 -19.83 -17.27 34.15
CA GLU C 65 -18.54 -17.24 33.48
C GLU C 65 -18.69 -16.92 32.00
N GLU C 66 -19.73 -17.47 31.37
CA GLU C 66 -19.99 -17.21 29.97
C GLU C 66 -20.58 -15.81 29.78
N LEU C 67 -21.47 -15.43 30.68
CA LEU C 67 -22.13 -14.12 30.64
C LEU C 67 -21.13 -12.98 30.75
N THR C 68 -20.25 -13.08 31.75
CA THR C 68 -19.24 -12.05 31.97
C THR C 68 -18.25 -12.01 30.81
N SER C 69 -18.00 -13.17 30.21
CA SER C 69 -17.10 -13.28 29.07
C SER C 69 -17.66 -12.57 27.84
N ILE C 70 -18.98 -12.64 27.67
CA ILE C 70 -19.65 -11.99 26.56
C ILE C 70 -19.50 -10.47 26.64
N TYR C 71 -19.76 -9.92 27.82
CA TYR C 71 -19.66 -8.48 28.04
C TYR C 71 -18.25 -7.97 27.77
N LEU C 72 -17.25 -8.72 28.23
CA LEU C 72 -15.85 -8.36 27.99
C LEU C 72 -15.53 -8.39 26.50
N PHE C 73 -16.10 -9.36 25.81
CA PHE C 73 -15.89 -9.50 24.37
C PHE C 73 -16.57 -8.38 23.59
N ARG C 74 -17.73 -7.94 24.09
CA ARG C 74 -18.45 -6.86 23.44
C ARG C 74 -17.76 -5.51 23.65
N ILE C 75 -17.24 -5.30 24.87
CA ILE C 75 -16.50 -4.09 25.18
C ILE C 75 -15.24 -4.00 24.33
N GLN C 76 -14.57 -5.14 24.17
CA GLN C 76 -13.36 -5.21 23.36
C GLN C 76 -13.64 -4.93 21.89
N GLU C 77 -14.81 -5.34 21.42
CA GLU C 77 -15.12 -5.30 20.00
C GLU C 77 -15.96 -4.09 19.61
N HIS C 78 -16.63 -3.46 20.57
CA HIS C 78 -17.55 -2.37 20.27
C HIS C 78 -17.21 -1.07 20.99
N ASP C 79 -16.66 -1.18 22.20
CA ASP C 79 -16.38 0.01 23.00
C ASP C 79 -15.00 0.59 22.72
N GLN C 80 -13.99 -0.28 22.63
CA GLN C 80 -12.63 0.16 22.37
C GLN C 80 -12.22 -0.14 20.93
N ASN C 81 -13.08 -0.84 20.21
CA ASN C 81 -12.86 -1.12 18.79
C ASN C 81 -14.16 -1.03 18.00
N GLY C 82 -14.07 -1.21 16.69
CA GLY C 82 -15.23 -1.10 15.83
C GLY C 82 -15.79 0.32 15.84
N ILE C 83 -17.02 0.46 16.33
CA ILE C 83 -17.66 1.76 16.40
C ILE C 83 -17.01 2.60 17.50
N THR C 84 -16.34 1.92 18.44
CA THR C 84 -15.56 2.56 19.50
C THR C 84 -16.35 3.63 20.26
N LEU C 85 -17.27 3.19 21.10
CA LEU C 85 -18.10 4.11 21.89
C LEU C 85 -17.28 4.77 23.00
N ASN C 86 -16.25 4.07 23.45
CA ASN C 86 -15.35 4.57 24.49
C ASN C 86 -16.10 5.00 25.75
N SER C 87 -16.87 4.07 26.32
CA SER C 87 -17.67 4.37 27.49
C SER C 87 -17.16 3.67 28.74
N VAL C 88 -16.10 2.88 28.58
CA VAL C 88 -15.53 2.14 29.69
C VAL C 88 -14.14 2.66 30.04
N THR C 89 -13.92 2.92 31.33
CA THR C 89 -12.62 3.40 31.80
C THR C 89 -11.79 2.27 32.40
N GLU C 90 -12.44 1.40 33.17
CA GLU C 90 -11.74 0.33 33.85
C GLU C 90 -12.43 -1.02 33.66
N ILE C 91 -11.63 -2.09 33.68
CA ILE C 91 -12.14 -3.45 33.62
C ILE C 91 -11.53 -4.29 34.74
N ASN C 92 -12.39 -4.91 35.53
CA ASN C 92 -11.94 -5.79 36.61
C ASN C 92 -11.13 -6.96 36.05
N PRO C 93 -9.84 -7.02 36.39
CA PRO C 93 -8.98 -8.13 35.94
C PRO C 93 -9.37 -9.45 36.58
N ASN C 94 -10.06 -9.38 37.71
CA ASN C 94 -10.50 -10.57 38.42
C ASN C 94 -11.97 -10.90 38.14
N ALA C 95 -12.49 -10.35 37.06
CA ALA C 95 -13.89 -10.52 36.69
C ALA C 95 -14.23 -11.99 36.45
N MSE C 96 -13.34 -12.69 35.74
CA MSE C 96 -13.55 -14.09 35.42
C MSE C 96 -13.35 -14.99 36.64
O MSE C 96 -13.95 -16.05 36.75
CB MSE C 96 -12.62 -14.53 34.29
CG MSE C 96 -12.77 -13.71 33.00
SE MSE C 96 -13.94 -14.52 31.66
CE MSE C 96 -15.64 -14.31 32.57
N GLU C 97 -12.50 -14.54 37.56
CA GLU C 97 -12.23 -15.30 38.77
C GLU C 97 -13.39 -15.17 39.76
N GLU C 98 -14.04 -14.01 39.75
CA GLU C 98 -15.20 -13.78 40.61
C GLU C 98 -16.46 -14.37 39.99
N ALA C 99 -16.41 -14.61 38.67
CA ALA C 99 -17.55 -15.17 37.96
C ALA C 99 -17.60 -16.69 38.12
N ARG C 100 -16.45 -17.34 37.96
CA ARG C 100 -16.36 -18.79 38.12
C ARG C 100 -16.58 -19.20 39.57
N LYS C 101 -16.12 -18.36 40.50
CA LYS C 101 -16.32 -18.61 41.92
C LYS C 101 -17.77 -18.38 42.30
N LEU C 102 -18.49 -17.64 41.45
CA LEU C 102 -19.91 -17.39 41.66
C LEU C 102 -20.73 -18.57 41.14
N ASP C 103 -20.17 -19.29 40.17
CA ASP C 103 -20.82 -20.47 39.62
C ASP C 103 -20.67 -21.67 40.54
N GLN C 104 -19.51 -21.75 41.21
CA GLN C 104 -19.22 -22.84 42.12
C GLN C 104 -20.08 -22.76 43.38
N GLU C 105 -20.40 -21.55 43.80
CA GLU C 105 -21.21 -21.34 44.99
C GLU C 105 -22.59 -20.82 44.65
N ARG C 106 -23.01 -21.04 43.41
CA ARG C 106 -24.30 -20.54 42.94
C ARG C 106 -25.47 -21.16 43.67
N SER C 107 -25.66 -22.47 43.50
CA SER C 107 -26.81 -23.15 44.10
C SER C 107 -26.66 -23.31 45.61
N ARG C 108 -25.47 -23.01 46.13
CA ARG C 108 -25.19 -23.22 47.54
C ARG C 108 -25.16 -21.93 48.35
N ASN C 109 -25.29 -20.79 47.68
CA ASN C 109 -25.20 -19.50 48.39
C ASN C 109 -26.08 -18.40 47.81
N LYS C 110 -26.85 -18.71 46.78
CA LYS C 110 -27.76 -17.72 46.20
C LYS C 110 -28.99 -17.52 47.06
N LYS C 111 -29.01 -16.44 47.83
CA LYS C 111 -30.16 -16.09 48.65
C LYS C 111 -30.71 -14.74 48.23
N SER C 112 -30.51 -14.40 46.96
CA SER C 112 -31.03 -13.15 46.40
C SER C 112 -31.32 -13.31 44.91
N ASN C 113 -31.73 -12.21 44.27
CA ASN C 113 -32.03 -12.23 42.86
C ASN C 113 -31.06 -11.38 42.05
N LEU C 114 -29.95 -11.00 42.69
CA LEU C 114 -28.93 -10.19 42.04
C LEU C 114 -27.59 -10.93 42.04
N TYR C 115 -27.65 -12.21 42.39
CA TYR C 115 -26.46 -13.04 42.51
C TYR C 115 -25.76 -13.25 41.17
N GLY C 116 -24.45 -13.00 41.15
CA GLY C 116 -23.64 -13.26 39.96
C GLY C 116 -23.76 -12.22 38.87
N ILE C 117 -24.58 -11.19 39.10
CA ILE C 117 -24.80 -10.15 38.10
C ILE C 117 -23.65 -9.15 38.06
N PRO C 118 -23.02 -9.01 36.89
CA PRO C 118 -21.96 -8.00 36.70
C PRO C 118 -22.52 -6.58 36.70
N VAL C 119 -21.92 -5.71 37.49
CA VAL C 119 -22.38 -4.32 37.58
C VAL C 119 -21.23 -3.35 37.27
N VAL C 120 -21.53 -2.30 36.52
CA VAL C 120 -20.53 -1.30 36.19
C VAL C 120 -20.80 0.00 36.94
N VAL C 121 -19.88 0.39 37.80
CA VAL C 121 -20.02 1.62 38.57
C VAL C 121 -19.35 2.79 37.87
N LYS C 122 -19.82 4.00 38.16
CA LYS C 122 -19.25 5.21 37.56
C LYS C 122 -17.80 5.38 38.01
N ASP C 123 -17.01 6.07 37.18
CA ASP C 123 -15.57 6.19 37.41
C ASP C 123 -15.23 6.92 38.71
N ASN C 124 -16.22 7.55 39.32
CA ASN C 124 -15.99 8.27 40.58
C ASN C 124 -16.39 7.45 41.80
N VAL C 125 -16.59 6.14 41.60
CA VAL C 125 -16.98 5.25 42.68
C VAL C 125 -15.80 4.36 43.10
N GLN C 126 -15.55 4.30 44.41
CA GLN C 126 -14.38 3.61 44.95
C GLN C 126 -14.49 2.10 44.92
N THR C 127 -13.40 1.45 44.51
CA THR C 127 -13.25 0.00 44.63
C THR C 127 -11.89 -0.30 45.26
N ALA C 128 -11.82 -1.36 46.06
CA ALA C 128 -10.61 -1.67 46.81
C ALA C 128 -9.65 -2.58 46.05
N LYS C 129 -8.39 -2.14 45.98
CA LYS C 129 -7.27 -2.95 45.47
C LYS C 129 -7.36 -3.34 44.00
N VAL C 130 -8.49 -3.08 43.35
CA VAL C 130 -8.70 -3.56 41.99
C VAL C 130 -8.72 -2.45 40.96
N MSE C 131 -9.75 -1.60 41.00
CA MSE C 131 -9.93 -0.58 39.98
C MSE C 131 -9.78 0.84 40.52
O MSE C 131 -10.32 1.17 41.57
CB MSE C 131 -11.30 -0.73 39.32
CG MSE C 131 -11.44 -1.97 38.45
SE MSE C 131 -13.28 -2.60 38.37
CE MSE C 131 -13.52 -3.07 40.24
N PRO C 132 -9.02 1.68 39.79
CA PRO C 132 -8.78 3.08 40.16
C PRO C 132 -10.05 3.93 40.18
N THR C 133 -10.09 4.91 41.07
CA THR C 133 -11.19 5.85 41.14
C THR C 133 -10.67 7.25 40.79
N SER C 134 -11.12 7.77 39.66
CA SER C 134 -10.49 8.97 39.10
C SER C 134 -11.46 10.11 38.82
N ALA C 135 -12.75 9.80 38.83
CA ALA C 135 -13.78 10.76 38.45
C ALA C 135 -13.52 11.33 37.06
N GLY C 136 -12.93 10.51 36.20
CA GLY C 136 -12.64 10.90 34.82
C GLY C 136 -11.40 11.76 34.66
N THR C 137 -10.67 11.99 35.75
CA THR C 137 -9.50 12.87 35.70
C THR C 137 -8.22 12.12 35.34
N TYR C 138 -7.27 12.85 34.77
CA TYR C 138 -5.97 12.30 34.41
C TYR C 138 -5.08 12.18 35.64
N VAL C 139 -5.22 13.11 36.57
CA VAL C 139 -4.37 13.17 37.75
C VAL C 139 -4.61 11.99 38.68
N LEU C 140 -5.84 11.47 38.68
CA LEU C 140 -6.21 10.36 39.55
C LEU C 140 -6.41 9.06 38.77
N LYS C 141 -5.87 9.01 37.55
CA LYS C 141 -6.12 7.88 36.66
C LYS C 141 -5.56 6.57 37.20
N ASP C 142 -4.54 6.64 38.04
CA ASP C 142 -3.89 5.44 38.55
C ASP C 142 -4.05 5.26 40.05
N TRP C 143 -4.89 6.08 40.68
CA TRP C 143 -5.09 5.97 42.12
C TRP C 143 -6.14 4.94 42.48
N ILE C 144 -5.72 3.89 43.17
CA ILE C 144 -6.64 2.87 43.66
C ILE C 144 -7.03 3.14 45.10
N ALA C 145 -8.32 3.32 45.34
CA ALA C 145 -8.83 3.64 46.67
C ALA C 145 -8.55 2.53 47.68
N ASP C 146 -8.61 2.88 48.96
CA ASP C 146 -8.29 1.94 50.02
C ASP C 146 -9.45 0.98 50.29
N GLN C 147 -10.67 1.51 50.29
CA GLN C 147 -11.86 0.71 50.56
C GLN C 147 -12.86 0.79 49.42
N ASP C 148 -13.85 -0.10 49.45
CA ASP C 148 -14.95 -0.05 48.51
C ASP C 148 -15.96 1.01 48.93
N ALA C 149 -16.75 1.50 47.98
CA ALA C 149 -17.87 2.36 48.33
C ALA C 149 -18.93 1.52 49.02
N THR C 150 -19.75 2.16 49.85
CA THR C 150 -20.78 1.45 50.60
C THR C 150 -21.73 0.71 49.66
N ILE C 151 -22.11 1.37 48.57
CA ILE C 151 -23.00 0.76 47.58
C ILE C 151 -22.33 -0.41 46.88
N VAL C 152 -21.00 -0.37 46.77
CA VAL C 152 -20.25 -1.47 46.19
C VAL C 152 -20.15 -2.61 47.19
N LYS C 153 -19.89 -2.26 48.45
CA LYS C 153 -19.78 -3.24 49.52
C LYS C 153 -21.08 -4.01 49.69
N GLN C 154 -22.20 -3.31 49.54
CA GLN C 154 -23.52 -3.93 49.68
C GLN C 154 -23.86 -4.80 48.46
N LEU C 155 -23.38 -4.41 47.30
CA LEU C 155 -23.59 -5.18 46.08
C LEU C 155 -22.89 -6.53 46.15
N LYS C 156 -21.71 -6.55 46.76
CA LYS C 156 -20.92 -7.77 46.87
C LYS C 156 -21.51 -8.73 47.90
N GLU C 157 -22.47 -8.24 48.68
CA GLU C 157 -23.12 -9.05 49.69
C GLU C 157 -24.28 -9.87 49.10
N GLU C 158 -24.83 -9.39 47.99
CA GLU C 158 -25.96 -10.05 47.36
C GLU C 158 -25.56 -10.77 46.07
N GLY C 159 -24.28 -11.06 45.93
CA GLY C 159 -23.78 -11.84 44.80
C GLY C 159 -23.28 -11.02 43.63
N ALA C 160 -23.72 -9.78 43.54
CA ALA C 160 -23.31 -8.90 42.45
C ALA C 160 -21.84 -8.51 42.60
N PHE C 161 -21.16 -8.34 41.47
CA PHE C 161 -19.76 -7.94 41.47
C PHE C 161 -19.52 -6.82 40.45
N VAL C 162 -18.45 -6.07 40.66
CA VAL C 162 -18.13 -4.97 39.77
C VAL C 162 -17.40 -5.45 38.52
N LEU C 163 -18.08 -5.40 37.38
CA LEU C 163 -17.49 -5.79 36.11
C LEU C 163 -16.40 -4.81 35.69
N GLY C 164 -16.68 -3.53 35.85
CA GLY C 164 -15.73 -2.49 35.50
C GLY C 164 -16.26 -1.10 35.83
N LYS C 165 -15.64 -0.09 35.24
CA LYS C 165 -16.06 1.29 35.50
C LYS C 165 -16.37 2.04 34.21
N ALA C 166 -17.34 2.94 34.29
CA ALA C 166 -17.86 3.63 33.11
C ALA C 166 -17.27 5.02 32.93
N ASN C 167 -17.16 5.45 31.68
CA ASN C 167 -16.66 6.78 31.37
C ASN C 167 -17.64 7.86 31.83
N MSE C 168 -17.17 9.09 31.95
CA MSE C 168 -17.99 10.16 32.49
C MSE C 168 -17.47 11.54 32.12
O MSE C 168 -16.32 11.69 31.74
CB MSE C 168 -18.09 10.05 34.01
CG MSE C 168 -16.73 10.09 34.70
SE MSE C 168 -16.82 10.00 36.65
CE MSE C 168 -17.51 11.78 37.01
N SER C 169 -18.34 12.54 32.23
CA SER C 169 -17.90 13.92 32.14
C SER C 169 -16.99 14.18 33.34
N GLU C 170 -15.79 14.70 33.08
CA GLU C 170 -14.77 14.86 34.12
C GLU C 170 -15.27 15.74 35.26
N TRP C 171 -14.97 15.30 36.49
CA TRP C 171 -15.43 15.97 37.71
C TRP C 171 -16.94 16.12 37.76
N ALA C 172 -17.64 15.10 37.27
CA ALA C 172 -19.10 15.12 37.19
C ALA C 172 -19.58 16.36 36.43
N ASN C 173 -18.95 16.60 35.28
CA ASN C 173 -19.21 17.80 34.48
C ASN C 173 -19.01 19.08 35.28
N TYR C 174 -17.76 19.34 35.67
CA TYR C 174 -17.43 20.56 36.40
C TYR C 174 -15.97 20.94 36.17
N LEU C 175 -15.61 21.11 34.90
CA LEU C 175 -14.26 21.53 34.53
C LEU C 175 -14.29 22.89 33.84
N SER C 176 -15.09 22.99 32.80
CA SER C 176 -15.26 24.24 32.06
C SER C 176 -16.58 24.26 31.32
N PHE C 177 -16.98 25.43 30.85
CA PHE C 177 -18.24 25.59 30.13
C PHE C 177 -18.14 25.07 28.71
N THR C 178 -16.92 24.85 28.23
CA THR C 178 -16.69 24.49 26.84
C THR C 178 -16.48 22.98 26.66
N MSE C 179 -16.32 22.26 27.75
CA MSE C 179 -16.10 20.82 27.68
C MSE C 179 -17.37 20.08 27.29
O MSE C 179 -18.40 20.21 27.96
CB MSE C 179 -15.57 20.29 29.02
CG MSE C 179 -15.14 18.82 28.97
SE MSE C 179 -14.59 18.13 30.71
CE MSE C 179 -16.31 18.25 31.64
N PRO C 180 -17.30 19.30 26.21
CA PRO C 180 -18.45 18.50 25.77
C PRO C 180 -18.79 17.41 26.77
N SER C 181 -20.07 17.09 26.90
CA SER C 181 -20.52 16.06 27.82
C SER C 181 -20.02 14.69 27.38
N GLY C 182 -19.59 13.89 28.35
CA GLY C 182 -19.09 12.55 28.07
C GLY C 182 -17.60 12.52 27.86
N TYR C 183 -16.95 13.68 27.95
CA TYR C 183 -15.50 13.74 27.81
C TYR C 183 -14.80 13.65 29.16
N SER C 184 -13.67 12.96 29.18
CA SER C 184 -12.82 12.87 30.36
C SER C 184 -11.37 12.86 29.94
N GLY C 185 -10.52 13.51 30.74
CA GLY C 185 -9.10 13.53 30.45
C GLY C 185 -8.45 12.18 30.66
N LYS C 186 -9.15 11.30 31.37
CA LYS C 186 -8.62 9.98 31.69
C LYS C 186 -8.75 9.01 30.53
N LYS C 187 -9.95 8.92 29.95
CA LYS C 187 -10.22 7.92 28.92
C LYS C 187 -10.52 8.55 27.55
N GLY C 188 -11.14 9.72 27.57
CA GLY C 188 -11.47 10.41 26.33
C GLY C 188 -12.95 10.70 26.18
N GLN C 189 -13.40 10.76 24.92
CA GLN C 189 -14.78 11.15 24.62
C GLN C 189 -15.73 9.97 24.54
N ASN C 190 -16.85 10.08 25.24
CA ASN C 190 -17.92 9.08 25.15
C ASN C 190 -18.78 9.32 23.93
N LEU C 191 -19.12 8.26 23.21
CA LEU C 191 -19.95 8.38 22.02
C LEU C 191 -21.33 7.74 22.23
N ASN C 192 -22.36 8.37 21.67
CA ASN C 192 -23.72 7.87 21.78
C ASN C 192 -23.95 6.69 20.84
N PRO C 193 -24.34 5.53 21.40
CA PRO C 193 -24.54 4.30 20.62
C PRO C 193 -25.63 4.41 19.55
N TYR C 194 -26.51 5.40 19.69
CA TYR C 194 -27.58 5.58 18.72
C TYR C 194 -27.17 6.51 17.58
N GLY C 195 -25.93 6.99 17.64
CA GLY C 195 -25.40 7.87 16.61
C GLY C 195 -24.21 8.68 17.09
N PRO C 196 -23.01 8.09 17.02
CA PRO C 196 -21.76 8.74 17.45
C PRO C 196 -21.55 10.08 16.76
N ILE C 197 -20.95 11.04 17.48
CA ILE C 197 -20.72 12.40 16.99
C ILE C 197 -22.01 13.15 16.68
N MSE C 198 -22.92 12.51 15.95
CA MSE C 198 -24.20 13.10 15.58
C MSE C 198 -25.01 13.48 16.81
O MSE C 198 -25.51 14.60 16.92
CB MSE C 198 -25.00 12.14 14.70
CG MSE C 198 -26.17 12.78 13.98
SE MSE C 198 -27.33 11.47 13.13
CE MSE C 198 -25.96 10.28 12.41
N PHE C 199 -25.14 12.53 17.75
CA PHE C 199 -25.90 12.77 18.97
C PHE C 199 -24.98 12.85 20.18
N ASP C 200 -25.19 13.84 21.03
CA ASP C 200 -24.44 13.95 22.28
C ASP C 200 -24.82 12.81 23.21
N THR C 201 -23.98 12.58 24.22
CA THR C 201 -24.24 11.53 25.20
C THR C 201 -24.92 12.11 26.43
N SER C 202 -24.90 13.43 26.53
CA SER C 202 -25.27 14.14 27.75
C SER C 202 -24.35 13.72 28.89
N GLY C 203 -24.68 14.13 30.11
CA GLY C 203 -23.82 13.82 31.24
C GLY C 203 -24.51 13.99 32.58
N SER C 204 -23.77 13.71 33.66
CA SER C 204 -22.36 13.32 33.55
C SER C 204 -22.17 11.81 33.53
N SER C 205 -23.23 11.07 33.82
CA SER C 205 -23.16 9.61 33.80
C SER C 205 -23.35 9.06 32.39
N SER C 206 -22.53 9.54 31.47
CA SER C 206 -22.62 9.14 30.06
C SER C 206 -22.31 7.66 29.87
N GLY C 207 -21.17 7.23 30.41
CA GLY C 207 -20.73 5.85 30.25
C GLY C 207 -21.65 4.85 30.92
N SER C 208 -22.20 5.22 32.08
CA SER C 208 -23.11 4.35 32.81
C SER C 208 -24.39 4.12 32.03
N ALA C 209 -24.72 5.06 31.14
CA ALA C 209 -25.88 4.93 30.28
C ALA C 209 -25.54 4.08 29.06
N THR C 210 -24.36 4.35 28.48
CA THR C 210 -23.92 3.66 27.27
C THR C 210 -23.64 2.19 27.52
N VAL C 211 -23.08 1.88 28.69
CA VAL C 211 -22.69 0.52 29.03
C VAL C 211 -23.89 -0.42 29.09
N VAL C 212 -25.07 0.13 29.35
CA VAL C 212 -26.29 -0.67 29.41
C VAL C 212 -27.06 -0.59 28.09
N ALA C 213 -26.93 0.54 27.41
CA ALA C 213 -27.60 0.74 26.13
C ALA C 213 -27.00 -0.15 25.05
N ALA C 214 -25.69 -0.36 25.11
CA ALA C 214 -24.99 -1.18 24.13
C ALA C 214 -24.80 -2.60 24.64
N ASP C 215 -25.49 -2.92 25.74
CA ASP C 215 -25.42 -4.25 26.34
C ASP C 215 -23.99 -4.67 26.70
N PHE C 216 -23.23 -3.75 27.27
CA PHE C 216 -21.91 -4.07 27.79
C PHE C 216 -22.03 -4.54 29.24
N ALA C 217 -23.22 -4.35 29.80
CA ALA C 217 -23.52 -4.75 31.18
C ALA C 217 -25.03 -4.72 31.42
N PRO C 218 -25.52 -5.58 32.32
CA PRO C 218 -26.95 -5.61 32.62
C PRO C 218 -27.37 -4.38 33.42
N LEU C 219 -26.55 -4.01 34.40
CA LEU C 219 -26.86 -2.89 35.28
C LEU C 219 -25.67 -1.94 35.38
N ALA C 220 -25.93 -0.73 35.87
CA ALA C 220 -24.87 0.26 36.06
C ALA C 220 -25.23 1.26 37.15
N VAL C 221 -24.21 1.89 37.72
CA VAL C 221 -24.40 2.89 38.76
C VAL C 221 -23.93 4.26 38.28
N GLY C 222 -24.80 5.25 38.41
CA GLY C 222 -24.46 6.62 38.06
C GLY C 222 -24.61 7.54 39.26
N THR C 223 -24.07 8.75 39.13
CA THR C 223 -24.21 9.75 40.17
C THR C 223 -24.86 11.01 39.60
N GLU C 224 -25.57 11.75 40.44
CA GLU C 224 -26.22 12.98 39.97
C GLU C 224 -26.17 14.11 40.99
N THR C 225 -25.67 15.26 40.54
CA THR C 225 -25.79 16.49 41.29
C THR C 225 -27.03 17.23 40.82
N THR C 226 -27.13 17.41 39.50
CA THR C 226 -28.32 17.99 38.88
C THR C 226 -28.50 17.47 37.46
N GLY C 227 -29.29 16.42 37.32
CA GLY C 227 -29.60 15.86 36.02
C GLY C 227 -28.57 14.89 35.46
N SER C 228 -27.49 14.66 36.21
CA SER C 228 -26.39 13.85 35.72
C SER C 228 -26.73 12.36 35.53
N ILE C 229 -27.92 11.96 35.96
CA ILE C 229 -28.35 10.58 35.79
C ILE C 229 -29.49 10.45 34.77
N VAL C 230 -30.52 11.28 34.93
CA VAL C 230 -31.70 11.19 34.10
C VAL C 230 -31.50 11.74 32.69
N ALA C 231 -30.58 12.69 32.53
CA ALA C 231 -30.32 13.29 31.23
C ALA C 231 -29.55 12.35 30.28
N PRO C 232 -28.44 11.74 30.76
CA PRO C 232 -27.79 10.82 29.82
C PRO C 232 -28.59 9.53 29.63
N ALA C 233 -29.49 9.25 30.57
CA ALA C 233 -30.38 8.10 30.46
C ALA C 233 -31.44 8.35 29.39
N ALA C 234 -31.86 9.61 29.29
CA ALA C 234 -32.87 10.00 28.30
C ALA C 234 -32.24 10.18 26.92
N GLN C 235 -30.98 10.59 26.91
CA GLN C 235 -30.28 10.87 25.67
C GLN C 235 -29.75 9.58 25.01
N GLN C 236 -29.76 8.50 25.78
CA GLN C 236 -29.28 7.21 25.26
C GLN C 236 -30.31 6.11 25.44
N SER C 237 -31.57 6.51 25.65
CA SER C 237 -32.71 5.61 25.68
C SER C 237 -32.59 4.48 26.69
N VAL C 238 -32.26 4.81 27.93
CA VAL C 238 -32.24 3.82 29.02
C VAL C 238 -32.94 4.37 30.26
N VAL C 239 -33.12 3.51 31.25
CA VAL C 239 -33.78 3.92 32.49
C VAL C 239 -32.77 4.34 33.55
N GLY C 240 -32.99 5.51 34.13
CA GLY C 240 -32.13 6.01 35.18
C GLY C 240 -32.91 6.59 36.34
N LEU C 241 -32.48 6.29 37.56
CA LEU C 241 -33.19 6.75 38.74
C LEU C 241 -32.29 7.57 39.68
N ARG C 242 -32.78 8.74 40.07
CA ARG C 242 -32.16 9.50 41.15
C ARG C 242 -32.95 9.25 42.43
N PRO C 243 -32.32 8.63 43.43
CA PRO C 243 -33.01 8.34 44.69
C PRO C 243 -33.23 9.60 45.52
N SER C 244 -34.02 9.48 46.59
CA SER C 244 -34.24 10.59 47.50
C SER C 244 -32.95 10.93 48.23
N LEU C 245 -32.73 12.20 48.51
CA LEU C 245 -31.54 12.63 49.25
C LEU C 245 -31.55 12.06 50.66
N GLY C 246 -30.85 10.96 50.85
CA GLY C 246 -30.80 10.26 52.13
C GLY C 246 -31.07 8.78 51.96
N ARG C 247 -31.51 8.40 50.76
CA ARG C 247 -31.85 7.02 50.46
C ARG C 247 -30.58 6.19 50.22
N VAL C 248 -29.63 6.77 49.50
CA VAL C 248 -28.41 6.05 49.13
C VAL C 248 -27.17 6.75 49.66
N SER C 249 -26.29 5.99 50.29
CA SER C 249 -25.05 6.52 50.85
C SER C 249 -24.08 6.97 49.76
N ARG C 250 -23.34 8.05 50.04
CA ARG C 250 -22.37 8.58 49.10
C ARG C 250 -20.93 8.25 49.51
N THR C 251 -20.79 7.51 50.61
CA THR C 251 -19.48 7.11 51.12
C THR C 251 -18.73 6.26 50.10
N GLY C 252 -17.53 6.72 49.73
CA GLY C 252 -16.73 6.02 48.74
C GLY C 252 -17.00 6.52 47.34
N ILE C 253 -17.47 7.76 47.23
CA ILE C 253 -17.74 8.37 45.94
C ILE C 253 -17.16 9.78 45.88
N ILE C 254 -16.30 10.03 44.89
CA ILE C 254 -15.71 11.35 44.71
C ILE C 254 -16.80 12.40 44.48
N PRO C 255 -16.96 13.32 45.44
CA PRO C 255 -18.09 14.26 45.46
C PRO C 255 -17.95 15.42 44.49
N LEU C 256 -19.03 16.18 44.36
CA LEU C 256 -19.04 17.44 43.62
C LEU C 256 -19.66 18.51 44.50
N ALA C 257 -20.86 18.23 44.98
CA ALA C 257 -21.53 19.06 45.97
C ALA C 257 -22.44 18.19 46.82
N GLU C 258 -22.00 17.90 48.04
CA GLU C 258 -22.69 16.95 48.91
C GLU C 258 -24.13 17.37 49.23
N THR C 259 -24.44 18.64 48.97
CA THR C 259 -25.81 19.14 49.12
C THR C 259 -26.73 18.40 48.15
N LEU C 260 -26.22 18.09 46.96
CA LEU C 260 -27.03 17.51 45.91
C LEU C 260 -26.58 16.11 45.49
N ASP C 261 -25.34 15.76 45.83
CA ASP C 261 -24.75 14.49 45.40
C ASP C 261 -25.57 13.27 45.81
N THR C 262 -25.72 12.33 44.88
CA THR C 262 -26.42 11.08 45.13
C THR C 262 -26.08 10.06 44.06
N ALA C 263 -26.26 8.78 44.39
CA ALA C 263 -25.97 7.70 43.45
C ALA C 263 -27.21 6.86 43.18
N GLY C 264 -27.51 6.65 41.90
CA GLY C 264 -28.70 5.91 41.51
C GLY C 264 -28.44 4.80 40.52
N PRO C 265 -29.44 3.93 40.32
CA PRO C 265 -29.34 2.78 39.42
C PRO C 265 -29.67 3.12 37.97
N MSE C 266 -29.06 2.41 37.03
CA MSE C 266 -29.33 2.63 35.61
C MSE C 266 -29.41 1.31 34.86
O MSE C 266 -28.57 0.42 35.06
CB MSE C 266 -28.25 3.53 34.99
CG MSE C 266 -28.09 4.88 35.67
SE MSE C 266 -26.84 6.07 34.77
CE MSE C 266 -27.88 6.42 33.16
N ALA C 267 -30.42 1.17 34.01
CA ALA C 267 -30.63 -0.05 33.24
C ALA C 267 -31.51 0.22 32.01
N ARG C 268 -31.72 -0.81 31.20
CA ARG C 268 -32.63 -0.70 30.07
C ARG C 268 -34.07 -0.76 30.55
N THR C 269 -34.29 -1.58 31.57
CA THR C 269 -35.63 -1.85 32.08
C THR C 269 -35.84 -1.25 33.46
N VAL C 270 -37.04 -0.70 33.69
CA VAL C 270 -37.39 -0.13 34.98
C VAL C 270 -37.31 -1.18 36.09
N LYS C 271 -37.70 -2.41 35.75
CA LYS C 271 -37.65 -3.51 36.70
C LYS C 271 -36.21 -3.85 37.09
N ASP C 272 -35.32 -3.86 36.11
CA ASP C 272 -33.91 -4.16 36.35
C ASP C 272 -33.25 -3.06 37.19
N ALA C 273 -33.72 -1.83 37.03
CA ALA C 273 -33.22 -0.71 37.82
C ALA C 273 -33.62 -0.87 39.27
N ALA C 274 -34.81 -1.43 39.50
CA ALA C 274 -35.30 -1.67 40.85
C ALA C 274 -34.54 -2.83 41.50
N THR C 275 -34.14 -3.80 40.67
CA THR C 275 -33.40 -4.96 41.15
C THR C 275 -32.03 -4.53 41.68
N LEU C 276 -31.51 -3.44 41.13
CA LEU C 276 -30.24 -2.89 41.55
C LEU C 276 -30.42 -1.92 42.71
N PHE C 277 -31.53 -1.19 42.70
CA PHE C 277 -31.76 -0.12 43.65
C PHE C 277 -31.92 -0.61 45.10
N ASN C 278 -32.53 -1.78 45.26
CA ASN C 278 -32.75 -2.33 46.60
C ASN C 278 -31.49 -2.95 47.19
N ALA C 279 -30.38 -2.81 46.48
CA ALA C 279 -29.08 -3.29 46.96
C ALA C 279 -28.15 -2.12 47.25
N MSE C 280 -28.51 -0.94 46.74
CA MSE C 280 -27.73 0.27 46.99
C MSE C 280 -28.23 0.99 48.22
O MSE C 280 -27.46 1.60 48.96
CB MSE C 280 -27.78 1.20 45.78
CG MSE C 280 -27.53 0.52 44.44
SE MSE C 280 -27.60 1.84 43.00
CE MSE C 280 -28.85 3.07 43.82
N ILE C 281 -29.55 0.92 48.45
CA ILE C 281 -30.17 1.56 49.60
C ILE C 281 -29.76 0.85 50.88
N GLY C 282 -29.57 1.61 51.95
CA GLY C 282 -29.21 1.06 53.24
C GLY C 282 -28.87 2.16 54.23
N TYR C 283 -28.27 1.78 55.36
CA TYR C 283 -27.86 2.76 56.36
C TYR C 283 -26.34 2.92 56.39
N ASP C 284 -25.88 4.13 56.68
CA ASP C 284 -24.47 4.42 56.77
C ASP C 284 -24.21 5.53 57.79
N GLU C 285 -23.42 5.23 58.81
CA GLU C 285 -23.10 6.20 59.85
C GLU C 285 -22.14 7.27 59.33
N LYS C 286 -21.35 6.90 58.33
CA LYS C 286 -20.39 7.82 57.73
C LYS C 286 -21.10 8.96 57.01
N ASP C 287 -22.15 8.62 56.27
CA ASP C 287 -22.95 9.62 55.57
C ASP C 287 -24.13 10.07 56.44
N VAL C 288 -24.02 11.27 56.99
CA VAL C 288 -24.99 11.78 57.95
C VAL C 288 -26.33 12.13 57.30
N MSE C 289 -26.41 12.01 55.98
CA MSE C 289 -27.64 12.30 55.26
C MSE C 289 -28.56 11.09 55.26
O MSE C 289 -29.77 11.19 55.06
CB MSE C 289 -27.33 12.74 53.83
CG MSE C 289 -28.36 13.69 53.24
SE MSE C 289 -28.44 15.37 54.21
CE MSE C 289 -29.68 16.35 53.06
N THR C 290 -27.96 9.92 55.48
CA THR C 290 -28.68 8.65 55.45
C THR C 290 -29.67 8.52 56.60
N GLU C 291 -29.42 9.26 57.68
CA GLU C 291 -30.25 9.17 58.88
C GLU C 291 -31.63 9.80 58.70
N LYS C 292 -31.94 10.23 57.48
CA LYS C 292 -33.25 10.78 57.18
C LYS C 292 -34.22 9.68 56.73
N VAL C 293 -33.75 8.44 56.74
CA VAL C 293 -34.58 7.30 56.37
C VAL C 293 -35.56 6.94 57.48
N ASP C 295 -38.89 4.80 60.23
CA ASP C 295 -37.45 4.80 60.13
C ASP C 295 -36.98 3.97 58.94
N LYS C 296 -36.27 2.88 59.23
CA LYS C 296 -35.73 2.02 58.18
C LYS C 296 -36.68 0.86 57.86
N GLU C 297 -36.77 0.51 56.58
CA GLU C 297 -37.61 -0.59 56.14
C GLU C 297 -37.17 -1.08 54.76
N ARG C 298 -36.53 -2.25 54.73
CA ARG C 298 -36.06 -2.83 53.47
C ARG C 298 -37.24 -3.23 52.59
N ILE C 299 -37.28 -2.65 51.39
CA ILE C 299 -38.38 -2.90 50.47
C ILE C 299 -37.90 -3.48 49.14
N ASP C 300 -38.56 -4.56 48.71
CA ASP C 300 -38.28 -5.14 47.40
C ASP C 300 -39.05 -4.35 46.34
N TYR C 301 -38.32 -3.59 45.53
CA TYR C 301 -38.95 -2.69 44.56
C TYR C 301 -39.32 -3.42 43.26
N THR C 302 -39.25 -4.75 43.27
CA THR C 302 -39.59 -5.54 42.10
C THR C 302 -40.86 -6.34 42.31
N LYS C 303 -41.43 -6.23 43.53
CA LYS C 303 -42.64 -6.97 43.87
C LYS C 303 -43.88 -6.34 43.24
N ASP C 304 -43.88 -5.01 43.12
CA ASP C 304 -45.01 -4.29 42.57
C ASP C 304 -44.88 -4.12 41.05
N LEU C 305 -44.61 -5.22 40.36
CA LEU C 305 -44.52 -5.20 38.90
C LEU C 305 -45.91 -5.16 38.28
N SER C 306 -46.61 -4.05 38.47
CA SER C 306 -47.97 -3.90 37.99
C SER C 306 -48.03 -3.07 36.71
N ILE C 307 -48.54 -3.68 35.64
CA ILE C 307 -48.72 -2.98 34.38
C ILE C 307 -49.89 -2.01 34.47
N ASP C 308 -50.69 -2.16 35.52
CA ASP C 308 -51.80 -1.25 35.78
C ASP C 308 -51.44 -0.29 36.91
N GLY C 309 -50.17 0.06 37.01
CA GLY C 309 -49.69 0.97 38.02
C GLY C 309 -50.10 2.41 37.74
N LEU C 310 -50.46 2.67 36.49
CA LEU C 310 -50.90 4.01 36.09
C LEU C 310 -52.40 4.16 36.28
N LYS C 311 -53.10 3.03 36.44
CA LYS C 311 -54.55 3.04 36.60
C LYS C 311 -54.97 3.80 37.84
N GLY C 312 -55.47 5.02 37.64
CA GLY C 312 -55.94 5.85 38.74
C GLY C 312 -54.95 6.92 39.15
N LYS C 313 -53.70 6.77 38.70
CA LYS C 313 -52.65 7.71 39.05
C LYS C 313 -52.82 9.04 38.32
N LYS C 314 -52.70 10.14 39.07
CA LYS C 314 -52.80 11.47 38.50
C LYS C 314 -51.41 12.02 38.19
N ILE C 315 -51.15 12.29 36.91
CA ILE C 315 -49.84 12.74 36.49
C ILE C 315 -49.88 14.13 35.86
N GLY C 316 -49.10 15.06 36.42
CA GLY C 316 -49.00 16.40 35.88
C GLY C 316 -47.91 16.51 34.84
N LEU C 317 -48.27 17.00 33.66
CA LEU C 317 -47.31 17.13 32.56
C LEU C 317 -46.51 18.42 32.67
N LEU C 318 -45.22 18.34 32.41
CA LEU C 318 -44.34 19.49 32.47
C LEU C 318 -43.94 19.97 31.09
N PHE C 319 -44.61 19.44 30.06
CA PHE C 319 -44.34 19.81 28.68
C PHE C 319 -45.63 20.06 27.92
N SER C 320 -45.56 20.92 26.91
CA SER C 320 -46.71 21.20 26.05
C SER C 320 -46.47 20.63 24.66
N VAL C 321 -47.30 19.68 24.25
CA VAL C 321 -47.15 18.99 22.98
C VAL C 321 -47.26 19.95 21.79
N ASP C 322 -48.00 21.04 21.98
CA ASP C 322 -48.20 22.02 20.92
C ASP C 322 -47.06 23.02 20.86
N GLN C 323 -46.33 23.15 21.97
CA GLN C 323 -45.24 24.11 22.06
C GLN C 323 -43.91 23.50 21.62
N GLN C 324 -43.93 22.20 21.35
CA GLN C 324 -42.71 21.50 20.94
C GLN C 324 -42.34 21.80 19.49
N ASP C 325 -41.09 21.51 19.14
CA ASP C 325 -40.63 21.66 17.76
C ASP C 325 -41.20 20.54 16.91
N GLU C 326 -40.96 20.61 15.61
CA GLU C 326 -41.49 19.62 14.68
C GLU C 326 -40.93 18.22 14.95
N ASN C 327 -39.69 18.15 15.42
CA ASN C 327 -39.04 16.88 15.69
C ASN C 327 -39.62 16.14 16.88
N ARG C 328 -39.71 16.84 18.01
CA ARG C 328 -40.18 16.22 19.25
C ARG C 328 -41.67 16.42 19.50
N LYS C 329 -42.41 16.72 18.44
CA LYS C 329 -43.85 16.91 18.54
C LYS C 329 -44.57 15.56 18.57
N ALA C 330 -44.17 14.67 17.67
CA ALA C 330 -44.76 13.33 17.60
C ALA C 330 -44.38 12.50 18.81
N VAL C 331 -43.18 12.74 19.34
CA VAL C 331 -42.70 12.04 20.52
C VAL C 331 -43.50 12.45 21.75
N ALA C 332 -43.73 13.75 21.89
CA ALA C 332 -44.48 14.28 23.03
C ALA C 332 -45.93 13.82 23.00
N GLU C 333 -46.47 13.68 21.80
CA GLU C 333 -47.86 13.26 21.62
C GLU C 333 -48.06 11.80 22.04
N LYS C 334 -47.07 10.97 21.77
CA LYS C 334 -47.15 9.56 22.10
C LYS C 334 -47.03 9.34 23.61
N ILE C 335 -46.27 10.20 24.27
CA ILE C 335 -46.14 10.16 25.73
C ILE C 335 -47.50 10.40 26.37
N ARG C 336 -48.16 11.47 25.95
CA ARG C 336 -49.50 11.81 26.43
C ARG C 336 -50.48 10.67 26.17
N LYS C 337 -50.37 10.07 24.98
CA LYS C 337 -51.23 8.97 24.60
C LYS C 337 -51.01 7.74 25.49
N ASP C 338 -49.76 7.32 25.60
CA ASP C 338 -49.42 6.12 26.37
C ASP C 338 -49.81 6.25 27.84
N LEU C 339 -49.75 7.46 28.37
CA LEU C 339 -50.19 7.71 29.74
C LEU C 339 -51.70 7.55 29.85
N GLN C 340 -52.42 8.10 28.88
CA GLN C 340 -53.87 7.98 28.84
C GLN C 340 -54.29 6.56 28.47
N ASP C 341 -53.53 5.95 27.58
CA ASP C 341 -53.81 4.58 27.14
C ASP C 341 -53.72 3.59 28.28
N ALA C 342 -52.81 3.85 29.22
CA ALA C 342 -52.65 3.02 30.40
C ALA C 342 -53.62 3.45 31.49
N GLY C 343 -54.50 4.38 31.16
CA GLY C 343 -55.52 4.84 32.08
C GLY C 343 -54.99 5.71 33.20
N ALA C 344 -54.58 6.94 32.86
CA ALA C 344 -54.09 7.87 33.86
C ALA C 344 -54.65 9.27 33.64
N ILE C 345 -55.02 9.94 34.73
CA ILE C 345 -55.56 11.29 34.65
C ILE C 345 -54.43 12.30 34.46
N LEU C 346 -54.42 12.96 33.30
CA LEU C 346 -53.37 13.91 32.98
C LEU C 346 -53.81 15.36 33.21
N THR C 347 -52.98 16.11 33.92
CA THR C 347 -53.22 17.53 34.15
C THR C 347 -52.73 18.32 32.95
N ASP C 348 -53.23 19.55 32.79
CA ASP C 348 -52.82 20.40 31.68
C ASP C 348 -51.36 20.81 31.79
N TYR C 349 -50.91 21.65 30.86
CA TYR C 349 -49.52 22.08 30.82
C TYR C 349 -49.09 22.81 32.09
N ILE C 350 -48.35 22.12 32.94
CA ILE C 350 -47.85 22.69 34.18
C ILE C 350 -46.46 23.28 33.97
N GLN C 351 -46.31 24.57 34.24
CA GLN C 351 -45.03 25.24 34.10
C GLN C 351 -44.42 25.58 35.46
N LEU C 352 -43.43 24.79 35.87
CA LEU C 352 -42.76 24.99 37.14
C LEU C 352 -41.99 26.31 37.14
N ASN C 353 -41.96 26.97 38.30
CA ASN C 353 -41.28 28.25 38.43
C ASN C 353 -39.98 28.14 39.21
N ASN C 354 -38.86 28.22 38.52
CA ASN C 354 -37.55 28.16 39.16
C ASN C 354 -37.17 29.50 39.77
N GLY C 355 -37.76 29.81 40.93
CA GLY C 355 -37.51 31.07 41.59
C GLY C 355 -36.75 30.93 42.89
N GLY C 356 -35.61 31.60 42.97
CA GLY C 356 -34.79 31.59 44.18
C GLY C 356 -34.08 30.28 44.42
N VAL C 357 -34.12 29.39 43.42
CA VAL C 357 -33.46 28.09 43.54
C VAL C 357 -32.11 28.12 42.84
N ASP C 358 -31.07 28.40 43.62
CA ASP C 358 -29.72 28.51 43.09
C ASP C 358 -29.05 27.14 42.96
N ASN C 359 -28.15 27.02 41.99
CA ASN C 359 -27.43 25.77 41.76
C ASN C 359 -25.92 26.01 41.62
N LEU C 360 -25.56 27.10 40.94
CA LEU C 360 -24.17 27.39 40.63
C LEU C 360 -23.36 27.79 41.86
N GLN C 361 -23.87 28.73 42.63
CA GLN C 361 -23.16 29.22 43.83
C GLN C 361 -22.97 28.10 44.85
N THR C 362 -23.90 27.16 44.86
CA THR C 362 -23.80 25.98 45.71
C THR C 362 -22.60 25.14 45.30
N LEU C 363 -22.38 25.02 44.00
CA LEU C 363 -21.29 24.24 43.45
C LEU C 363 -19.93 24.92 43.65
N GLU C 364 -19.89 26.23 43.37
CA GLU C 364 -18.64 26.99 43.42
C GLU C 364 -17.97 26.93 44.78
N TYR C 365 -18.76 26.99 45.85
CA TYR C 365 -18.22 26.96 47.19
C TYR C 365 -17.93 25.53 47.66
N GLU C 366 -18.90 24.65 47.50
CA GLU C 366 -18.86 23.33 48.12
C GLU C 366 -17.88 22.37 47.44
N PHE C 367 -17.61 22.58 46.15
CA PHE C 367 -16.71 21.69 45.41
C PHE C 367 -15.30 21.70 45.98
N LYS C 368 -14.79 22.90 46.23
CA LYS C 368 -13.45 23.05 46.79
C LYS C 368 -13.33 22.37 48.15
N HIS C 369 -14.35 22.55 48.98
CA HIS C 369 -14.33 22.02 50.34
C HIS C 369 -14.57 20.52 50.39
N ASN C 370 -15.47 20.01 49.55
CA ASN C 370 -15.73 18.59 49.51
C ASN C 370 -14.53 17.80 49.01
N VAL C 371 -13.92 18.30 47.94
CA VAL C 371 -12.77 17.64 47.34
C VAL C 371 -11.58 17.59 48.28
N ASN C 372 -11.26 18.72 48.90
CA ASN C 372 -10.15 18.78 49.84
C ASN C 372 -10.38 17.89 51.06
N ASP C 373 -11.62 17.83 51.53
CA ASP C 373 -11.98 16.97 52.65
C ASP C 373 -11.89 15.50 52.24
N TYR C 374 -12.24 15.22 51.00
CA TYR C 374 -12.18 13.86 50.47
C TYR C 374 -10.75 13.35 50.41
N PHE C 375 -9.85 14.18 49.87
CA PHE C 375 -8.45 13.81 49.70
C PHE C 375 -7.71 13.72 51.03
N SER C 376 -8.18 14.47 52.02
CA SER C 376 -7.53 14.49 53.33
C SER C 376 -7.75 13.17 54.07
N GLN C 377 -8.81 12.45 53.71
CA GLN C 377 -9.15 11.19 54.35
C GLN C 377 -8.47 10.00 53.67
N GLN C 378 -8.27 10.10 52.37
CA GLN C 378 -7.71 9.00 51.58
C GLN C 378 -6.22 8.83 51.83
N LYS C 379 -5.70 7.67 51.47
CA LYS C 379 -4.27 7.37 51.62
C LYS C 379 -3.64 7.07 50.26
N ASN C 380 -2.35 7.39 50.14
CA ASN C 380 -1.60 7.18 48.91
C ASN C 380 -2.24 7.86 47.70
N VAL C 381 -2.84 9.02 47.93
CA VAL C 381 -3.50 9.77 46.86
C VAL C 381 -2.51 10.78 46.25
N PRO C 382 -2.44 10.81 44.90
CA PRO C 382 -1.50 11.68 44.18
C PRO C 382 -1.70 13.16 44.46
N VAL C 383 -2.82 13.53 45.07
CA VAL C 383 -3.16 14.92 45.32
C VAL C 383 -3.92 15.10 46.64
N LYS C 384 -3.57 16.13 47.40
CA LYS C 384 -4.27 16.41 48.65
C LYS C 384 -4.94 17.79 48.66
N SER C 385 -5.03 18.41 47.49
CA SER C 385 -5.64 19.74 47.39
C SER C 385 -6.11 20.06 45.97
N LEU C 386 -7.14 20.89 45.88
CA LEU C 386 -7.69 21.28 44.58
C LEU C 386 -6.70 22.15 43.80
N LYS C 387 -5.91 22.95 44.51
CA LYS C 387 -4.93 23.82 43.87
C LYS C 387 -3.73 23.04 43.38
N GLU C 388 -3.53 21.84 43.92
CA GLU C 388 -2.48 20.96 43.44
C GLU C 388 -2.89 20.36 42.10
N ILE C 389 -4.18 20.05 41.95
CA ILE C 389 -4.73 19.56 40.70
C ILE C 389 -4.58 20.60 39.60
N ILE C 390 -4.92 21.84 39.92
CA ILE C 390 -4.81 22.95 38.99
C ILE C 390 -3.39 23.10 38.49
N ALA C 391 -2.43 23.00 39.41
CA ALA C 391 -1.01 23.08 39.05
C ALA C 391 -0.58 21.88 38.22
N PHE C 392 -1.15 20.72 38.53
CA PHE C 392 -0.82 19.49 37.82
C PHE C 392 -1.31 19.54 36.38
N ASN C 393 -2.50 20.08 36.17
CA ASN C 393 -3.09 20.16 34.84
C ASN C 393 -2.35 21.12 33.91
N LYS C 394 -1.76 22.16 34.49
CA LYS C 394 -1.05 23.17 33.72
C LYS C 394 0.25 22.64 33.12
N ARG C 395 0.77 21.55 33.69
CA ARG C 395 2.01 20.95 33.22
C ARG C 395 1.90 20.39 31.81
N ASP C 396 0.69 19.95 31.45
CA ASP C 396 0.44 19.42 30.12
C ASP C 396 -1.01 19.71 29.72
N SER C 397 -1.27 20.97 29.38
CA SER C 397 -2.63 21.46 29.13
C SER C 397 -3.33 20.73 27.99
N ASN C 398 -2.61 20.48 26.91
CA ASN C 398 -3.19 19.88 25.71
C ASN C 398 -3.75 18.47 25.94
N ARG C 399 -3.26 17.81 26.98
CA ARG C 399 -3.68 16.44 27.28
C ARG C 399 -4.57 16.37 28.52
N ARG C 400 -4.21 17.12 29.55
CA ARG C 400 -4.87 17.00 30.84
C ARG C 400 -6.12 17.88 30.95
N ILE C 401 -6.09 19.04 30.31
CA ILE C 401 -7.24 19.93 30.29
C ILE C 401 -7.46 20.53 28.90
N LYS C 402 -7.81 19.68 27.94
CA LYS C 402 -8.00 20.09 26.56
C LYS C 402 -9.01 21.23 26.44
N TYR C 403 -10.03 21.22 27.27
CA TYR C 403 -11.07 22.23 27.23
C TYR C 403 -10.98 23.19 28.43
N GLY C 404 -9.84 23.18 29.11
CA GLY C 404 -9.59 24.09 30.21
C GLY C 404 -10.08 23.59 31.55
N GLN C 405 -9.91 24.41 32.58
CA GLN C 405 -10.31 24.06 33.94
C GLN C 405 -10.79 25.30 34.70
N THR C 406 -11.51 26.16 33.99
CA THR C 406 -11.91 27.45 34.55
C THR C 406 -12.95 27.33 35.66
N LEU C 407 -13.61 26.18 35.76
CA LEU C 407 -14.64 25.98 36.77
C LEU C 407 -14.03 25.58 38.13
N ILE C 408 -13.01 24.73 38.10
CA ILE C 408 -12.36 24.33 39.34
C ILE C 408 -11.41 25.43 39.82
N GLU C 409 -11.03 26.31 38.90
CA GLU C 409 -10.23 27.48 39.24
C GLU C 409 -11.11 28.52 39.94
N ALA C 410 -12.36 28.60 39.50
CA ALA C 410 -13.32 29.53 40.08
C ALA C 410 -13.73 29.10 41.48
N SER C 411 -13.71 27.79 41.71
CA SER C 411 -14.07 27.24 43.02
C SER C 411 -12.94 27.43 44.02
N GLU C 412 -11.71 27.35 43.54
CA GLU C 412 -10.53 27.55 44.38
C GLU C 412 -10.41 28.99 44.82
N LYS C 413 -10.66 29.91 43.89
CA LYS C 413 -10.54 31.34 44.16
C LYS C 413 -11.89 31.93 44.57
N SER C 414 -12.80 31.08 45.03
CA SER C 414 -14.14 31.50 45.39
C SER C 414 -14.14 32.41 46.61
N THR C 415 -14.95 33.48 46.55
CA THR C 415 -15.05 34.43 47.65
C THR C 415 -16.40 34.35 48.34
N ILE C 416 -16.93 33.13 48.46
CA ILE C 416 -18.21 32.92 49.13
C ILE C 416 -17.99 32.36 50.52
N THR C 417 -18.48 33.06 51.54
CA THR C 417 -18.30 32.64 52.91
C THR C 417 -19.21 31.46 53.23
N LYS C 418 -18.94 30.81 54.36
CA LYS C 418 -19.74 29.67 54.81
C LYS C 418 -21.19 30.08 55.06
N ASP C 419 -21.36 31.30 55.59
CA ASP C 419 -22.69 31.83 55.89
C ASP C 419 -23.47 32.13 54.61
N GLU C 420 -22.78 32.64 53.60
CA GLU C 420 -23.41 32.97 52.33
C GLU C 420 -23.76 31.71 51.53
N PHE C 421 -23.30 30.56 52.01
CA PHE C 421 -23.57 29.29 51.35
C PHE C 421 -24.75 28.56 51.99
N GLU C 422 -24.69 28.39 53.30
CA GLU C 422 -25.70 27.63 54.02
C GLU C 422 -27.06 28.31 54.00
N LYS C 423 -27.05 29.63 53.78
CA LYS C 423 -28.29 30.39 53.67
C LYS C 423 -28.97 30.12 52.33
N VAL C 424 -28.18 30.07 51.27
CA VAL C 424 -28.68 29.79 49.93
C VAL C 424 -29.27 28.38 49.85
N VAL C 425 -28.57 27.41 50.43
CA VAL C 425 -29.02 26.04 50.45
C VAL C 425 -30.37 25.88 51.14
N GLN C 426 -30.52 26.56 52.28
CA GLN C 426 -31.76 26.50 53.05
C GLN C 426 -32.93 27.11 52.30
N THR C 427 -32.71 28.29 51.72
CA THR C 427 -33.77 28.98 50.99
C THR C 427 -34.17 28.23 49.72
N SER C 428 -33.18 27.70 49.01
CA SER C 428 -33.44 26.96 47.78
C SER C 428 -34.21 25.67 48.06
N GLN C 429 -33.88 25.02 49.17
CA GLN C 429 -34.54 23.78 49.56
C GLN C 429 -36.00 24.02 49.92
N GLU C 430 -36.27 25.15 50.57
CA GLU C 430 -37.64 25.49 50.97
C GLU C 430 -38.48 25.93 49.78
N ASN C 431 -37.82 26.55 48.80
CA ASN C 431 -38.52 27.01 47.60
C ASN C 431 -38.87 25.84 46.68
N ALA C 432 -37.94 24.93 46.51
CA ALA C 432 -38.14 23.77 45.63
C ALA C 432 -39.17 22.81 46.22
N LYS C 433 -39.08 22.59 47.53
CA LYS C 433 -40.01 21.69 48.21
C LYS C 433 -41.43 22.24 48.18
N LYS C 434 -41.56 23.56 48.29
CA LYS C 434 -42.86 24.21 48.26
C LYS C 434 -43.45 24.18 46.84
N GLU C 435 -42.61 24.44 45.85
CA GLU C 435 -43.02 24.45 44.46
C GLU C 435 -43.48 23.06 44.02
N LEU C 436 -42.80 22.04 44.51
CA LEU C 436 -43.13 20.66 44.18
C LEU C 436 -44.39 20.20 44.90
N ASN C 437 -44.42 20.37 46.22
CA ASN C 437 -45.57 19.96 47.02
C ASN C 437 -46.84 20.72 46.66
N LYS C 438 -46.68 21.81 45.92
CA LYS C 438 -47.82 22.57 45.41
C LYS C 438 -48.62 21.71 44.44
N TYR C 439 -47.96 20.76 43.79
CA TYR C 439 -48.61 19.89 42.82
C TYR C 439 -48.71 18.45 43.30
N LEU C 440 -47.67 17.97 43.97
CA LEU C 440 -47.62 16.57 44.40
C LEU C 440 -48.41 16.31 45.68
N VAL C 441 -48.47 17.30 46.56
CA VAL C 441 -49.12 17.13 47.85
C VAL C 441 -50.42 17.93 47.95
N GLU C 442 -50.51 19.01 47.20
CA GLU C 442 -51.68 19.89 47.24
C GLU C 442 -52.70 19.54 46.17
N LYS C 443 -52.22 19.26 44.96
CA LYS C 443 -53.11 18.91 43.85
C LYS C 443 -53.43 17.41 43.86
N GLY C 444 -52.70 16.65 44.67
CA GLY C 444 -52.94 15.23 44.80
C GLY C 444 -52.28 14.41 43.71
N LEU C 445 -51.48 15.06 42.89
CA LEU C 445 -50.77 14.38 41.80
C LEU C 445 -49.74 13.40 42.35
N ASP C 446 -49.72 12.20 41.79
CA ASP C 446 -48.78 11.17 42.24
C ASP C 446 -47.37 11.44 41.73
N ALA C 447 -47.27 11.93 40.50
CA ALA C 447 -45.95 12.19 39.90
C ALA C 447 -46.03 13.23 38.78
N LEU C 448 -44.86 13.81 38.46
CA LEU C 448 -44.75 14.78 37.38
C LEU C 448 -43.83 14.24 36.29
N VAL C 449 -44.26 14.33 35.04
CA VAL C 449 -43.47 13.81 33.93
C VAL C 449 -42.90 14.94 33.06
N MSE C 450 -41.65 14.82 32.67
CA MSE C 450 -40.98 15.83 31.87
C MSE C 450 -40.33 15.23 30.62
O MSE C 450 -40.21 14.01 30.50
CB MSE C 450 -39.92 16.55 32.69
CG MSE C 450 -38.56 15.88 32.66
SE MSE C 450 -37.24 16.67 33.86
CE MSE C 450 -37.98 16.02 35.54
N ILE C 451 -39.93 16.09 29.69
CA ILE C 451 -39.16 15.67 28.53
C ILE C 451 -37.68 15.94 28.76
N ASN C 452 -36.87 14.89 28.70
CA ASN C 452 -35.43 14.98 28.94
C ASN C 452 -35.11 15.59 30.30
N ASN C 453 -34.25 16.60 30.32
CA ASN C 453 -33.81 17.21 31.57
C ASN C 453 -34.17 18.69 31.69
N GLU C 454 -35.40 19.02 31.31
CA GLU C 454 -35.83 20.42 31.29
C GLU C 454 -36.19 20.95 32.68
N GLU C 455 -36.63 20.06 33.56
CA GLU C 455 -37.03 20.48 34.90
C GLU C 455 -36.45 19.57 35.99
N VAL C 456 -35.12 19.59 36.12
CA VAL C 456 -34.44 18.74 37.09
C VAL C 456 -33.92 19.56 38.28
N LEU C 457 -33.80 20.87 38.08
CA LEU C 457 -33.27 21.76 39.10
C LEU C 457 -34.02 21.69 40.43
N LEU C 458 -35.34 21.68 40.36
CA LEU C 458 -36.17 21.71 41.56
C LEU C 458 -36.14 20.38 42.32
N SER C 459 -36.29 19.27 41.59
CA SER C 459 -36.36 17.96 42.22
C SER C 459 -35.03 17.53 42.84
N ALA C 460 -33.93 17.97 42.24
CA ALA C 460 -32.61 17.63 42.73
C ALA C 460 -32.30 18.35 44.04
N VAL C 461 -32.70 19.62 44.12
CA VAL C 461 -32.47 20.43 45.31
C VAL C 461 -33.40 20.00 46.44
N ALA C 462 -34.67 19.79 46.11
CA ALA C 462 -35.67 19.42 47.09
C ALA C 462 -35.43 18.00 47.62
N GLY C 463 -34.80 17.17 46.80
CA GLY C 463 -34.46 15.81 47.20
C GLY C 463 -35.49 14.79 46.77
N TYR C 464 -36.37 15.18 45.85
CA TYR C 464 -37.40 14.28 45.35
C TYR C 464 -36.84 13.37 44.26
N PRO C 465 -37.25 12.10 44.28
CA PRO C 465 -36.74 11.09 43.34
C PRO C 465 -37.14 11.35 41.89
N GLU C 466 -36.29 10.93 40.96
CA GLU C 466 -36.54 11.12 39.54
C GLU C 466 -36.36 9.80 38.79
N LEU C 467 -37.28 9.48 37.90
CA LEU C 467 -37.20 8.25 37.12
C LEU C 467 -37.31 8.51 35.62
N ALA C 468 -36.25 8.22 34.90
CA ALA C 468 -36.22 8.41 33.45
C ALA C 468 -36.63 7.14 32.71
N VAL C 469 -37.60 7.26 31.81
CA VAL C 469 -38.06 6.14 31.02
C VAL C 469 -38.05 6.51 29.53
N PRO C 470 -37.46 5.64 28.69
CA PRO C 470 -37.39 5.85 27.24
C PRO C 470 -38.73 6.22 26.62
N ALA C 471 -38.78 7.39 25.99
CA ALA C 471 -40.02 7.91 25.43
C ALA C 471 -40.02 7.88 23.90
N GLY C 472 -39.02 7.22 23.33
CA GLY C 472 -38.96 7.09 21.88
C GLY C 472 -37.86 7.89 21.23
N TYR C 473 -38.04 8.21 19.95
CA TYR C 473 -37.03 8.91 19.16
C TYR C 473 -37.70 9.93 18.24
N ASP C 474 -37.03 11.07 18.02
CA ASP C 474 -37.59 12.12 17.18
C ASP C 474 -37.45 11.79 15.70
N ASN C 475 -37.64 12.78 14.85
CA ASN C 475 -37.60 12.60 13.40
C ASN C 475 -36.19 12.24 12.91
N ASN C 476 -35.18 12.75 13.60
CA ASN C 476 -33.79 12.49 13.21
C ASN C 476 -33.24 11.24 13.88
N GLY C 477 -34.05 10.62 14.73
CA GLY C 477 -33.66 9.39 15.39
C GLY C 477 -33.00 9.62 16.74
N GLU C 478 -32.85 10.89 17.12
CA GLU C 478 -32.24 11.23 18.40
C GLU C 478 -33.15 10.83 19.55
N PRO C 479 -32.61 10.06 20.51
CA PRO C 479 -33.36 9.54 21.66
C PRO C 479 -33.98 10.63 22.53
N VAL C 480 -35.24 10.45 22.89
CA VAL C 480 -35.93 11.35 23.79
C VAL C 480 -36.54 10.55 24.93
N GLY C 481 -36.23 10.93 26.17
CA GLY C 481 -36.71 10.20 27.33
C GLY C 481 -37.76 10.96 28.12
N ALA C 482 -38.56 10.21 28.87
CA ALA C 482 -39.55 10.81 29.76
C ALA C 482 -39.12 10.61 31.21
N VAL C 483 -38.86 11.71 31.91
CA VAL C 483 -38.40 11.64 33.29
C VAL C 483 -39.52 11.98 34.26
N PHE C 484 -39.78 11.05 35.18
CA PHE C 484 -40.86 11.22 36.14
C PHE C 484 -40.35 11.73 37.48
N VAL C 485 -41.12 12.64 38.10
CA VAL C 485 -40.78 13.15 39.41
C VAL C 485 -41.71 12.59 40.48
N GLY C 486 -41.18 11.70 41.31
CA GLY C 486 -41.96 11.09 42.36
C GLY C 486 -41.97 11.94 43.63
N LYS C 487 -42.74 11.50 44.61
CA LYS C 487 -42.81 12.20 45.89
C LYS C 487 -41.70 11.71 46.82
N GLN C 488 -41.46 12.48 47.88
CA GLN C 488 -40.36 12.20 48.81
C GLN C 488 -40.42 10.78 49.38
N PHE C 489 -39.30 10.07 49.27
CA PHE C 489 -39.17 8.69 49.74
C PHE C 489 -40.20 7.77 49.11
N GLY C 490 -40.62 8.10 47.89
CA GLY C 490 -41.62 7.33 47.19
C GLY C 490 -41.10 6.62 45.97
N GLU C 491 -39.96 5.94 46.12
CA GLU C 491 -39.36 5.19 45.02
C GLU C 491 -40.24 4.01 44.64
N LYS C 492 -40.94 3.45 45.63
CA LYS C 492 -41.85 2.34 45.39
C LYS C 492 -43.01 2.78 44.50
N GLU C 493 -43.55 3.96 44.79
CA GLU C 493 -44.66 4.51 44.01
C GLU C 493 -44.18 5.04 42.67
N LEU C 494 -42.89 5.36 42.60
CA LEU C 494 -42.31 5.90 41.36
C LEU C 494 -41.94 4.79 40.38
N PHE C 495 -41.40 3.69 40.91
CA PHE C 495 -41.06 2.54 40.08
C PHE C 495 -42.32 1.92 39.48
N ASN C 496 -43.39 1.87 40.26
CA ASN C 496 -44.66 1.33 39.81
C ASN C 496 -45.24 2.13 38.65
N ILE C 497 -45.13 3.45 38.76
CA ILE C 497 -45.57 4.35 37.69
C ILE C 497 -44.69 4.18 36.45
N GLY C 498 -43.38 4.14 36.66
CA GLY C 498 -42.42 4.00 35.59
C GLY C 498 -42.54 2.67 34.87
N TYR C 499 -42.79 1.60 35.62
CA TYR C 499 -42.91 0.26 35.05
C TYR C 499 -44.19 0.15 34.22
N ALA C 500 -45.26 0.77 34.71
CA ALA C 500 -46.54 0.72 34.01
C ALA C 500 -46.48 1.51 32.71
N TYR C 501 -45.78 2.64 32.72
CA TYR C 501 -45.61 3.43 31.52
C TYR C 501 -44.67 2.74 30.53
N GLU C 502 -43.67 2.07 31.05
CA GLU C 502 -42.69 1.37 30.22
C GLU C 502 -43.31 0.25 29.41
N GLN C 503 -44.08 -0.62 30.09
CA GLN C 503 -44.70 -1.76 29.45
C GLN C 503 -45.83 -1.35 28.52
N GLN C 504 -46.39 -0.17 28.75
CA GLN C 504 -47.45 0.36 27.91
C GLN C 504 -46.88 1.04 26.67
N SER C 505 -45.73 1.68 26.84
CA SER C 505 -45.08 2.40 25.75
C SER C 505 -44.19 1.49 24.92
N LYS C 506 -43.24 0.82 25.59
CA LYS C 506 -42.27 -0.05 24.94
C LYS C 506 -41.55 0.66 23.81
N ASN C 507 -41.10 1.88 24.08
CA ASN C 507 -40.49 2.72 23.05
C ASN C 507 -39.02 2.38 22.79
N ARG C 508 -38.38 1.74 23.75
CA ARG C 508 -36.96 1.47 23.66
C ARG C 508 -36.63 0.39 22.62
N LYS C 509 -35.80 0.76 21.65
CA LYS C 509 -35.29 -0.19 20.66
C LYS C 509 -33.77 -0.22 20.72
N PRO C 510 -33.20 -1.44 20.74
CA PRO C 510 -31.74 -1.62 20.80
C PRO C 510 -31.01 -0.90 19.66
N PRO C 511 -29.90 -0.21 19.98
CA PRO C 511 -29.14 0.56 18.99
C PRO C 511 -28.34 -0.32 18.04
N LYS C 512 -28.28 0.08 16.77
CA LYS C 512 -27.47 -0.63 15.78
C LYS C 512 -26.00 -0.31 15.96
N LEU C 513 -25.23 -1.31 16.38
CA LEU C 513 -23.80 -1.14 16.59
C LEU C 513 -23.00 -1.64 15.39
C ACT D . 7.27 -24.05 -12.44
O ACT D . 6.60 -24.69 -13.28
OXT ACT D . 8.48 -23.92 -12.68
CH3 ACT D . 6.64 -23.46 -11.21
C ACT E . 11.21 34.60 -6.69
O ACT E . 10.77 33.46 -6.92
OXT ACT E . 10.45 35.36 -6.04
CH3 ACT E . 12.57 35.04 -7.14
C ACT F . -19.72 -9.43 17.76
O ACT F . -20.13 -8.93 18.83
OXT ACT F . -19.02 -8.68 17.03
CH3 ACT F . -20.04 -10.84 17.36
#